data_2CUP
#
_entry.id   2CUP
#
loop_
_entity.id
_entity.type
_entity.pdbx_description
1 polymer 'Skeletal muscle LIM-protein 1'
2 non-polymer 'ZINC ION'
#
_entity_poly.entity_id   1
_entity_poly.type   'polypeptide(L)'
_entity_poly.pdbx_seq_one_letter_code
;GSSGSSGCVECRKPIGADSKEVHYKNRFWHDTCFRCAKCLHPLANETFVAKDNKILCNKCTTREDSPKCKGCFKAIVAGD
QNVEYKGTVWHKDCFSGPSSG
;
_entity_poly.pdbx_strand_id   A
#
loop_
_chem_comp.id
_chem_comp.type
_chem_comp.name
_chem_comp.formula
ZN non-polymer 'ZINC ION' 'Zn 2'
#
# COMPACT_ATOMS: atom_id res chain seq x y z
N GLY A 1 -29.91 8.46 -1.93
CA GLY A 1 -29.47 9.81 -1.67
C GLY A 1 -30.44 10.59 -0.82
N SER A 2 -30.68 10.11 0.40
CA SER A 2 -31.59 10.76 1.32
C SER A 2 -30.87 11.83 2.15
N SER A 3 -29.55 11.69 2.25
CA SER A 3 -28.75 12.64 3.00
C SER A 3 -27.52 13.06 2.21
N GLY A 4 -26.82 12.08 1.64
CA GLY A 4 -25.64 12.38 0.86
C GLY A 4 -24.60 13.17 1.65
N SER A 5 -23.74 12.44 2.38
CA SER A 5 -22.71 13.07 3.19
C SER A 5 -21.40 12.30 3.08
N SER A 6 -20.41 12.92 2.44
CA SER A 6 -19.11 12.29 2.27
C SER A 6 -18.60 11.72 3.59
N GLY A 7 -18.26 10.43 3.58
CA GLY A 7 -17.78 9.78 4.78
C GLY A 7 -16.41 9.16 4.58
N CYS A 8 -15.83 8.64 5.67
CA CYS A 8 -14.51 8.02 5.61
C CYS A 8 -14.64 6.51 5.40
N VAL A 9 -13.70 5.93 4.67
CA VAL A 9 -13.70 4.49 4.40
C VAL A 9 -12.80 3.75 5.38
N GLU A 10 -11.96 4.50 6.08
CA GLU A 10 -11.04 3.91 7.05
C GLU A 10 -11.72 3.74 8.41
N CYS A 11 -12.22 4.85 8.95
CA CYS A 11 -12.89 4.83 10.25
C CYS A 11 -14.40 4.68 10.07
N ARG A 12 -14.85 4.62 8.83
CA ARG A 12 -16.27 4.47 8.53
C ARG A 12 -17.09 5.53 9.26
N LYS A 13 -16.48 6.69 9.49
CA LYS A 13 -17.16 7.79 10.18
C LYS A 13 -17.43 8.94 9.23
N PRO A 14 -18.43 9.77 9.56
CA PRO A 14 -18.81 10.93 8.75
C PRO A 14 -17.76 12.03 8.79
N ILE A 15 -17.53 12.67 7.65
CA ILE A 15 -16.55 13.76 7.55
C ILE A 15 -17.24 15.12 7.49
N GLY A 16 -16.67 16.09 8.21
CA GLY A 16 -17.24 17.42 8.22
C GLY A 16 -16.80 18.24 7.02
N ALA A 17 -17.39 19.43 6.88
CA ALA A 17 -17.06 20.31 5.77
C ALA A 17 -15.76 21.07 6.04
N ASP A 18 -15.61 21.57 7.26
CA ASP A 18 -14.40 22.31 7.63
C ASP A 18 -13.21 21.37 7.72
N SER A 19 -13.43 20.15 8.20
CA SER A 19 -12.37 19.17 8.33
C SER A 19 -11.72 18.88 6.98
N LYS A 20 -10.41 19.14 6.89
CA LYS A 20 -9.67 18.91 5.66
C LYS A 20 -9.55 17.42 5.37
N GLU A 21 -10.33 16.95 4.39
CA GLU A 21 -10.31 15.54 4.01
C GLU A 21 -9.58 15.35 2.69
N VAL A 22 -9.41 14.09 2.30
CA VAL A 22 -8.73 13.76 1.04
C VAL A 22 -9.62 12.90 0.15
N HIS A 23 -10.15 13.50 -0.91
CA HIS A 23 -11.01 12.79 -1.83
C HIS A 23 -10.19 12.18 -2.97
N TYR A 24 -10.23 10.86 -3.07
CA TYR A 24 -9.49 10.15 -4.11
C TYR A 24 -10.17 8.82 -4.45
N LYS A 25 -10.25 8.52 -5.74
CA LYS A 25 -10.86 7.29 -6.21
C LYS A 25 -12.26 7.11 -5.60
N ASN A 26 -13.05 8.17 -5.64
CA ASN A 26 -14.40 8.14 -5.09
C ASN A 26 -14.38 7.75 -3.60
N ARG A 27 -13.33 8.18 -2.91
CA ARG A 27 -13.18 7.88 -1.49
C ARG A 27 -12.87 9.14 -0.70
N PHE A 28 -12.69 8.99 0.61
CA PHE A 28 -12.38 10.12 1.48
C PHE A 28 -11.73 9.66 2.77
N TRP A 29 -10.58 10.24 3.09
CA TRP A 29 -9.85 9.88 4.31
C TRP A 29 -9.58 11.12 5.16
N HIS A 30 -9.72 10.96 6.47
CA HIS A 30 -9.49 12.06 7.40
C HIS A 30 -8.02 12.49 7.38
N ASP A 31 -7.79 13.77 7.68
CA ASP A 31 -6.43 14.30 7.69
C ASP A 31 -5.51 13.43 8.54
N THR A 32 -6.11 12.60 9.39
CA THR A 32 -5.35 11.71 10.26
C THR A 32 -5.41 10.28 9.77
N CYS A 33 -6.37 10.00 8.89
CA CYS A 33 -6.53 8.65 8.36
C CYS A 33 -5.69 8.47 7.10
N PHE A 34 -5.76 9.45 6.19
CA PHE A 34 -5.00 9.40 4.95
C PHE A 34 -3.51 9.31 5.22
N ARG A 35 -2.95 8.11 5.02
CA ARG A 35 -1.53 7.89 5.26
C ARG A 35 -1.06 6.60 4.59
N CYS A 36 0.25 6.41 4.54
CA CYS A 36 0.83 5.21 3.93
C CYS A 36 0.41 3.96 4.70
N ALA A 37 0.65 2.80 4.11
CA ALA A 37 0.31 1.53 4.74
C ALA A 37 1.56 0.79 5.21
N LYS A 38 2.72 1.29 4.80
CA LYS A 38 3.99 0.69 5.17
C LYS A 38 4.69 1.51 6.25
N CYS A 39 4.77 2.82 6.03
CA CYS A 39 5.42 3.72 6.97
C CYS A 39 4.38 4.51 7.76
N LEU A 40 3.12 4.41 7.34
CA LEU A 40 2.03 5.11 8.01
C LEU A 40 2.29 6.62 8.04
N HIS A 41 2.63 7.16 6.87
CA HIS A 41 2.91 8.59 6.75
C HIS A 41 1.78 9.30 6.01
N PRO A 42 1.31 10.42 6.58
CA PRO A 42 0.22 11.22 5.99
C PRO A 42 0.65 11.92 4.71
N LEU A 43 0.04 11.56 3.59
CA LEU A 43 0.36 12.16 2.30
C LEU A 43 -0.45 13.43 2.08
N ALA A 44 -0.88 14.06 3.17
CA ALA A 44 -1.66 15.28 3.09
C ALA A 44 -0.84 16.42 2.48
N ASN A 45 0.45 16.43 2.79
CA ASN A 45 1.33 17.47 2.26
C ASN A 45 2.38 16.87 1.33
N GLU A 46 2.42 15.54 1.27
CA GLU A 46 3.38 14.85 0.42
C GLU A 46 2.66 13.99 -0.62
N THR A 47 3.28 13.84 -1.79
CA THR A 47 2.70 13.05 -2.86
C THR A 47 2.31 11.66 -2.38
N PHE A 48 1.52 10.96 -3.18
CA PHE A 48 1.06 9.61 -2.82
C PHE A 48 0.95 8.73 -4.06
N VAL A 49 0.88 7.42 -3.84
CA VAL A 49 0.76 6.47 -4.94
C VAL A 49 -0.19 5.33 -4.58
N ALA A 50 -1.11 5.03 -5.50
CA ALA A 50 -2.08 3.97 -5.28
C ALA A 50 -1.87 2.83 -6.27
N LYS A 51 -1.46 1.67 -5.76
CA LYS A 51 -1.23 0.51 -6.60
C LYS A 51 -1.81 -0.75 -5.97
N ASP A 52 -2.45 -1.58 -6.79
CA ASP A 52 -3.07 -2.81 -6.31
C ASP A 52 -4.05 -2.53 -5.17
N ASN A 53 -4.85 -1.48 -5.35
CA ASN A 53 -5.85 -1.11 -4.35
C ASN A 53 -5.18 -0.89 -2.99
N LYS A 54 -4.01 -0.28 -3.01
CA LYS A 54 -3.27 -0.01 -1.78
C LYS A 54 -2.58 1.35 -1.85
N ILE A 55 -2.70 2.12 -0.76
CA ILE A 55 -2.09 3.44 -0.70
C ILE A 55 -0.65 3.35 -0.21
N LEU A 56 0.26 4.01 -0.91
CA LEU A 56 1.68 4.02 -0.54
C LEU A 56 2.33 5.34 -0.91
N CYS A 57 3.46 5.63 -0.28
CA CYS A 57 4.20 6.86 -0.55
C CYS A 57 5.35 6.61 -1.50
N ASN A 58 5.90 7.68 -2.07
CA ASN A 58 7.02 7.58 -3.00
C ASN A 58 8.24 6.96 -2.31
N LYS A 59 8.40 7.26 -1.04
CA LYS A 59 9.53 6.73 -0.26
C LYS A 59 9.48 5.21 -0.21
N CYS A 60 8.27 4.66 -0.22
CA CYS A 60 8.09 3.22 -0.17
C CYS A 60 8.03 2.62 -1.58
N THR A 61 7.27 3.26 -2.46
CA THR A 61 7.13 2.80 -3.83
C THR A 61 8.46 2.27 -4.37
N THR A 62 9.53 3.02 -4.12
CA THR A 62 10.86 2.62 -4.58
C THR A 62 11.15 1.16 -4.25
N ARG A 63 12.29 0.68 -4.70
CA ARG A 63 12.68 -0.71 -4.46
C ARG A 63 13.26 -0.86 -3.06
N GLU A 64 12.48 -0.48 -2.05
CA GLU A 64 12.91 -0.57 -0.66
C GLU A 64 11.97 -1.47 0.14
N ASP A 65 11.46 -2.51 -0.51
CA ASP A 65 10.55 -3.44 0.14
C ASP A 65 11.14 -4.85 0.17
N SER A 66 12.03 -5.11 1.12
CA SER A 66 12.67 -6.41 1.25
C SER A 66 11.65 -7.53 1.09
N PRO A 67 12.14 -8.75 0.81
CA PRO A 67 11.29 -9.93 0.63
C PRO A 67 10.65 -10.39 1.93
N LYS A 68 9.44 -10.93 1.82
CA LYS A 68 8.71 -11.41 2.99
C LYS A 68 8.22 -12.83 2.77
N CYS A 69 8.23 -13.63 3.84
CA CYS A 69 7.77 -15.01 3.76
C CYS A 69 6.24 -15.08 3.78
N LYS A 70 5.71 -16.25 3.45
CA LYS A 70 4.27 -16.46 3.43
C LYS A 70 3.84 -17.46 4.49
N GLY A 71 4.78 -18.31 4.90
CA GLY A 71 4.48 -19.31 5.91
C GLY A 71 4.53 -18.74 7.32
N CYS A 72 5.42 -17.79 7.53
CA CYS A 72 5.57 -17.16 8.84
C CYS A 72 5.40 -15.65 8.75
N PHE A 73 5.51 -15.12 7.54
CA PHE A 73 5.37 -13.69 7.30
C PHE A 73 6.45 -12.90 8.05
N LYS A 74 7.70 -13.34 7.89
CA LYS A 74 8.82 -12.70 8.55
C LYS A 74 9.81 -12.16 7.52
N ALA A 75 10.46 -11.04 7.85
CA ALA A 75 11.44 -10.43 6.96
C ALA A 75 12.50 -11.43 6.52
N ILE A 76 12.49 -11.76 5.23
CA ILE A 76 13.46 -12.71 4.69
C ILE A 76 14.79 -12.04 4.40
N VAL A 77 15.86 -12.82 4.44
CA VAL A 77 17.20 -12.30 4.18
C VAL A 77 17.88 -13.06 3.04
N ALA A 78 18.67 -12.35 2.25
CA ALA A 78 19.37 -12.96 1.13
C ALA A 78 20.18 -14.16 1.57
N GLY A 79 21.11 -13.93 2.50
CA GLY A 79 21.95 -15.01 3.00
C GLY A 79 21.14 -16.15 3.58
N ASP A 80 20.08 -15.81 4.31
CA ASP A 80 19.22 -16.82 4.93
C ASP A 80 18.68 -17.78 3.88
N GLN A 81 18.36 -19.00 4.31
CA GLN A 81 17.84 -20.02 3.42
C GLN A 81 16.35 -19.82 3.15
N ASN A 82 15.98 -19.70 1.89
CA ASN A 82 14.59 -19.50 1.51
C ASN A 82 14.24 -20.33 0.27
N VAL A 83 12.94 -20.57 0.07
CA VAL A 83 12.48 -21.34 -1.07
C VAL A 83 11.50 -20.54 -1.92
N GLU A 84 11.95 -20.12 -3.10
CA GLU A 84 11.12 -19.35 -4.01
C GLU A 84 10.38 -20.27 -4.98
N TYR A 85 9.08 -20.01 -5.14
CA TYR A 85 8.25 -20.81 -6.04
C TYR A 85 7.51 -19.92 -7.04
N LYS A 86 6.46 -19.26 -6.58
CA LYS A 86 5.67 -18.38 -7.43
C LYS A 86 5.60 -16.98 -6.82
N GLY A 87 6.57 -16.15 -7.16
CA GLY A 87 6.60 -14.78 -6.65
C GLY A 87 7.01 -14.72 -5.18
N THR A 88 6.43 -15.58 -4.37
CA THR A 88 6.74 -15.62 -2.95
C THR A 88 7.70 -16.76 -2.63
N VAL A 89 8.54 -16.55 -1.60
CA VAL A 89 9.50 -17.56 -1.19
C VAL A 89 9.31 -17.95 0.27
N TRP A 90 9.20 -19.25 0.51
CA TRP A 90 9.01 -19.75 1.87
C TRP A 90 10.32 -20.26 2.46
N HIS A 91 10.59 -19.91 3.71
CA HIS A 91 11.81 -20.34 4.37
C HIS A 91 12.05 -21.83 4.17
N LYS A 92 13.32 -22.21 4.06
CA LYS A 92 13.69 -23.61 3.85
C LYS A 92 12.79 -24.53 4.67
N ASP A 93 12.44 -24.08 5.87
CA ASP A 93 11.58 -24.87 6.76
C ASP A 93 10.12 -24.75 6.34
N CYS A 94 9.63 -23.51 6.29
CA CYS A 94 8.24 -23.25 5.92
C CYS A 94 7.87 -24.01 4.64
N PHE A 95 8.84 -24.16 3.75
CA PHE A 95 8.61 -24.87 2.49
C PHE A 95 8.75 -26.38 2.70
N SER A 96 7.69 -27.12 2.38
CA SER A 96 7.69 -28.57 2.53
C SER A 96 7.73 -29.25 1.17
N GLY A 97 8.91 -29.31 0.57
CA GLY A 97 9.07 -29.93 -0.73
C GLY A 97 8.86 -31.43 -0.68
N PRO A 98 8.39 -32.01 -1.78
CA PRO A 98 8.14 -33.45 -1.89
C PRO A 98 9.43 -34.26 -1.90
N SER A 99 10.56 -33.58 -1.77
CA SER A 99 11.86 -34.23 -1.76
C SER A 99 11.85 -35.44 -0.84
N SER A 100 10.96 -35.43 0.14
CA SER A 100 10.84 -36.53 1.10
C SER A 100 9.54 -36.44 1.88
N GLY A 101 9.17 -37.54 2.52
CA GLY A 101 7.94 -37.56 3.31
C GLY A 101 8.21 -37.65 4.79
ZN ZN B . -11.23 8.59 8.91
ZN ZN C . 5.43 4.75 2.89
ZN ZN D . 8.86 -18.51 6.76
N GLY A 1 -29.50 18.02 7.77
CA GLY A 1 -28.05 17.92 7.86
C GLY A 1 -27.46 17.12 6.72
N SER A 2 -26.22 16.67 6.90
CA SER A 2 -25.53 15.90 5.88
C SER A 2 -25.37 16.71 4.59
N SER A 3 -24.98 17.97 4.75
CA SER A 3 -24.80 18.86 3.61
C SER A 3 -23.75 18.30 2.65
N GLY A 4 -22.65 17.81 3.22
CA GLY A 4 -21.58 17.25 2.41
C GLY A 4 -21.96 15.93 1.78
N SER A 5 -22.73 15.13 2.51
CA SER A 5 -23.17 13.82 2.02
C SER A 5 -21.96 12.94 1.69
N SER A 6 -20.99 12.92 2.60
CA SER A 6 -19.79 12.12 2.41
C SER A 6 -19.39 11.42 3.72
N GLY A 7 -18.36 10.59 3.63
CA GLY A 7 -17.90 9.87 4.80
C GLY A 7 -16.54 9.22 4.60
N CYS A 8 -15.92 8.79 5.69
CA CYS A 8 -14.61 8.15 5.62
C CYS A 8 -14.75 6.65 5.42
N VAL A 9 -13.77 6.06 4.74
CA VAL A 9 -13.77 4.62 4.49
C VAL A 9 -12.94 3.87 5.52
N GLU A 10 -12.00 4.58 6.14
CA GLU A 10 -11.13 3.98 7.14
C GLU A 10 -11.84 3.88 8.49
N CYS A 11 -12.33 5.01 8.98
CA CYS A 11 -13.04 5.05 10.26
C CYS A 11 -14.55 4.95 10.04
N ARG A 12 -14.95 4.68 8.82
CA ARG A 12 -16.37 4.56 8.47
C ARG A 12 -17.19 5.60 9.24
N LYS A 13 -16.59 6.76 9.49
CA LYS A 13 -17.26 7.83 10.20
C LYS A 13 -17.54 9.01 9.28
N PRO A 14 -18.51 9.85 9.67
CA PRO A 14 -18.89 11.04 8.90
C PRO A 14 -17.81 12.11 8.92
N ILE A 15 -17.58 12.73 7.77
CA ILE A 15 -16.57 13.78 7.65
C ILE A 15 -17.22 15.16 7.60
N GLY A 16 -16.51 16.16 8.11
CA GLY A 16 -17.04 17.52 8.11
C GLY A 16 -16.31 18.42 7.14
N ALA A 17 -17.02 19.42 6.63
CA ALA A 17 -16.43 20.36 5.67
C ALA A 17 -15.24 21.10 6.29
N ASP A 18 -15.40 21.54 7.53
CA ASP A 18 -14.34 22.26 8.23
C ASP A 18 -13.06 21.42 8.29
N SER A 19 -13.24 20.11 8.40
CA SER A 19 -12.10 19.19 8.46
C SER A 19 -11.55 18.90 7.07
N LYS A 20 -10.28 19.22 6.87
CA LYS A 20 -9.63 18.98 5.58
C LYS A 20 -9.57 17.49 5.25
N GLU A 21 -10.44 17.07 4.35
CA GLU A 21 -10.49 15.66 3.94
C GLU A 21 -9.74 15.44 2.63
N VAL A 22 -9.62 14.18 2.23
CA VAL A 22 -8.92 13.83 1.01
C VAL A 22 -9.76 12.90 0.14
N HIS A 23 -10.30 13.44 -0.94
CA HIS A 23 -11.13 12.64 -1.86
C HIS A 23 -10.28 12.09 -3.01
N TYR A 24 -10.28 10.77 -3.14
CA TYR A 24 -9.52 10.12 -4.21
C TYR A 24 -10.15 8.78 -4.59
N LYS A 25 -10.27 8.54 -5.89
CA LYS A 25 -10.86 7.31 -6.39
C LYS A 25 -12.22 7.04 -5.74
N ASN A 26 -13.05 8.08 -5.69
CA ASN A 26 -14.38 7.96 -5.10
C ASN A 26 -14.29 7.56 -3.63
N ARG A 27 -13.29 8.10 -2.94
CA ARG A 27 -13.08 7.79 -1.52
C ARG A 27 -12.89 9.06 -0.71
N PHE A 28 -12.67 8.90 0.59
CA PHE A 28 -12.47 10.04 1.47
C PHE A 28 -11.79 9.61 2.77
N TRP A 29 -10.64 10.23 3.06
CA TRP A 29 -9.89 9.90 4.27
C TRP A 29 -9.62 11.16 5.09
N HIS A 30 -9.74 11.03 6.40
CA HIS A 30 -9.51 12.17 7.30
C HIS A 30 -8.05 12.59 7.25
N ASP A 31 -7.79 13.83 7.67
CA ASP A 31 -6.44 14.37 7.68
C ASP A 31 -5.51 13.49 8.50
N THR A 32 -6.09 12.66 9.37
CA THR A 32 -5.32 11.78 10.23
C THR A 32 -5.42 10.34 9.75
N CYS A 33 -6.37 10.08 8.85
CA CYS A 33 -6.57 8.74 8.32
C CYS A 33 -5.74 8.53 7.05
N PHE A 34 -5.77 9.51 6.16
CA PHE A 34 -5.02 9.43 4.91
C PHE A 34 -3.51 9.34 5.19
N ARG A 35 -2.97 8.15 5.03
CA ARG A 35 -1.54 7.93 5.26
C ARG A 35 -1.07 6.65 4.55
N CYS A 36 0.24 6.43 4.56
CA CYS A 36 0.83 5.26 3.92
C CYS A 36 0.42 3.98 4.65
N ALA A 37 0.66 2.84 4.02
CA ALA A 37 0.33 1.55 4.61
C ALA A 37 1.58 0.80 5.04
N LYS A 38 2.72 1.20 4.49
CA LYS A 38 3.99 0.56 4.82
C LYS A 38 4.73 1.35 5.90
N CYS A 39 4.76 2.67 5.76
CA CYS A 39 5.43 3.52 6.72
C CYS A 39 4.43 4.22 7.64
N LEU A 40 3.18 4.29 7.18
CA LEU A 40 2.12 4.92 7.96
C LEU A 40 2.37 6.42 8.09
N HIS A 41 2.53 7.09 6.95
CA HIS A 41 2.76 8.53 6.95
C HIS A 41 1.64 9.27 6.21
N PRO A 42 1.21 10.40 6.77
CA PRO A 42 0.14 11.22 6.17
C PRO A 42 0.58 11.90 4.89
N LEU A 43 0.02 11.45 3.76
CA LEU A 43 0.36 12.02 2.46
C LEU A 43 -0.48 13.25 2.17
N ALA A 44 -0.92 13.92 3.24
CA ALA A 44 -1.74 15.13 3.10
C ALA A 44 -0.98 16.21 2.34
N ASN A 45 0.13 16.66 2.91
CA ASN A 45 0.94 17.70 2.28
C ASN A 45 1.87 17.11 1.22
N GLU A 46 2.11 15.80 1.32
CA GLU A 46 2.98 15.12 0.37
C GLU A 46 2.16 14.37 -0.67
N THR A 47 2.84 13.79 -1.66
CA THR A 47 2.17 13.04 -2.71
C THR A 47 1.98 11.58 -2.32
N PHE A 48 1.11 10.87 -3.04
CA PHE A 48 0.84 9.48 -2.76
C PHE A 48 0.78 8.67 -4.06
N VAL A 49 0.83 7.35 -3.92
CA VAL A 49 0.78 6.46 -5.07
C VAL A 49 -0.15 5.28 -4.82
N ALA A 50 -1.15 5.11 -5.68
CA ALA A 50 -2.10 4.02 -5.55
C ALA A 50 -1.72 2.85 -6.45
N LYS A 51 -1.30 1.74 -5.84
CA LYS A 51 -0.92 0.56 -6.59
C LYS A 51 -1.42 -0.71 -5.90
N ASP A 52 -1.85 -1.68 -6.70
CA ASP A 52 -2.35 -2.94 -6.17
C ASP A 52 -3.41 -2.70 -5.10
N ASN A 53 -4.27 -1.71 -5.34
CA ASN A 53 -5.33 -1.38 -4.41
C ASN A 53 -4.77 -1.12 -3.01
N LYS A 54 -3.65 -0.43 -2.95
CA LYS A 54 -3.00 -0.12 -1.67
C LYS A 54 -2.32 1.25 -1.73
N ILE A 55 -2.61 2.08 -0.72
CA ILE A 55 -2.01 3.41 -0.65
C ILE A 55 -0.58 3.35 -0.16
N LEU A 56 0.32 4.00 -0.90
CA LEU A 56 1.74 4.02 -0.54
C LEU A 56 2.38 5.34 -0.94
N CYS A 57 3.48 5.69 -0.28
CA CYS A 57 4.19 6.92 -0.57
C CYS A 57 5.39 6.66 -1.48
N ASN A 58 5.89 7.72 -2.11
CA ASN A 58 7.04 7.60 -3.00
C ASN A 58 8.18 6.87 -2.32
N LYS A 59 8.41 7.18 -1.05
CA LYS A 59 9.48 6.54 -0.28
C LYS A 59 9.36 5.02 -0.34
N CYS A 60 8.18 4.51 0.00
CA CYS A 60 7.94 3.08 -0.01
C CYS A 60 7.96 2.53 -1.44
N THR A 61 7.11 3.08 -2.29
CA THR A 61 7.04 2.66 -3.68
C THR A 61 8.44 2.40 -4.25
N THR A 62 9.33 3.36 -4.07
CA THR A 62 10.69 3.25 -4.56
C THR A 62 11.29 1.89 -4.20
N ARG A 63 11.49 1.04 -5.21
CA ARG A 63 12.06 -0.28 -4.99
C ARG A 63 13.10 -0.26 -3.89
N GLU A 64 12.96 -1.16 -2.92
CA GLU A 64 13.90 -1.24 -1.81
C GLU A 64 13.75 -2.57 -1.07
N ASP A 65 14.73 -2.88 -0.23
CA ASP A 65 14.72 -4.12 0.53
C ASP A 65 14.72 -5.33 -0.39
N SER A 66 15.50 -5.25 -1.46
CA SER A 66 15.59 -6.34 -2.43
C SER A 66 15.44 -7.69 -1.74
N PRO A 67 14.82 -8.64 -2.44
CA PRO A 67 14.60 -9.99 -1.91
C PRO A 67 15.89 -10.79 -1.80
N LYS A 68 15.78 -12.04 -1.35
CA LYS A 68 16.94 -12.90 -1.20
C LYS A 68 16.60 -14.34 -1.59
N CYS A 69 17.63 -15.11 -1.94
CA CYS A 69 17.45 -16.49 -2.34
C CYS A 69 17.68 -17.43 -1.16
N LYS A 70 17.20 -18.67 -1.29
CA LYS A 70 17.36 -19.67 -0.23
C LYS A 70 18.24 -20.81 -0.70
N GLY A 71 18.24 -21.07 -2.01
CA GLY A 71 19.03 -22.14 -2.55
C GLY A 71 20.52 -21.90 -2.40
N CYS A 72 20.93 -20.64 -2.53
CA CYS A 72 22.33 -20.27 -2.40
C CYS A 72 22.52 -19.19 -1.35
N PHE A 73 21.45 -18.46 -1.06
CA PHE A 73 21.50 -17.39 -0.07
C PHE A 73 22.25 -16.18 -0.60
N LYS A 74 21.85 -15.72 -1.79
CA LYS A 74 22.49 -14.57 -2.41
C LYS A 74 21.45 -13.49 -2.73
N ALA A 75 21.85 -12.24 -2.57
CA ALA A 75 20.97 -11.11 -2.84
C ALA A 75 20.35 -11.22 -4.22
N ILE A 76 19.02 -11.30 -4.27
CA ILE A 76 18.30 -11.41 -5.53
C ILE A 76 18.10 -10.04 -6.16
N VAL A 77 18.02 -10.02 -7.49
CA VAL A 77 17.83 -8.78 -8.23
C VAL A 77 16.40 -8.68 -8.77
N ALA A 78 15.84 -7.48 -8.73
CA ALA A 78 14.49 -7.24 -9.22
C ALA A 78 14.30 -7.87 -10.60
N GLY A 79 15.16 -7.49 -11.55
CA GLY A 79 15.06 -8.02 -12.89
C GLY A 79 15.20 -9.53 -12.94
N ASP A 80 16.05 -10.07 -12.08
CA ASP A 80 16.27 -11.51 -12.02
C ASP A 80 14.97 -12.25 -11.75
N GLN A 81 14.79 -13.38 -12.42
CA GLN A 81 13.58 -14.18 -12.26
C GLN A 81 13.64 -14.99 -10.97
N ASN A 82 12.75 -14.68 -10.03
CA ASN A 82 12.70 -15.37 -8.75
C ASN A 82 11.45 -16.23 -8.65
N VAL A 83 11.49 -17.25 -7.80
CA VAL A 83 10.36 -18.14 -7.60
C VAL A 83 9.90 -18.14 -6.16
N GLU A 84 8.71 -17.60 -5.91
CA GLU A 84 8.15 -17.54 -4.57
C GLU A 84 7.22 -18.72 -4.30
N TYR A 85 7.65 -19.63 -3.43
CA TYR A 85 6.86 -20.80 -3.10
C TYR A 85 6.09 -20.59 -1.79
N LYS A 86 6.80 -20.58 -0.68
CA LYS A 86 6.19 -20.39 0.63
C LYS A 86 6.88 -19.25 1.39
N GLY A 87 6.77 -18.04 0.84
CA GLY A 87 7.38 -16.89 1.49
C GLY A 87 8.84 -16.71 1.09
N THR A 88 9.52 -17.82 0.84
CA THR A 88 10.93 -17.79 0.46
C THR A 88 11.08 -17.86 -1.06
N VAL A 89 11.81 -16.90 -1.62
CA VAL A 89 12.04 -16.86 -3.05
C VAL A 89 13.33 -17.59 -3.43
N TRP A 90 13.28 -18.32 -4.55
CA TRP A 90 14.44 -19.05 -5.01
C TRP A 90 14.75 -18.73 -6.47
N HIS A 91 16.03 -18.58 -6.78
CA HIS A 91 16.46 -18.27 -8.14
C HIS A 91 15.88 -19.26 -9.14
N LYS A 92 15.23 -18.75 -10.16
CA LYS A 92 14.63 -19.59 -11.19
C LYS A 92 15.50 -20.81 -11.47
N ASP A 93 16.80 -20.66 -11.29
CA ASP A 93 17.73 -21.76 -11.52
C ASP A 93 17.78 -22.70 -10.31
N CYS A 94 18.03 -22.13 -9.13
CA CYS A 94 18.10 -22.91 -7.90
C CYS A 94 16.85 -23.76 -7.73
N PHE A 95 15.72 -23.24 -8.21
CA PHE A 95 14.44 -23.94 -8.10
C PHE A 95 14.12 -24.67 -9.40
N SER A 96 14.11 -26.00 -9.33
CA SER A 96 13.81 -26.82 -10.50
C SER A 96 12.64 -27.75 -10.24
N GLY A 97 12.79 -28.62 -9.24
CA GLY A 97 11.74 -29.55 -8.90
C GLY A 97 12.23 -30.99 -8.79
N PRO A 98 12.06 -31.76 -9.87
CA PRO A 98 12.49 -33.16 -9.91
C PRO A 98 14.00 -33.30 -9.94
N SER A 99 14.48 -34.54 -9.95
CA SER A 99 15.91 -34.81 -9.97
C SER A 99 16.32 -35.45 -11.31
N SER A 100 15.58 -36.47 -11.71
CA SER A 100 15.87 -37.17 -12.97
C SER A 100 16.37 -36.19 -14.02
N GLY A 101 17.29 -36.66 -14.87
CA GLY A 101 17.83 -35.82 -15.91
C GLY A 101 18.65 -36.61 -16.92
ZN ZN B . -11.27 8.76 8.89
ZN ZN C . 5.39 4.89 2.82
ZN ZN D . 19.95 -19.11 -5.54
N GLY A 1 -31.70 8.14 8.90
CA GLY A 1 -30.57 7.31 9.29
C GLY A 1 -29.24 7.93 8.91
N SER A 2 -29.13 8.35 7.65
CA SER A 2 -27.89 8.95 7.17
C SER A 2 -28.10 10.44 6.87
N SER A 3 -27.31 11.28 7.52
CA SER A 3 -27.40 12.72 7.34
C SER A 3 -26.24 13.24 6.47
N GLY A 4 -25.03 12.82 6.82
CA GLY A 4 -23.87 13.24 6.08
C GLY A 4 -23.43 12.23 5.04
N SER A 5 -23.54 12.59 3.77
CA SER A 5 -23.17 11.69 2.68
C SER A 5 -21.66 11.49 2.65
N SER A 6 -20.92 12.60 2.69
CA SER A 6 -19.46 12.54 2.65
C SER A 6 -18.90 11.99 3.96
N GLY A 7 -18.47 10.73 3.93
CA GLY A 7 -17.92 10.11 5.11
C GLY A 7 -16.51 9.60 4.90
N CYS A 8 -16.03 8.78 5.84
CA CYS A 8 -14.69 8.23 5.76
C CYS A 8 -14.73 6.72 5.54
N VAL A 9 -13.78 6.20 4.78
CA VAL A 9 -13.70 4.77 4.51
C VAL A 9 -12.77 4.07 5.47
N GLU A 10 -12.07 4.85 6.28
CA GLU A 10 -11.13 4.30 7.25
C GLU A 10 -11.83 3.98 8.57
N CYS A 11 -12.49 4.98 9.14
CA CYS A 11 -13.21 4.80 10.40
C CYS A 11 -14.71 4.73 10.16
N ARG A 12 -15.10 4.59 8.90
CA ARG A 12 -16.50 4.51 8.53
C ARG A 12 -17.32 5.59 9.23
N LYS A 13 -16.66 6.71 9.54
CA LYS A 13 -17.32 7.82 10.21
C LYS A 13 -17.50 9.01 9.26
N PRO A 14 -18.50 9.85 9.54
CA PRO A 14 -18.79 11.04 8.73
C PRO A 14 -17.72 12.11 8.86
N ILE A 15 -17.42 12.78 7.76
CA ILE A 15 -16.42 13.84 7.76
C ILE A 15 -17.07 15.21 7.68
N GLY A 16 -16.45 16.18 8.34
CA GLY A 16 -16.98 17.54 8.34
C GLY A 16 -16.36 18.40 7.27
N ALA A 17 -16.91 19.60 7.08
CA ALA A 17 -16.39 20.52 6.07
C ALA A 17 -15.09 21.17 6.53
N ASP A 18 -15.09 21.69 7.76
CA ASP A 18 -13.91 22.33 8.31
C ASP A 18 -12.71 21.39 8.30
N SER A 19 -12.98 20.10 8.49
CA SER A 19 -11.94 19.08 8.51
C SER A 19 -11.41 18.83 7.09
N LYS A 20 -10.11 19.02 6.91
CA LYS A 20 -9.49 18.81 5.61
C LYS A 20 -9.53 17.34 5.22
N GLU A 21 -10.41 16.98 4.29
CA GLU A 21 -10.55 15.60 3.85
C GLU A 21 -9.74 15.37 2.58
N VAL A 22 -9.60 14.10 2.20
CA VAL A 22 -8.85 13.74 1.00
C VAL A 22 -9.69 12.87 0.06
N HIS A 23 -10.17 13.49 -1.01
CA HIS A 23 -10.99 12.78 -1.99
C HIS A 23 -10.13 12.20 -3.11
N TYR A 24 -10.11 10.88 -3.21
CA TYR A 24 -9.31 10.21 -4.24
C TYR A 24 -9.92 8.85 -4.59
N LYS A 25 -10.13 8.64 -5.89
CA LYS A 25 -10.71 7.38 -6.36
C LYS A 25 -12.10 7.17 -5.78
N ASN A 26 -12.91 8.22 -5.79
CA ASN A 26 -14.27 8.15 -5.27
C ASN A 26 -14.26 7.75 -3.80
N ARG A 27 -13.25 8.19 -3.07
CA ARG A 27 -13.12 7.88 -1.66
C ARG A 27 -12.89 9.15 -0.84
N PHE A 28 -12.73 8.98 0.47
CA PHE A 28 -12.52 10.11 1.36
C PHE A 28 -11.91 9.66 2.69
N TRP A 29 -10.74 10.20 3.02
CA TRP A 29 -10.06 9.84 4.25
C TRP A 29 -9.84 11.07 5.12
N HIS A 30 -9.92 10.88 6.44
CA HIS A 30 -9.75 11.97 7.39
C HIS A 30 -8.32 12.51 7.31
N ASP A 31 -8.13 13.73 7.82
CA ASP A 31 -6.81 14.36 7.81
C ASP A 31 -5.82 13.56 8.64
N THR A 32 -6.33 12.55 9.34
CA THR A 32 -5.48 11.70 10.18
C THR A 32 -5.54 10.25 9.72
N CYS A 33 -6.54 9.92 8.91
CA CYS A 33 -6.69 8.57 8.40
C CYS A 33 -5.86 8.36 7.13
N PHE A 34 -5.82 9.39 6.29
CA PHE A 34 -5.06 9.32 5.05
C PHE A 34 -3.56 9.23 5.33
N ARG A 35 -3.00 8.03 5.14
CA ARG A 35 -1.58 7.80 5.37
C ARG A 35 -1.10 6.56 4.63
N CYS A 36 0.21 6.33 4.66
CA CYS A 36 0.80 5.17 4.00
C CYS A 36 0.37 3.88 4.67
N ALA A 37 0.67 2.76 4.04
CA ALA A 37 0.32 1.44 4.58
C ALA A 37 1.56 0.71 5.07
N LYS A 38 2.73 1.25 4.76
CA LYS A 38 4.00 0.65 5.17
C LYS A 38 4.67 1.47 6.26
N CYS A 39 4.78 2.76 6.02
CA CYS A 39 5.40 3.67 6.99
C CYS A 39 4.34 4.50 7.72
N LEU A 40 3.09 4.25 7.39
CA LEU A 40 1.97 4.97 8.02
C LEU A 40 2.25 6.47 8.04
N HIS A 41 2.70 7.00 6.91
CA HIS A 41 3.00 8.43 6.81
C HIS A 41 1.88 9.17 6.07
N PRO A 42 1.43 10.29 6.66
CA PRO A 42 0.36 11.10 6.08
C PRO A 42 0.80 11.82 4.80
N LEU A 43 0.10 11.56 3.71
CA LEU A 43 0.42 12.19 2.43
C LEU A 43 -0.55 13.32 2.12
N ALA A 44 -1.27 13.77 3.14
CA ALA A 44 -2.22 14.86 2.98
C ALA A 44 -1.69 15.92 2.03
N ASN A 45 -0.51 16.45 2.34
CA ASN A 45 0.10 17.48 1.50
C ASN A 45 1.30 16.91 0.74
N GLU A 46 1.59 15.63 0.96
CA GLU A 46 2.70 14.98 0.29
C GLU A 46 2.22 14.14 -0.89
N THR A 47 3.15 13.70 -1.72
CA THR A 47 2.82 12.90 -2.89
C THR A 47 2.59 11.44 -2.51
N PHE A 48 1.60 10.82 -3.15
CA PHE A 48 1.28 9.43 -2.87
C PHE A 48 1.13 8.64 -4.17
N VAL A 49 1.04 7.32 -4.05
CA VAL A 49 0.89 6.45 -5.21
C VAL A 49 -0.08 5.30 -4.92
N ALA A 50 -1.04 5.12 -5.81
CA ALA A 50 -2.03 4.06 -5.65
C ALA A 50 -1.66 2.84 -6.49
N LYS A 51 -1.25 1.76 -5.83
CA LYS A 51 -0.87 0.53 -6.51
C LYS A 51 -1.40 -0.69 -5.77
N ASP A 52 -1.60 -1.78 -6.50
CA ASP A 52 -2.09 -3.02 -5.91
C ASP A 52 -3.25 -2.74 -4.96
N ASN A 53 -4.13 -1.81 -5.36
CA ASN A 53 -5.29 -1.45 -4.55
C ASN A 53 -4.85 -1.10 -3.12
N LYS A 54 -3.78 -0.34 -3.01
CA LYS A 54 -3.27 0.07 -1.70
C LYS A 54 -2.63 1.45 -1.78
N ILE A 55 -2.67 2.18 -0.67
CA ILE A 55 -2.09 3.52 -0.60
C ILE A 55 -0.66 3.47 -0.09
N LEU A 56 0.27 4.00 -0.88
CA LEU A 56 1.67 4.02 -0.50
C LEU A 56 2.31 5.38 -0.84
N CYS A 57 3.44 5.66 -0.21
CA CYS A 57 4.15 6.91 -0.43
C CYS A 57 5.34 6.70 -1.36
N ASN A 58 5.70 7.74 -2.11
CA ASN A 58 6.82 7.67 -3.04
C ASN A 58 8.02 6.99 -2.39
N LYS A 59 8.38 7.44 -1.19
CA LYS A 59 9.50 6.86 -0.46
C LYS A 59 9.46 5.34 -0.51
N CYS A 60 8.35 4.77 -0.07
CA CYS A 60 8.18 3.32 -0.06
C CYS A 60 8.21 2.77 -1.48
N THR A 61 7.30 3.25 -2.32
CA THR A 61 7.23 2.80 -3.70
C THR A 61 8.62 2.60 -4.29
N THR A 62 9.48 3.60 -4.12
CA THR A 62 10.84 3.53 -4.64
C THR A 62 11.81 3.02 -3.58
N ARG A 63 11.81 1.70 -3.39
CA ARG A 63 12.69 1.08 -2.41
C ARG A 63 13.26 -0.24 -2.94
N GLU A 64 14.53 -0.48 -2.66
CA GLU A 64 15.20 -1.70 -3.12
C GLU A 64 15.72 -2.50 -1.93
N ASP A 65 16.20 -1.80 -0.91
CA ASP A 65 16.73 -2.46 0.28
C ASP A 65 17.51 -3.71 -0.09
N SER A 66 18.46 -3.56 -1.02
CA SER A 66 19.27 -4.68 -1.47
C SER A 66 20.63 -4.66 -0.77
N PRO A 67 20.79 -5.55 0.23
CA PRO A 67 22.04 -5.66 0.99
C PRO A 67 23.18 -6.25 0.15
N LYS A 68 24.36 -6.37 0.76
CA LYS A 68 25.52 -6.91 0.09
C LYS A 68 26.19 -8.00 0.92
N CYS A 69 26.80 -8.96 0.26
CA CYS A 69 27.48 -10.06 0.94
C CYS A 69 28.93 -9.70 1.24
N LYS A 70 29.57 -10.50 2.08
CA LYS A 70 30.97 -10.27 2.45
C LYS A 70 31.85 -11.44 2.01
N GLY A 71 31.25 -12.61 1.90
CA GLY A 71 31.99 -13.79 1.49
C GLY A 71 32.34 -13.77 0.01
N CYS A 72 31.44 -13.23 -0.79
CA CYS A 72 31.65 -13.15 -2.23
C CYS A 72 31.54 -11.71 -2.73
N PHE A 73 30.87 -10.87 -1.94
CA PHE A 73 30.70 -9.47 -2.30
C PHE A 73 29.71 -9.32 -3.45
N LYS A 74 28.54 -9.94 -3.31
CA LYS A 74 27.51 -9.88 -4.34
C LYS A 74 26.18 -9.40 -3.76
N ALA A 75 25.32 -8.88 -4.61
CA ALA A 75 24.01 -8.40 -4.18
C ALA A 75 23.15 -9.55 -3.65
N ILE A 76 22.77 -9.47 -2.38
CA ILE A 76 21.95 -10.49 -1.76
C ILE A 76 20.47 -10.17 -1.90
N VAL A 77 19.65 -11.21 -2.04
CA VAL A 77 18.21 -11.04 -2.18
C VAL A 77 17.45 -11.79 -1.09
N ALA A 78 16.39 -11.17 -0.57
CA ALA A 78 15.59 -11.79 0.47
C ALA A 78 15.32 -13.26 0.16
N GLY A 79 14.58 -13.50 -0.92
CA GLY A 79 14.25 -14.87 -1.29
C GLY A 79 15.47 -15.77 -1.28
N ASP A 80 16.57 -15.29 -1.84
CA ASP A 80 17.81 -16.07 -1.89
C ASP A 80 18.27 -16.44 -0.48
N GLN A 81 18.70 -17.69 -0.31
CA GLN A 81 19.17 -18.16 0.99
C GLN A 81 20.41 -17.41 1.43
N ASN A 82 20.35 -16.81 2.61
CA ASN A 82 21.47 -16.05 3.15
C ASN A 82 21.56 -16.20 4.66
N VAL A 83 22.77 -16.03 5.20
CA VAL A 83 22.98 -16.15 6.64
C VAL A 83 23.33 -14.81 7.25
N GLU A 84 22.39 -14.23 7.98
CA GLU A 84 22.60 -12.94 8.63
C GLU A 84 23.20 -13.12 10.01
N TYR A 85 24.32 -12.45 10.25
CA TYR A 85 25.00 -12.52 11.54
C TYR A 85 25.69 -11.21 11.88
N LYS A 86 25.22 -10.54 12.92
CA LYS A 86 25.79 -9.27 13.35
C LYS A 86 25.76 -8.25 12.21
N GLY A 87 24.57 -8.04 11.65
CA GLY A 87 24.43 -7.08 10.57
C GLY A 87 24.90 -7.64 9.24
N THR A 88 26.08 -8.25 9.25
CA THR A 88 26.65 -8.83 8.03
C THR A 88 26.07 -10.21 7.76
N VAL A 89 25.53 -10.40 6.55
CA VAL A 89 24.95 -11.68 6.16
C VAL A 89 25.76 -12.34 5.05
N TRP A 90 26.10 -13.61 5.26
CA TRP A 90 26.87 -14.35 4.28
C TRP A 90 26.03 -15.45 3.64
N HIS A 91 26.02 -15.49 2.31
CA HIS A 91 25.25 -16.49 1.57
C HIS A 91 25.34 -17.85 2.25
N LYS A 92 24.24 -18.59 2.24
CA LYS A 92 24.18 -19.90 2.86
C LYS A 92 25.50 -20.65 2.66
N ASP A 93 26.12 -20.45 1.50
CA ASP A 93 27.39 -21.10 1.19
C ASP A 93 28.55 -20.32 1.79
N CYS A 94 28.69 -19.06 1.39
CA CYS A 94 29.76 -18.21 1.89
C CYS A 94 29.98 -18.43 3.39
N PHE A 95 28.89 -18.45 4.14
CA PHE A 95 28.97 -18.66 5.58
C PHE A 95 29.64 -19.99 5.90
N SER A 96 30.15 -20.11 7.13
CA SER A 96 30.81 -21.33 7.57
C SER A 96 29.90 -22.17 8.45
N GLY A 97 29.07 -23.00 7.81
CA GLY A 97 28.15 -23.83 8.55
C GLY A 97 28.12 -25.26 8.03
N PRO A 98 29.18 -26.03 8.34
CA PRO A 98 29.29 -27.43 7.91
C PRO A 98 28.29 -28.33 8.62
N SER A 99 27.57 -29.13 7.83
CA SER A 99 26.58 -30.06 8.39
C SER A 99 26.66 -31.42 7.71
N SER A 100 27.20 -32.39 8.44
CA SER A 100 27.35 -33.75 7.90
C SER A 100 27.51 -34.75 9.03
N GLY A 101 27.54 -36.04 8.67
CA GLY A 101 27.70 -37.08 9.67
C GLY A 101 26.44 -37.93 9.83
ZN ZN B . -11.42 8.20 9.09
ZN ZN C . 5.38 4.78 2.97
ZN ZN D . 28.34 -14.36 -0.69
N GLY A 1 -31.46 16.00 7.45
CA GLY A 1 -32.27 15.51 6.35
C GLY A 1 -31.48 14.65 5.39
N SER A 2 -31.70 14.86 4.10
CA SER A 2 -31.00 14.09 3.08
C SER A 2 -30.04 14.97 2.29
N SER A 3 -28.76 14.93 2.67
CA SER A 3 -27.74 15.73 2.01
C SER A 3 -26.67 14.84 1.39
N GLY A 4 -26.07 15.32 0.29
CA GLY A 4 -25.04 14.55 -0.38
C GLY A 4 -23.70 14.61 0.34
N SER A 5 -23.72 14.34 1.63
CA SER A 5 -22.49 14.38 2.43
C SER A 5 -21.58 13.22 2.09
N SER A 6 -20.42 13.16 2.74
CA SER A 6 -19.46 12.10 2.50
C SER A 6 -18.76 11.70 3.80
N GLY A 7 -18.53 10.39 3.95
CA GLY A 7 -17.88 9.89 5.15
C GLY A 7 -16.50 9.32 4.86
N CYS A 8 -15.86 8.79 5.90
CA CYS A 8 -14.53 8.21 5.75
C CYS A 8 -14.62 6.72 5.39
N VAL A 9 -13.60 6.23 4.70
CA VAL A 9 -13.56 4.82 4.30
C VAL A 9 -12.75 3.99 5.27
N GLU A 10 -12.07 4.66 6.20
CA GLU A 10 -11.25 3.98 7.19
C GLU A 10 -12.04 3.74 8.47
N CYS A 11 -12.54 4.82 9.06
CA CYS A 11 -13.31 4.72 10.30
C CYS A 11 -14.80 4.91 10.02
N ARG A 12 -15.20 4.69 8.78
CA ARG A 12 -16.59 4.84 8.38
C ARG A 12 -17.28 5.91 9.22
N LYS A 13 -16.56 6.97 9.51
CA LYS A 13 -17.10 8.07 10.31
C LYS A 13 -17.42 9.28 9.43
N PRO A 14 -18.31 10.16 9.91
CA PRO A 14 -18.70 11.36 9.18
C PRO A 14 -17.58 12.40 9.11
N ILE A 15 -17.40 12.97 7.92
CA ILE A 15 -16.36 13.97 7.72
C ILE A 15 -16.95 15.38 7.69
N GLY A 16 -16.31 16.30 8.39
CA GLY A 16 -16.78 17.68 8.43
C GLY A 16 -16.17 18.53 7.34
N ALA A 17 -16.99 19.39 6.74
CA ALA A 17 -16.52 20.26 5.67
C ALA A 17 -15.27 21.04 6.10
N ASP A 18 -15.33 21.61 7.29
CA ASP A 18 -14.20 22.38 7.82
C ASP A 18 -12.94 21.51 7.89
N SER A 19 -13.13 20.22 8.18
CA SER A 19 -12.01 19.30 8.28
C SER A 19 -11.47 18.95 6.90
N LYS A 20 -10.15 19.12 6.73
CA LYS A 20 -9.51 18.82 5.46
C LYS A 20 -9.65 17.35 5.10
N GLU A 21 -10.53 17.05 4.15
CA GLU A 21 -10.76 15.67 3.73
C GLU A 21 -10.02 15.39 2.42
N VAL A 22 -9.67 14.12 2.21
CA VAL A 22 -8.98 13.71 1.00
C VAL A 22 -9.83 12.78 0.16
N HIS A 23 -10.40 13.32 -0.92
CA HIS A 23 -11.25 12.53 -1.81
C HIS A 23 -10.41 11.89 -2.93
N TYR A 24 -10.38 10.57 -2.95
CA TYR A 24 -9.63 9.83 -3.96
C TYR A 24 -10.24 8.46 -4.21
N LYS A 25 -10.33 8.09 -5.48
CA LYS A 25 -10.89 6.80 -5.86
C LYS A 25 -12.29 6.64 -5.30
N ASN A 26 -13.11 7.67 -5.43
CA ASN A 26 -14.48 7.64 -4.94
C ASN A 26 -14.51 7.35 -3.44
N ARG A 27 -13.44 7.72 -2.75
CA ARG A 27 -13.35 7.51 -1.31
C ARG A 27 -12.97 8.80 -0.59
N PHE A 28 -12.84 8.71 0.73
CA PHE A 28 -12.49 9.88 1.54
C PHE A 28 -11.82 9.45 2.84
N TRP A 29 -10.66 10.04 3.12
CA TRP A 29 -9.91 9.71 4.33
C TRP A 29 -9.67 10.96 5.17
N HIS A 30 -9.81 10.82 6.49
CA HIS A 30 -9.61 11.94 7.40
C HIS A 30 -8.18 12.45 7.32
N ASP A 31 -7.98 13.71 7.72
CA ASP A 31 -6.65 14.31 7.70
C ASP A 31 -5.67 13.48 8.52
N THR A 32 -6.19 12.55 9.31
CA THR A 32 -5.35 11.70 10.15
C THR A 32 -5.37 10.26 9.65
N CYS A 33 -6.39 9.93 8.86
CA CYS A 33 -6.52 8.58 8.31
C CYS A 33 -5.72 8.43 7.02
N PHE A 34 -5.81 9.43 6.15
CA PHE A 34 -5.09 9.41 4.88
C PHE A 34 -3.59 9.32 5.12
N ARG A 35 -3.05 8.11 4.99
CA ARG A 35 -1.62 7.89 5.19
C ARG A 35 -1.16 6.62 4.45
N CYS A 36 0.14 6.41 4.42
CA CYS A 36 0.71 5.24 3.76
C CYS A 36 0.29 3.96 4.47
N ALA A 37 0.47 2.82 3.79
CA ALA A 37 0.13 1.53 4.36
C ALA A 37 1.37 0.75 4.75
N LYS A 38 2.54 1.26 4.37
CA LYS A 38 3.81 0.61 4.68
C LYS A 38 4.56 1.38 5.76
N CYS A 39 4.62 2.70 5.60
CA CYS A 39 5.31 3.55 6.56
C CYS A 39 4.31 4.30 7.45
N LEU A 40 3.03 4.20 7.10
CA LEU A 40 1.98 4.86 7.86
C LEU A 40 2.26 6.35 7.99
N HIS A 41 2.50 7.01 6.86
CA HIS A 41 2.78 8.44 6.86
C HIS A 41 1.68 9.21 6.12
N PRO A 42 1.30 10.37 6.67
CA PRO A 42 0.26 11.22 6.09
C PRO A 42 0.70 11.87 4.79
N LEU A 43 -0.10 11.69 3.74
CA LEU A 43 0.22 12.25 2.43
C LEU A 43 -0.62 13.50 2.18
N ALA A 44 -1.21 14.05 3.24
CA ALA A 44 -2.03 15.24 3.12
C ALA A 44 -1.26 16.38 2.47
N ASN A 45 0.02 16.48 2.79
CA ASN A 45 0.88 17.52 2.24
C ASN A 45 1.98 16.92 1.38
N GLU A 46 2.06 15.60 1.36
CA GLU A 46 3.07 14.90 0.56
C GLU A 46 2.41 14.04 -0.52
N THR A 47 3.09 13.93 -1.66
CA THR A 47 2.57 13.14 -2.78
C THR A 47 2.27 11.72 -2.35
N PHE A 48 1.44 11.03 -3.13
CA PHE A 48 1.07 9.65 -2.84
C PHE A 48 1.07 8.80 -4.10
N VAL A 49 0.97 7.49 -3.93
CA VAL A 49 0.96 6.57 -5.06
C VAL A 49 -0.03 5.42 -4.82
N ALA A 50 -0.84 5.13 -5.83
CA ALA A 50 -1.83 4.06 -5.74
C ALA A 50 -1.42 2.85 -6.58
N LYS A 51 -1.13 1.74 -5.91
CA LYS A 51 -0.71 0.52 -6.60
C LYS A 51 -1.35 -0.71 -5.93
N ASP A 52 -1.91 -1.59 -6.75
CA ASP A 52 -2.54 -2.80 -6.26
C ASP A 52 -3.61 -2.47 -5.22
N ASN A 53 -4.40 -1.44 -5.50
CA ASN A 53 -5.47 -1.02 -4.60
C ASN A 53 -4.93 -0.77 -3.20
N LYS A 54 -3.74 -0.17 -3.12
CA LYS A 54 -3.11 0.12 -1.85
C LYS A 54 -2.38 1.47 -1.89
N ILE A 55 -2.63 2.31 -0.90
CA ILE A 55 -2.00 3.62 -0.83
C ILE A 55 -0.56 3.50 -0.35
N LEU A 56 0.36 4.05 -1.14
CA LEU A 56 1.78 4.01 -0.80
C LEU A 56 2.45 5.35 -1.10
N CYS A 57 3.51 5.66 -0.36
CA CYS A 57 4.24 6.91 -0.55
C CYS A 57 5.53 6.67 -1.34
N ASN A 58 6.12 7.76 -1.83
CA ASN A 58 7.36 7.66 -2.59
C ASN A 58 8.43 6.90 -1.82
N LYS A 59 8.68 7.33 -0.59
CA LYS A 59 9.67 6.68 0.26
C LYS A 59 9.59 5.16 0.13
N CYS A 60 8.37 4.64 0.15
CA CYS A 60 8.16 3.19 0.03
C CYS A 60 8.36 2.73 -1.41
N THR A 61 7.48 3.20 -2.30
CA THR A 61 7.56 2.84 -3.71
C THR A 61 9.00 2.75 -4.17
N THR A 62 9.82 3.71 -3.77
CA THR A 62 11.22 3.74 -4.15
C THR A 62 12.06 2.82 -3.24
N ARG A 63 13.24 2.44 -3.72
CA ARG A 63 14.12 1.58 -2.96
C ARG A 63 13.45 0.25 -2.65
N GLU A 64 12.71 -0.28 -3.62
CA GLU A 64 12.00 -1.55 -3.44
C GLU A 64 12.24 -2.46 -4.64
N ASP A 65 13.35 -3.20 -4.62
CA ASP A 65 13.68 -4.11 -5.69
C ASP A 65 13.34 -5.55 -5.32
N SER A 66 12.04 -5.88 -5.38
CA SER A 66 11.58 -7.21 -5.05
C SER A 66 12.16 -8.25 -6.01
N PRO A 67 12.25 -9.50 -5.53
CA PRO A 67 12.79 -10.61 -6.33
C PRO A 67 11.84 -11.01 -7.46
N LYS A 68 12.42 -11.50 -8.55
CA LYS A 68 11.64 -11.92 -9.71
C LYS A 68 11.62 -13.44 -9.83
N CYS A 69 10.71 -13.95 -10.65
CA CYS A 69 10.59 -15.40 -10.87
C CYS A 69 11.07 -15.79 -12.26
N LYS A 70 11.36 -17.07 -12.44
CA LYS A 70 11.83 -17.58 -13.71
C LYS A 70 10.80 -18.51 -14.34
N GLY A 71 9.96 -19.12 -13.49
CA GLY A 71 8.95 -20.03 -13.98
C GLY A 71 7.78 -19.30 -14.64
N CYS A 72 7.51 -18.09 -14.17
CA CYS A 72 6.42 -17.29 -14.71
C CYS A 72 6.92 -15.91 -15.16
N PHE A 73 8.11 -15.54 -14.69
CA PHE A 73 8.70 -14.25 -15.03
C PHE A 73 7.82 -13.10 -14.54
N LYS A 74 7.43 -13.17 -13.27
CA LYS A 74 6.59 -12.14 -12.68
C LYS A 74 7.23 -11.60 -11.39
N ALA A 75 6.94 -10.33 -11.09
CA ALA A 75 7.48 -9.70 -9.89
C ALA A 75 6.97 -10.39 -8.63
N ILE A 76 7.90 -10.98 -7.88
CA ILE A 76 7.54 -11.68 -6.64
C ILE A 76 7.26 -10.70 -5.52
N VAL A 77 6.22 -10.98 -4.73
CA VAL A 77 5.85 -10.13 -3.61
C VAL A 77 6.84 -10.26 -2.46
N ALA A 78 7.11 -9.16 -1.78
CA ALA A 78 8.03 -9.15 -0.65
C ALA A 78 7.71 -10.29 0.32
N GLY A 79 6.45 -10.38 0.73
CA GLY A 79 6.05 -11.43 1.66
C GLY A 79 5.57 -12.67 0.94
N ASP A 80 6.41 -13.23 0.08
CA ASP A 80 6.06 -14.42 -0.67
C ASP A 80 7.14 -15.49 -0.54
N GLN A 81 6.72 -16.74 -0.40
CA GLN A 81 7.65 -17.85 -0.25
C GLN A 81 8.33 -18.17 -1.58
N ASN A 82 9.50 -17.58 -1.80
CA ASN A 82 10.26 -17.79 -3.02
C ASN A 82 11.36 -18.83 -2.81
N VAL A 83 11.74 -19.50 -3.89
CA VAL A 83 12.78 -20.52 -3.82
C VAL A 83 14.00 -20.12 -4.65
N GLU A 84 15.09 -19.81 -3.98
CA GLU A 84 16.32 -19.40 -4.66
C GLU A 84 17.14 -20.62 -5.07
N TYR A 85 17.55 -20.65 -6.33
CA TYR A 85 18.34 -21.76 -6.86
C TYR A 85 19.26 -21.29 -7.98
N LYS A 86 20.55 -21.19 -7.67
CA LYS A 86 21.54 -20.76 -8.66
C LYS A 86 21.37 -19.28 -8.99
N GLY A 87 20.80 -18.53 -8.05
CA GLY A 87 20.59 -17.11 -8.25
C GLY A 87 19.17 -16.78 -8.67
N THR A 88 18.58 -17.67 -9.48
CA THR A 88 17.21 -17.47 -9.96
C THR A 88 16.20 -17.95 -8.93
N VAL A 89 15.28 -17.07 -8.57
CA VAL A 89 14.24 -17.41 -7.59
C VAL A 89 12.97 -17.90 -8.29
N TRP A 90 12.34 -18.90 -7.69
CA TRP A 90 11.11 -19.47 -8.26
C TRP A 90 10.03 -19.60 -7.19
N HIS A 91 8.82 -19.18 -7.53
CA HIS A 91 7.69 -19.26 -6.60
C HIS A 91 7.54 -20.67 -6.05
N LYS A 92 7.43 -20.77 -4.72
CA LYS A 92 7.27 -22.07 -4.07
C LYS A 92 6.44 -23.01 -4.93
N ASP A 93 5.50 -22.44 -5.68
CA ASP A 93 4.64 -23.24 -6.56
C ASP A 93 5.34 -23.54 -7.88
N CYS A 94 5.81 -22.49 -8.55
CA CYS A 94 6.49 -22.64 -9.83
C CYS A 94 7.62 -23.66 -9.72
N PHE A 95 8.38 -23.59 -8.63
CA PHE A 95 9.49 -24.51 -8.42
C PHE A 95 9.03 -25.96 -8.49
N SER A 96 9.93 -26.84 -8.92
CA SER A 96 9.61 -28.25 -9.05
C SER A 96 10.09 -29.03 -7.82
N GLY A 97 9.63 -28.60 -6.65
CA GLY A 97 10.03 -29.27 -5.42
C GLY A 97 8.98 -30.25 -4.93
N PRO A 98 9.31 -31.55 -5.02
CA PRO A 98 8.41 -32.63 -4.59
C PRO A 98 8.23 -32.66 -3.08
N SER A 99 9.35 -32.67 -2.36
CA SER A 99 9.31 -32.71 -0.89
C SER A 99 8.18 -33.62 -0.40
N SER A 100 7.99 -34.73 -1.10
CA SER A 100 6.95 -35.69 -0.74
C SER A 100 7.05 -36.06 0.74
N GLY A 101 5.98 -35.79 1.49
CA GLY A 101 5.97 -36.11 2.90
C GLY A 101 4.71 -36.85 3.32
ZN ZN B . -11.23 8.00 9.07
ZN ZN C . 5.27 4.77 2.69
ZN ZN D . 6.61 -17.94 -10.65
N GLY A 1 -32.65 13.55 12.05
CA GLY A 1 -32.43 13.14 10.67
C GLY A 1 -31.04 13.51 10.18
N SER A 2 -30.08 12.63 10.41
CA SER A 2 -28.70 12.87 9.99
C SER A 2 -28.51 12.52 8.52
N SER A 3 -28.38 13.53 7.68
CA SER A 3 -28.20 13.32 6.25
C SER A 3 -26.75 13.58 5.83
N GLY A 4 -25.90 12.59 6.04
CA GLY A 4 -24.49 12.73 5.70
C GLY A 4 -24.02 11.64 4.75
N SER A 5 -23.53 12.06 3.58
CA SER A 5 -23.05 11.11 2.58
C SER A 5 -21.53 11.01 2.61
N SER A 6 -20.87 12.12 2.31
CA SER A 6 -19.41 12.17 2.30
C SER A 6 -18.84 11.70 3.64
N GLY A 7 -18.36 10.47 3.66
CA GLY A 7 -17.79 9.92 4.88
C GLY A 7 -16.42 9.30 4.65
N CYS A 8 -15.84 8.75 5.72
CA CYS A 8 -14.53 8.12 5.63
C CYS A 8 -14.66 6.62 5.44
N VAL A 9 -13.71 6.02 4.72
CA VAL A 9 -13.72 4.59 4.46
C VAL A 9 -12.82 3.85 5.44
N GLU A 10 -12.05 4.60 6.21
CA GLU A 10 -11.15 4.02 7.20
C GLU A 10 -11.87 3.73 8.51
N CYS A 11 -12.47 4.77 9.08
CA CYS A 11 -13.20 4.64 10.33
C CYS A 11 -14.71 4.68 10.09
N ARG A 12 -15.11 4.53 8.84
CA ARG A 12 -16.52 4.54 8.48
C ARG A 12 -17.26 5.61 9.26
N LYS A 13 -16.61 6.76 9.47
CA LYS A 13 -17.22 7.85 10.21
C LYS A 13 -17.52 9.03 9.28
N PRO A 14 -18.48 9.88 9.69
CA PRO A 14 -18.88 11.05 8.91
C PRO A 14 -17.81 12.12 8.88
N ILE A 15 -17.66 12.79 7.73
CA ILE A 15 -16.68 13.84 7.58
C ILE A 15 -17.34 15.21 7.44
N GLY A 16 -16.70 16.23 8.00
CA GLY A 16 -17.25 17.58 7.93
C GLY A 16 -16.67 18.37 6.77
N ALA A 17 -17.10 19.62 6.65
CA ALA A 17 -16.61 20.50 5.58
C ALA A 17 -15.33 21.21 6.00
N ASP A 18 -15.32 21.72 7.23
CA ASP A 18 -14.15 22.43 7.75
C ASP A 18 -12.98 21.47 7.96
N SER A 19 -13.29 20.21 8.26
CA SER A 19 -12.26 19.21 8.48
C SER A 19 -11.52 18.90 7.20
N LYS A 20 -10.19 18.86 7.28
CA LYS A 20 -9.36 18.58 6.12
C LYS A 20 -9.56 17.15 5.64
N GLU A 21 -10.30 17.00 4.54
CA GLU A 21 -10.58 15.68 3.98
C GLU A 21 -9.79 15.45 2.70
N VAL A 22 -9.57 14.19 2.35
CA VAL A 22 -8.82 13.84 1.16
C VAL A 22 -9.66 12.98 0.22
N HIS A 23 -10.16 13.59 -0.86
CA HIS A 23 -10.97 12.88 -1.83
C HIS A 23 -10.10 12.26 -2.92
N TYR A 24 -10.07 10.93 -2.96
CA TYR A 24 -9.27 10.21 -3.95
C TYR A 24 -9.89 8.86 -4.27
N LYS A 25 -9.90 8.51 -5.56
CA LYS A 25 -10.46 7.24 -6.00
C LYS A 25 -11.90 7.07 -5.50
N ASN A 26 -12.68 8.15 -5.61
CA ASN A 26 -14.07 8.13 -5.18
C ASN A 26 -14.18 7.77 -3.70
N ARG A 27 -13.13 8.08 -2.95
CA ARG A 27 -13.10 7.81 -1.52
C ARG A 27 -12.73 9.06 -0.72
N PHE A 28 -12.73 8.93 0.60
CA PHE A 28 -12.39 10.05 1.47
C PHE A 28 -11.76 9.56 2.77
N TRP A 29 -10.62 10.15 3.12
CA TRP A 29 -9.91 9.78 4.34
C TRP A 29 -9.68 10.98 5.24
N HIS A 30 -9.83 10.78 6.55
CA HIS A 30 -9.64 11.86 7.52
C HIS A 30 -8.19 12.33 7.53
N ASP A 31 -7.98 13.60 7.85
CA ASP A 31 -6.64 14.17 7.90
C ASP A 31 -5.70 13.29 8.72
N THR A 32 -6.29 12.44 9.57
CA THR A 32 -5.51 11.56 10.42
C THR A 32 -5.50 10.13 9.86
N CYS A 33 -6.47 9.83 9.00
CA CYS A 33 -6.57 8.51 8.40
C CYS A 33 -5.73 8.42 7.13
N PHE A 34 -5.86 9.42 6.27
CA PHE A 34 -5.11 9.46 5.02
C PHE A 34 -3.61 9.35 5.29
N ARG A 35 -3.06 8.16 5.13
CA ARG A 35 -1.64 7.93 5.37
C ARG A 35 -1.18 6.64 4.66
N CYS A 36 0.13 6.48 4.56
CA CYS A 36 0.71 5.31 3.92
C CYS A 36 0.26 4.03 4.62
N ALA A 37 0.60 2.88 4.04
CA ALA A 37 0.23 1.60 4.61
C ALA A 37 1.46 0.83 5.07
N LYS A 38 2.62 1.21 4.53
CA LYS A 38 3.87 0.55 4.89
C LYS A 38 4.56 1.27 6.04
N CYS A 39 4.75 2.58 5.88
CA CYS A 39 5.39 3.39 6.91
C CYS A 39 4.35 4.12 7.75
N LEU A 40 3.14 4.23 7.22
CA LEU A 40 2.06 4.91 7.92
C LEU A 40 2.33 6.41 8.03
N HIS A 41 2.62 7.03 6.89
CA HIS A 41 2.91 8.47 6.86
C HIS A 41 1.82 9.21 6.10
N PRO A 42 1.32 10.31 6.70
CA PRO A 42 0.27 11.13 6.10
C PRO A 42 0.77 11.90 4.88
N LEU A 43 0.19 11.61 3.71
CA LEU A 43 0.58 12.27 2.47
C LEU A 43 -0.35 13.43 2.18
N ALA A 44 -0.92 14.01 3.23
CA ALA A 44 -1.83 15.14 3.07
C ALA A 44 -1.25 16.20 2.14
N ASN A 45 -0.09 16.73 2.50
CA ASN A 45 0.58 17.75 1.70
C ASN A 45 1.57 17.11 0.74
N GLU A 46 1.89 15.85 0.98
CA GLU A 46 2.84 15.12 0.13
C GLU A 46 2.10 14.35 -0.97
N THR A 47 2.87 13.69 -1.82
CA THR A 47 2.30 12.92 -2.93
C THR A 47 2.33 11.42 -2.62
N PHE A 48 1.42 10.68 -3.23
CA PHE A 48 1.35 9.24 -3.02
C PHE A 48 1.12 8.50 -4.34
N VAL A 49 1.06 7.18 -4.27
CA VAL A 49 0.85 6.36 -5.47
C VAL A 49 -0.12 5.22 -5.18
N ALA A 50 -1.20 5.16 -5.95
CA ALA A 50 -2.20 4.11 -5.79
C ALA A 50 -1.80 2.85 -6.54
N LYS A 51 -1.43 1.81 -5.78
CA LYS A 51 -1.02 0.55 -6.38
C LYS A 51 -1.57 -0.63 -5.58
N ASP A 52 -1.86 -1.73 -6.27
CA ASP A 52 -2.38 -2.92 -5.62
C ASP A 52 -3.53 -2.57 -4.67
N ASN A 53 -4.39 -1.66 -5.11
CA ASN A 53 -5.53 -1.23 -4.30
C ASN A 53 -5.08 -0.81 -2.91
N LYS A 54 -3.93 -0.14 -2.85
CA LYS A 54 -3.39 0.33 -1.57
C LYS A 54 -2.62 1.63 -1.75
N ILE A 55 -2.66 2.48 -0.73
CA ILE A 55 -1.97 3.76 -0.77
C ILE A 55 -0.53 3.63 -0.30
N LEU A 56 0.40 4.11 -1.12
CA LEU A 56 1.82 4.05 -0.78
C LEU A 56 2.52 5.37 -1.10
N CYS A 57 3.57 5.67 -0.35
CA CYS A 57 4.32 6.91 -0.55
C CYS A 57 5.49 6.67 -1.50
N ASN A 58 6.02 7.75 -2.07
CA ASN A 58 7.13 7.67 -3.00
C ASN A 58 8.31 6.92 -2.37
N LYS A 59 8.61 7.26 -1.11
CA LYS A 59 9.71 6.62 -0.39
C LYS A 59 9.53 5.11 -0.36
N CYS A 60 8.28 4.67 -0.29
CA CYS A 60 7.98 3.24 -0.25
C CYS A 60 8.04 2.63 -1.64
N THR A 61 7.11 3.06 -2.50
CA THR A 61 7.06 2.55 -3.87
C THR A 61 8.46 2.34 -4.44
N THR A 62 9.40 3.16 -3.99
CA THR A 62 10.78 3.06 -4.46
C THR A 62 11.37 1.70 -4.13
N ARG A 63 12.12 1.13 -5.08
CA ARG A 63 12.74 -0.17 -4.89
C ARG A 63 13.27 -0.32 -3.46
N GLU A 64 12.69 -1.25 -2.72
CA GLU A 64 13.11 -1.50 -1.35
C GLU A 64 13.29 -2.99 -1.09
N ASP A 65 14.02 -3.31 -0.02
CA ASP A 65 14.28 -4.70 0.33
C ASP A 65 13.14 -5.27 1.18
N SER A 66 11.91 -4.90 0.83
CA SER A 66 10.74 -5.36 1.57
C SER A 66 10.57 -6.87 1.43
N PRO A 67 9.83 -7.47 2.38
CA PRO A 67 9.59 -8.91 2.40
C PRO A 67 8.67 -9.35 1.26
N LYS A 68 8.70 -10.66 0.94
CA LYS A 68 7.87 -11.20 -0.12
C LYS A 68 7.07 -12.40 0.38
N CYS A 69 5.99 -12.72 -0.32
CA CYS A 69 5.14 -13.84 0.04
C CYS A 69 5.42 -15.05 -0.85
N LYS A 70 4.94 -16.21 -0.42
CA LYS A 70 5.13 -17.45 -1.18
C LYS A 70 3.80 -17.97 -1.71
N GLY A 71 2.71 -17.58 -1.05
CA GLY A 71 1.39 -18.02 -1.47
C GLY A 71 0.90 -17.30 -2.70
N CYS A 72 1.15 -15.99 -2.76
CA CYS A 72 0.72 -15.18 -3.89
C CYS A 72 1.92 -14.49 -4.54
N PHE A 73 3.05 -14.49 -3.85
CA PHE A 73 4.27 -13.87 -4.36
C PHE A 73 4.07 -12.37 -4.56
N LYS A 74 3.59 -11.70 -3.50
CA LYS A 74 3.35 -10.26 -3.55
C LYS A 74 4.13 -9.54 -2.46
N ALA A 75 4.46 -8.28 -2.71
CA ALA A 75 5.20 -7.48 -1.74
C ALA A 75 4.41 -7.29 -0.45
N ILE A 76 4.82 -8.01 0.59
CA ILE A 76 4.15 -7.93 1.88
C ILE A 76 4.36 -6.56 2.53
N VAL A 77 3.32 -6.06 3.19
CA VAL A 77 3.38 -4.76 3.86
C VAL A 77 3.56 -4.93 5.36
N ALA A 78 4.18 -3.93 5.98
CA ALA A 78 4.41 -3.95 7.43
C ALA A 78 3.09 -4.03 8.19
N GLY A 79 2.30 -2.96 8.09
CA GLY A 79 1.02 -2.92 8.78
C GLY A 79 0.19 -4.16 8.53
N ASP A 80 0.18 -4.62 7.29
CA ASP A 80 -0.58 -5.81 6.92
C ASP A 80 -0.18 -7.01 7.77
N GLN A 81 -1.07 -7.98 7.88
CA GLN A 81 -0.80 -9.18 8.67
C GLN A 81 -0.15 -10.26 7.81
N ASN A 82 0.96 -10.80 8.30
CA ASN A 82 1.69 -11.84 7.58
C ASN A 82 2.03 -13.01 8.50
N VAL A 83 2.61 -14.06 7.94
CA VAL A 83 2.99 -15.23 8.70
C VAL A 83 4.35 -15.77 8.27
N GLU A 84 5.32 -15.67 9.16
CA GLU A 84 6.67 -16.13 8.86
C GLU A 84 6.94 -17.48 9.54
N TYR A 85 7.53 -18.41 8.80
CA TYR A 85 7.83 -19.73 9.34
C TYR A 85 9.32 -20.05 9.19
N LYS A 86 9.72 -20.47 8.00
CA LYS A 86 11.12 -20.80 7.72
C LYS A 86 11.68 -19.92 6.61
N GLY A 87 12.26 -18.79 6.98
CA GLY A 87 12.83 -17.89 6.00
C GLY A 87 11.77 -17.12 5.24
N THR A 88 10.75 -17.84 4.76
CA THR A 88 9.67 -17.21 4.01
C THR A 88 8.47 -16.92 4.91
N VAL A 89 7.66 -15.94 4.50
CA VAL A 89 6.48 -15.57 5.27
C VAL A 89 5.26 -15.43 4.37
N TRP A 90 4.19 -16.14 4.72
CA TRP A 90 2.96 -16.09 3.94
C TRP A 90 1.93 -15.17 4.60
N HIS A 91 1.14 -14.50 3.77
CA HIS A 91 0.12 -13.58 4.27
C HIS A 91 -0.79 -14.28 5.27
N LYS A 92 -1.31 -13.52 6.22
CA LYS A 92 -2.19 -14.06 7.24
C LYS A 92 -3.27 -14.94 6.62
N ASP A 93 -3.65 -14.61 5.39
CA ASP A 93 -4.67 -15.37 4.68
C ASP A 93 -4.05 -16.57 3.96
N CYS A 94 -2.99 -16.31 3.20
CA CYS A 94 -2.31 -17.36 2.46
C CYS A 94 -1.96 -18.53 3.37
N PHE A 95 -1.44 -18.22 4.56
CA PHE A 95 -1.07 -19.24 5.53
C PHE A 95 -2.30 -19.83 6.20
N SER A 96 -2.97 -20.73 5.50
CA SER A 96 -4.17 -21.38 6.04
C SER A 96 -3.91 -21.96 7.42
N GLY A 97 -2.96 -22.88 7.49
CA GLY A 97 -2.62 -23.51 8.76
C GLY A 97 -3.79 -24.27 9.35
N PRO A 98 -4.30 -23.79 10.49
CA PRO A 98 -5.43 -24.42 11.18
C PRO A 98 -6.74 -24.27 10.41
N SER A 99 -6.91 -23.14 9.74
CA SER A 99 -8.12 -22.87 8.96
C SER A 99 -8.15 -23.73 7.71
N SER A 100 -9.25 -23.65 6.97
CA SER A 100 -9.42 -24.43 5.75
C SER A 100 -10.16 -23.62 4.69
N GLY A 101 -10.02 -24.04 3.43
CA GLY A 101 -10.68 -23.34 2.34
C GLY A 101 -10.48 -24.03 1.01
ZN ZN B . -11.32 7.98 9.02
ZN ZN C . 5.31 4.96 2.97
ZN ZN D . 0.36 -14.17 -0.04
N GLY A 1 -23.91 17.25 11.12
CA GLY A 1 -24.05 18.47 10.36
C GLY A 1 -25.33 18.52 9.56
N SER A 2 -25.75 19.72 9.18
CA SER A 2 -26.97 19.90 8.41
C SER A 2 -27.09 18.83 7.33
N SER A 3 -25.99 18.61 6.62
CA SER A 3 -25.97 17.61 5.54
C SER A 3 -25.01 16.47 5.88
N GLY A 4 -25.06 15.41 5.08
CA GLY A 4 -24.20 14.27 5.30
C GLY A 4 -23.94 13.48 4.04
N SER A 5 -23.39 14.14 3.02
CA SER A 5 -23.10 13.49 1.76
C SER A 5 -21.62 13.13 1.65
N SER A 6 -21.08 12.59 2.73
CA SER A 6 -19.67 12.20 2.77
C SER A 6 -19.42 11.15 3.85
N GLY A 7 -18.19 10.65 3.91
CA GLY A 7 -17.85 9.65 4.90
C GLY A 7 -16.46 9.09 4.70
N CYS A 8 -15.85 8.60 5.77
CA CYS A 8 -14.51 8.03 5.71
C CYS A 8 -14.56 6.53 5.51
N VAL A 9 -13.62 5.99 4.73
CA VAL A 9 -13.56 4.57 4.47
C VAL A 9 -12.59 3.87 5.42
N GLU A 10 -11.90 4.66 6.23
CA GLU A 10 -10.94 4.12 7.18
C GLU A 10 -11.60 3.90 8.54
N CYS A 11 -12.18 4.96 9.09
CA CYS A 11 -12.84 4.89 10.39
C CYS A 11 -14.36 4.72 10.22
N ARG A 12 -14.80 4.63 8.98
CA ARG A 12 -16.21 4.46 8.67
C ARG A 12 -17.05 5.53 9.40
N LYS A 13 -16.43 6.66 9.68
CA LYS A 13 -17.11 7.76 10.37
C LYS A 13 -17.38 8.91 9.40
N PRO A 14 -18.37 9.75 9.75
CA PRO A 14 -18.75 10.91 8.94
C PRO A 14 -17.68 12.01 8.96
N ILE A 15 -17.48 12.65 7.82
CA ILE A 15 -16.51 13.72 7.71
C ILE A 15 -17.18 15.08 7.59
N GLY A 16 -16.53 16.12 8.13
CA GLY A 16 -17.09 17.45 8.06
C GLY A 16 -16.51 18.27 6.92
N ALA A 17 -17.36 19.08 6.30
CA ALA A 17 -16.93 19.91 5.17
C ALA A 17 -15.71 20.74 5.55
N ASP A 18 -15.78 21.41 6.69
CA ASP A 18 -14.68 22.25 7.16
C ASP A 18 -13.43 21.40 7.42
N SER A 19 -13.65 20.17 7.87
CA SER A 19 -12.53 19.26 8.16
C SER A 19 -11.77 18.93 6.89
N LYS A 20 -10.44 19.04 6.96
CA LYS A 20 -9.59 18.74 5.83
C LYS A 20 -9.69 17.27 5.43
N GLU A 21 -10.41 16.99 4.36
CA GLU A 21 -10.59 15.62 3.88
C GLU A 21 -9.86 15.41 2.56
N VAL A 22 -9.54 14.15 2.25
CA VAL A 22 -8.85 13.82 1.02
C VAL A 22 -9.71 12.93 0.12
N HIS A 23 -10.27 13.52 -0.93
CA HIS A 23 -11.12 12.78 -1.86
C HIS A 23 -10.29 12.22 -3.01
N TYR A 24 -10.27 10.89 -3.12
CA TYR A 24 -9.52 10.22 -4.18
C TYR A 24 -10.14 8.88 -4.53
N LYS A 25 -10.53 8.73 -5.79
CA LYS A 25 -11.14 7.49 -6.26
C LYS A 25 -12.49 7.26 -5.58
N ASN A 26 -13.33 8.28 -5.59
CA ASN A 26 -14.66 8.20 -4.97
C ASN A 26 -14.55 7.80 -3.51
N ARG A 27 -13.46 8.21 -2.86
CA ARG A 27 -13.24 7.90 -1.46
C ARG A 27 -12.96 9.17 -0.66
N PHE A 28 -12.71 9.00 0.64
CA PHE A 28 -12.43 10.13 1.51
C PHE A 28 -11.75 9.67 2.80
N TRP A 29 -10.61 10.28 3.11
CA TRP A 29 -9.86 9.93 4.31
C TRP A 29 -9.60 11.17 5.16
N HIS A 30 -9.70 11.00 6.48
CA HIS A 30 -9.48 12.11 7.40
C HIS A 30 -8.03 12.58 7.34
N ASP A 31 -7.80 13.83 7.74
CA ASP A 31 -6.46 14.40 7.72
C ASP A 31 -5.49 13.55 8.55
N THR A 32 -6.05 12.63 9.33
CA THR A 32 -5.24 11.76 10.17
C THR A 32 -5.31 10.31 9.68
N CYS A 33 -6.33 10.01 8.87
CA CYS A 33 -6.52 8.67 8.33
C CYS A 33 -5.70 8.48 7.06
N PHE A 34 -5.69 9.51 6.21
CA PHE A 34 -4.95 9.45 4.95
C PHE A 34 -3.45 9.36 5.20
N ARG A 35 -2.90 8.16 5.00
CA ARG A 35 -1.47 7.94 5.20
C ARG A 35 -1.03 6.64 4.52
N CYS A 36 0.28 6.43 4.48
CA CYS A 36 0.84 5.24 3.86
C CYS A 36 0.39 3.98 4.59
N ALA A 37 0.61 2.83 3.97
CA ALA A 37 0.23 1.54 4.56
C ALA A 37 1.45 0.78 5.04
N LYS A 38 2.63 1.20 4.58
CA LYS A 38 3.88 0.54 4.97
C LYS A 38 4.59 1.34 6.05
N CYS A 39 4.72 2.65 5.84
CA CYS A 39 5.38 3.52 6.81
C CYS A 39 4.36 4.29 7.64
N LEU A 40 3.09 4.20 7.25
CA LEU A 40 2.02 4.88 7.96
C LEU A 40 2.32 6.36 8.11
N HIS A 41 2.59 7.02 6.98
CA HIS A 41 2.90 8.45 6.99
C HIS A 41 1.81 9.24 6.25
N PRO A 42 1.49 10.43 6.78
CA PRO A 42 0.47 11.30 6.19
C PRO A 42 0.92 11.90 4.87
N LEU A 43 0.26 11.49 3.79
CA LEU A 43 0.58 11.99 2.46
C LEU A 43 -0.22 13.24 2.13
N ALA A 44 -0.72 13.91 3.16
CA ALA A 44 -1.50 15.13 2.98
C ALA A 44 -0.69 16.21 2.29
N ASN A 45 0.40 16.63 2.92
CA ASN A 45 1.26 17.66 2.36
C ASN A 45 2.23 17.07 1.34
N GLU A 46 2.42 15.75 1.42
CA GLU A 46 3.32 15.06 0.50
C GLU A 46 2.53 14.34 -0.59
N THR A 47 3.26 13.73 -1.53
CA THR A 47 2.63 13.00 -2.62
C THR A 47 2.23 11.59 -2.19
N PHE A 48 1.25 11.03 -2.88
CA PHE A 48 0.77 9.68 -2.57
C PHE A 48 0.69 8.83 -3.83
N VAL A 49 0.70 7.51 -3.65
CA VAL A 49 0.63 6.58 -4.77
C VAL A 49 -0.38 5.47 -4.50
N ALA A 50 -1.12 5.09 -5.53
CA ALA A 50 -2.11 4.03 -5.41
C ALA A 50 -1.86 2.91 -6.41
N LYS A 51 -1.47 1.75 -5.90
CA LYS A 51 -1.20 0.59 -6.74
C LYS A 51 -1.70 -0.69 -6.10
N ASP A 52 -2.35 -1.53 -6.91
CA ASP A 52 -2.88 -2.80 -6.41
C ASP A 52 -3.92 -2.56 -5.32
N ASN A 53 -4.68 -1.47 -5.45
CA ASN A 53 -5.72 -1.13 -4.48
C ASN A 53 -5.11 -0.93 -3.09
N LYS A 54 -3.95 -0.27 -3.06
CA LYS A 54 -3.26 0.00 -1.79
C LYS A 54 -2.55 1.35 -1.84
N ILE A 55 -2.72 2.14 -0.79
CA ILE A 55 -2.09 3.45 -0.71
C ILE A 55 -0.65 3.33 -0.21
N LEU A 56 0.26 4.02 -0.89
CA LEU A 56 1.68 3.99 -0.52
C LEU A 56 2.34 5.33 -0.81
N CYS A 57 3.54 5.52 -0.28
CA CYS A 57 4.28 6.76 -0.48
C CYS A 57 5.50 6.53 -1.38
N ASN A 58 5.99 7.60 -2.00
CA ASN A 58 7.15 7.51 -2.88
C ASN A 58 8.31 6.82 -2.18
N LYS A 59 8.57 7.21 -0.94
CA LYS A 59 9.66 6.62 -0.16
C LYS A 59 9.58 5.10 -0.18
N CYS A 60 8.38 4.57 -0.16
CA CYS A 60 8.17 3.13 -0.18
C CYS A 60 8.14 2.60 -1.61
N THR A 61 7.16 3.05 -2.39
CA THR A 61 7.02 2.63 -3.78
C THR A 61 8.39 2.54 -4.46
N THR A 62 9.23 3.55 -4.23
CA THR A 62 10.56 3.58 -4.81
C THR A 62 11.33 2.31 -4.51
N ARG A 63 12.30 1.99 -5.37
CA ARG A 63 13.11 0.78 -5.19
C ARG A 63 13.85 0.83 -3.85
N GLU A 64 13.56 -0.15 -3.00
CA GLU A 64 14.20 -0.21 -1.68
C GLU A 64 14.20 -1.65 -1.16
N ASP A 65 15.14 -1.94 -0.26
CA ASP A 65 15.25 -3.28 0.32
C ASP A 65 15.85 -4.26 -0.69
N SER A 66 16.91 -3.81 -1.37
CA SER A 66 17.58 -4.65 -2.37
C SER A 66 17.61 -6.10 -1.91
N PRO A 67 17.38 -7.02 -2.86
CA PRO A 67 17.39 -8.46 -2.59
C PRO A 67 18.78 -8.99 -2.28
N LYS A 68 18.84 -10.25 -1.84
CA LYS A 68 20.12 -10.87 -1.51
C LYS A 68 20.32 -12.16 -2.28
N CYS A 69 21.57 -12.58 -2.43
CA CYS A 69 21.89 -13.80 -3.16
C CYS A 69 22.08 -14.97 -2.20
N LYS A 70 22.06 -16.19 -2.74
CA LYS A 70 22.22 -17.39 -1.93
C LYS A 70 23.55 -18.07 -2.24
N GLY A 71 24.10 -17.78 -3.41
CA GLY A 71 25.37 -18.37 -3.81
C GLY A 71 26.55 -17.70 -3.15
N CYS A 72 26.45 -16.38 -2.94
CA CYS A 72 27.52 -15.63 -2.32
C CYS A 72 27.03 -14.91 -1.06
N PHE A 73 25.73 -14.65 -1.02
CA PHE A 73 25.12 -13.98 0.12
C PHE A 73 25.47 -12.48 0.12
N LYS A 74 25.28 -11.84 -1.03
CA LYS A 74 25.56 -10.42 -1.16
C LYS A 74 24.33 -9.65 -1.60
N ALA A 75 24.37 -8.33 -1.45
CA ALA A 75 23.25 -7.48 -1.84
C ALA A 75 23.16 -7.34 -3.35
N ILE A 76 22.19 -8.02 -3.95
CA ILE A 76 22.00 -7.97 -5.39
C ILE A 76 21.46 -6.61 -5.82
N VAL A 77 22.01 -6.08 -6.92
CA VAL A 77 21.58 -4.79 -7.44
C VAL A 77 20.80 -4.95 -8.74
N ALA A 78 19.92 -4.01 -9.01
CA ALA A 78 19.11 -4.04 -10.23
C ALA A 78 19.98 -4.27 -11.46
N GLY A 79 20.91 -3.35 -11.70
CA GLY A 79 21.80 -3.48 -12.85
C GLY A 79 22.58 -4.77 -12.83
N ASP A 80 23.00 -5.20 -11.65
CA ASP A 80 23.77 -6.42 -11.50
C ASP A 80 22.92 -7.65 -11.87
N GLN A 81 23.27 -8.29 -12.98
CA GLN A 81 22.54 -9.46 -13.43
C GLN A 81 22.15 -10.36 -12.26
N ASN A 82 21.00 -11.02 -12.38
CA ASN A 82 20.52 -11.91 -11.33
C ASN A 82 19.61 -12.99 -11.90
N VAL A 83 19.49 -14.10 -11.18
CA VAL A 83 18.65 -15.21 -11.61
C VAL A 83 17.66 -15.62 -10.52
N GLU A 84 16.39 -15.30 -10.74
CA GLU A 84 15.35 -15.63 -9.77
C GLU A 84 14.62 -16.92 -10.17
N TYR A 85 14.53 -17.86 -9.23
CA TYR A 85 13.87 -19.13 -9.49
C TYR A 85 12.61 -19.27 -8.63
N LYS A 86 12.81 -19.58 -7.36
CA LYS A 86 11.69 -19.75 -6.43
C LYS A 86 11.98 -19.04 -5.11
N GLY A 87 11.68 -17.74 -5.08
CA GLY A 87 11.91 -16.97 -3.87
C GLY A 87 13.34 -16.51 -3.73
N THR A 88 14.28 -17.38 -4.10
CA THR A 88 15.70 -17.06 -4.01
C THR A 88 16.28 -16.80 -5.38
N VAL A 89 16.94 -15.66 -5.54
CA VAL A 89 17.55 -15.28 -6.81
C VAL A 89 19.07 -15.32 -6.71
N TRP A 90 19.69 -16.10 -7.59
CA TRP A 90 21.14 -16.22 -7.61
C TRP A 90 21.74 -15.46 -8.79
N HIS A 91 22.87 -14.79 -8.54
CA HIS A 91 23.54 -14.02 -9.58
C HIS A 91 23.70 -14.85 -10.86
N LYS A 92 23.88 -14.17 -11.98
CA LYS A 92 24.04 -14.84 -13.27
C LYS A 92 25.27 -15.74 -13.25
N ASP A 93 26.23 -15.43 -12.38
CA ASP A 93 27.44 -16.21 -12.27
C ASP A 93 27.27 -17.35 -11.26
N CYS A 94 26.51 -17.09 -10.21
CA CYS A 94 26.25 -18.08 -9.17
C CYS A 94 25.33 -19.17 -9.69
N PHE A 95 24.43 -18.80 -10.60
CA PHE A 95 23.48 -19.75 -11.18
C PHE A 95 23.97 -20.26 -12.52
N SER A 96 24.81 -21.29 -12.49
CA SER A 96 25.35 -21.87 -13.72
C SER A 96 25.03 -23.36 -13.80
N GLY A 97 23.79 -23.70 -13.49
CA GLY A 97 23.37 -25.10 -13.54
C GLY A 97 24.26 -26.00 -12.71
N PRO A 98 24.03 -27.32 -12.80
CA PRO A 98 24.82 -28.31 -12.05
C PRO A 98 26.25 -28.42 -12.56
N SER A 99 27.19 -28.58 -11.63
CA SER A 99 28.60 -28.70 -11.97
C SER A 99 29.42 -29.07 -10.74
N SER A 100 30.46 -29.87 -10.97
CA SER A 100 31.33 -30.31 -9.89
C SER A 100 32.54 -29.37 -9.74
N GLY A 101 33.23 -29.47 -8.61
CA GLY A 101 34.39 -28.63 -8.37
C GLY A 101 35.20 -29.09 -7.18
ZN ZN B . -11.19 8.55 9.01
ZN ZN C . 5.43 4.65 2.78
ZN ZN D . 25.69 -14.59 -5.86
N GLY A 1 -31.37 15.93 -3.90
CA GLY A 1 -30.29 16.84 -3.56
C GLY A 1 -29.04 16.12 -3.09
N SER A 2 -29.09 15.60 -1.87
CA SER A 2 -27.96 14.88 -1.30
C SER A 2 -27.88 13.46 -1.86
N SER A 3 -27.11 13.30 -2.93
CA SER A 3 -26.95 11.99 -3.57
C SER A 3 -25.68 11.31 -3.08
N GLY A 4 -25.85 10.39 -2.13
CA GLY A 4 -24.71 9.67 -1.59
C GLY A 4 -23.98 10.45 -0.50
N SER A 5 -23.25 9.74 0.35
CA SER A 5 -22.52 10.37 1.43
C SER A 5 -21.04 10.51 1.09
N SER A 6 -20.32 11.32 1.86
CA SER A 6 -18.90 11.54 1.63
C SER A 6 -18.11 11.35 2.92
N GLY A 7 -18.41 10.27 3.65
CA GLY A 7 -17.71 10.01 4.89
C GLY A 7 -16.39 9.31 4.68
N CYS A 8 -15.75 8.91 5.78
CA CYS A 8 -14.47 8.22 5.71
C CYS A 8 -14.67 6.71 5.59
N VAL A 9 -13.75 6.05 4.88
CA VAL A 9 -13.82 4.62 4.69
C VAL A 9 -12.91 3.89 5.67
N GLU A 10 -11.91 4.59 6.17
CA GLU A 10 -10.96 4.01 7.13
C GLU A 10 -11.61 3.82 8.49
N CYS A 11 -12.15 4.92 9.04
CA CYS A 11 -12.80 4.89 10.33
C CYS A 11 -14.32 4.77 10.19
N ARG A 12 -14.78 4.77 8.95
CA ARG A 12 -16.21 4.67 8.66
C ARG A 12 -16.99 5.73 9.42
N LYS A 13 -16.35 6.88 9.64
CA LYS A 13 -16.99 7.98 10.35
C LYS A 13 -17.33 9.12 9.39
N PRO A 14 -18.31 9.95 9.79
CA PRO A 14 -18.75 11.09 8.98
C PRO A 14 -17.72 12.20 8.92
N ILE A 15 -17.58 12.82 7.75
CA ILE A 15 -16.62 13.89 7.55
C ILE A 15 -17.32 15.24 7.42
N GLY A 16 -16.72 16.28 8.00
CA GLY A 16 -17.30 17.60 7.92
C GLY A 16 -16.64 18.47 6.87
N ALA A 17 -17.29 19.57 6.52
CA ALA A 17 -16.76 20.49 5.51
C ALA A 17 -15.49 21.18 6.02
N ASP A 18 -15.56 21.71 7.23
CA ASP A 18 -14.42 22.39 7.83
C ASP A 18 -13.22 21.46 7.92
N SER A 19 -13.47 20.19 8.20
CA SER A 19 -12.41 19.20 8.31
C SER A 19 -11.77 18.92 6.96
N LYS A 20 -10.44 18.98 6.91
CA LYS A 20 -9.71 18.74 5.68
C LYS A 20 -9.83 17.28 5.26
N GLU A 21 -10.64 17.02 4.24
CA GLU A 21 -10.84 15.66 3.73
C GLU A 21 -10.06 15.45 2.43
N VAL A 22 -9.70 14.20 2.18
CA VAL A 22 -8.96 13.86 0.96
C VAL A 22 -9.78 12.95 0.06
N HIS A 23 -10.32 13.53 -1.02
CA HIS A 23 -11.13 12.78 -1.97
C HIS A 23 -10.26 12.17 -3.06
N TYR A 24 -10.24 10.84 -3.12
CA TYR A 24 -9.45 10.14 -4.12
C TYR A 24 -10.07 8.78 -4.44
N LYS A 25 -10.31 8.53 -5.72
CA LYS A 25 -10.89 7.27 -6.17
C LYS A 25 -12.29 7.09 -5.59
N ASN A 26 -13.09 8.15 -5.61
CA ASN A 26 -14.45 8.11 -5.09
C ASN A 26 -14.45 7.74 -3.61
N ARG A 27 -13.41 8.14 -2.91
CA ARG A 27 -13.29 7.86 -1.48
C ARG A 27 -12.96 9.12 -0.69
N PHE A 28 -12.79 8.97 0.61
CA PHE A 28 -12.47 10.10 1.48
C PHE A 28 -11.77 9.63 2.76
N TRP A 29 -10.64 10.23 3.07
CA TRP A 29 -9.87 9.88 4.25
C TRP A 29 -9.59 11.11 5.10
N HIS A 30 -9.66 10.94 6.42
CA HIS A 30 -9.41 12.05 7.34
C HIS A 30 -7.96 12.49 7.27
N ASP A 31 -7.70 13.72 7.68
CA ASP A 31 -6.34 14.27 7.65
C ASP A 31 -5.39 13.37 8.43
N THR A 32 -5.94 12.57 9.35
CA THR A 32 -5.14 11.68 10.16
C THR A 32 -5.22 10.25 9.64
N CYS A 33 -6.22 9.98 8.79
CA CYS A 33 -6.42 8.65 8.22
C CYS A 33 -5.61 8.49 6.95
N PHE A 34 -5.72 9.46 6.04
CA PHE A 34 -4.99 9.43 4.78
C PHE A 34 -3.48 9.33 5.01
N ARG A 35 -2.96 8.11 4.96
CA ARG A 35 -1.52 7.89 5.17
C ARG A 35 -1.07 6.62 4.46
N CYS A 36 0.23 6.35 4.52
CA CYS A 36 0.80 5.17 3.88
C CYS A 36 0.39 3.90 4.62
N ALA A 37 0.65 2.76 4.00
CA ALA A 37 0.31 1.47 4.61
C ALA A 37 1.57 0.71 5.03
N LYS A 38 2.71 1.18 4.54
CA LYS A 38 3.99 0.54 4.87
C LYS A 38 4.72 1.32 5.97
N CYS A 39 4.82 2.62 5.79
CA CYS A 39 5.50 3.48 6.76
C CYS A 39 4.49 4.21 7.64
N LEU A 40 3.21 4.16 7.23
CA LEU A 40 2.15 4.80 7.99
C LEU A 40 2.38 6.30 8.08
N HIS A 41 2.66 6.93 6.93
CA HIS A 41 2.89 8.36 6.88
C HIS A 41 1.75 9.08 6.17
N PRO A 42 1.27 10.18 6.77
CA PRO A 42 0.18 10.97 6.21
C PRO A 42 0.59 11.73 4.95
N LEU A 43 0.04 11.33 3.81
CA LEU A 43 0.35 11.97 2.54
C LEU A 43 -0.55 13.18 2.31
N ALA A 44 -1.04 13.77 3.40
CA ALA A 44 -1.90 14.94 3.32
C ALA A 44 -1.22 16.08 2.56
N ASN A 45 0.02 16.36 2.93
CA ASN A 45 0.78 17.43 2.29
C ASN A 45 1.94 16.86 1.47
N GLU A 46 2.01 15.53 1.41
CA GLU A 46 3.06 14.85 0.65
C GLU A 46 2.48 14.09 -0.53
N THR A 47 3.36 13.58 -1.39
CA THR A 47 2.93 12.83 -2.57
C THR A 47 2.49 11.42 -2.18
N PHE A 48 1.69 10.81 -3.04
CA PHE A 48 1.21 9.45 -2.79
C PHE A 48 0.99 8.70 -4.10
N VAL A 49 0.91 7.37 -4.00
CA VAL A 49 0.72 6.54 -5.18
C VAL A 49 -0.25 5.39 -4.88
N ALA A 50 -1.16 5.14 -5.83
CA ALA A 50 -2.14 4.07 -5.67
C ALA A 50 -1.80 2.88 -6.56
N LYS A 51 -1.35 1.79 -5.94
CA LYS A 51 -0.99 0.58 -6.67
C LYS A 51 -1.43 -0.67 -5.92
N ASP A 52 -1.99 -1.63 -6.64
CA ASP A 52 -2.43 -2.88 -6.04
C ASP A 52 -3.53 -2.61 -5.00
N ASN A 53 -4.46 -1.73 -5.36
CA ASN A 53 -5.56 -1.38 -4.47
C ASN A 53 -5.06 -1.07 -3.06
N LYS A 54 -3.90 -0.43 -2.99
CA LYS A 54 -3.31 -0.07 -1.71
C LYS A 54 -2.62 1.30 -1.79
N ILE A 55 -2.77 2.09 -0.74
CA ILE A 55 -2.17 3.41 -0.68
C ILE A 55 -0.71 3.34 -0.23
N LEU A 56 0.17 4.04 -0.94
CA LEU A 56 1.59 4.05 -0.61
C LEU A 56 2.20 5.42 -0.88
N CYS A 57 3.38 5.65 -0.34
CA CYS A 57 4.07 6.92 -0.52
C CYS A 57 5.25 6.76 -1.47
N ASN A 58 5.83 7.89 -1.88
CA ASN A 58 6.99 7.88 -2.78
C ASN A 58 8.18 7.19 -2.13
N LYS A 59 8.44 7.53 -0.87
CA LYS A 59 9.56 6.94 -0.14
C LYS A 59 9.53 5.42 -0.22
N CYS A 60 8.33 4.85 -0.19
CA CYS A 60 8.17 3.40 -0.28
C CYS A 60 8.17 2.94 -1.73
N THR A 61 7.18 3.39 -2.49
CA THR A 61 7.08 3.02 -3.90
C THR A 61 8.44 2.94 -4.55
N THR A 62 9.26 3.96 -4.34
CA THR A 62 10.61 4.00 -4.90
C THR A 62 11.32 2.67 -4.73
N ARG A 63 12.02 2.23 -5.77
CA ARG A 63 12.75 0.97 -5.73
C ARG A 63 13.46 0.80 -4.39
N GLU A 64 13.22 -0.32 -3.73
CA GLU A 64 13.83 -0.61 -2.45
C GLU A 64 14.67 -1.88 -2.51
N ASP A 65 14.10 -2.94 -3.07
CA ASP A 65 14.79 -4.21 -3.20
C ASP A 65 16.09 -4.05 -3.99
N SER A 66 17.16 -3.71 -3.28
CA SER A 66 18.46 -3.51 -3.92
C SER A 66 18.68 -4.53 -5.04
N PRO A 67 19.56 -4.19 -5.99
CA PRO A 67 19.87 -5.06 -7.12
C PRO A 67 20.65 -6.30 -6.71
N LYS A 68 21.05 -7.10 -7.69
CA LYS A 68 21.80 -8.32 -7.42
C LYS A 68 22.67 -8.70 -8.62
N CYS A 69 23.75 -9.44 -8.36
CA CYS A 69 24.65 -9.87 -9.42
C CYS A 69 24.26 -11.24 -9.95
N LYS A 70 24.78 -11.59 -11.12
CA LYS A 70 24.49 -12.88 -11.74
C LYS A 70 25.73 -13.77 -11.75
N GLY A 71 26.90 -13.15 -11.83
CA GLY A 71 28.14 -13.89 -11.85
C GLY A 71 28.37 -14.68 -10.57
N CYS A 72 28.20 -14.02 -9.43
CA CYS A 72 28.38 -14.65 -8.14
C CYS A 72 27.05 -14.78 -7.40
N PHE A 73 26.05 -14.06 -7.89
CA PHE A 73 24.73 -14.08 -7.26
C PHE A 73 24.78 -13.53 -5.85
N LYS A 74 25.37 -12.35 -5.70
CA LYS A 74 25.48 -11.71 -4.39
C LYS A 74 24.86 -10.31 -4.41
N ALA A 75 24.22 -9.94 -3.31
CA ALA A 75 23.59 -8.63 -3.20
C ALA A 75 24.58 -7.52 -3.51
N ILE A 76 24.24 -6.68 -4.47
CA ILE A 76 25.10 -5.57 -4.86
C ILE A 76 24.92 -4.37 -3.92
N VAL A 77 25.98 -3.60 -3.75
CA VAL A 77 25.94 -2.43 -2.88
C VAL A 77 25.86 -1.14 -3.68
N ALA A 78 25.13 -0.17 -3.18
CA ALA A 78 24.98 1.12 -3.85
C ALA A 78 26.34 1.72 -4.18
N GLY A 79 27.17 1.90 -3.16
CA GLY A 79 28.49 2.47 -3.37
C GLY A 79 29.34 1.63 -4.29
N ASP A 80 29.21 0.31 -4.18
CA ASP A 80 29.98 -0.60 -5.02
C ASP A 80 29.63 -0.42 -6.49
N GLN A 81 30.64 -0.51 -7.35
CA GLN A 81 30.43 -0.36 -8.79
C GLN A 81 29.70 -1.56 -9.36
N ASN A 82 28.76 -1.29 -10.26
CA ASN A 82 27.97 -2.35 -10.89
C ASN A 82 27.84 -2.11 -12.39
N VAL A 83 27.70 -3.20 -13.15
CA VAL A 83 27.56 -3.10 -14.59
C VAL A 83 26.27 -3.75 -15.06
N GLU A 84 25.32 -2.92 -15.49
CA GLU A 84 24.03 -3.42 -15.97
C GLU A 84 24.10 -3.76 -17.46
N TYR A 85 23.86 -5.03 -17.78
CA TYR A 85 23.90 -5.48 -19.16
C TYR A 85 22.48 -5.59 -19.73
N LYS A 86 21.79 -4.46 -19.80
CA LYS A 86 20.44 -4.42 -20.33
C LYS A 86 19.47 -5.18 -19.43
N GLY A 87 19.69 -5.09 -18.12
CA GLY A 87 18.84 -5.77 -17.17
C GLY A 87 19.58 -6.13 -15.89
N THR A 88 20.38 -7.19 -15.96
CA THR A 88 21.14 -7.65 -14.80
C THR A 88 22.39 -6.81 -14.60
N VAL A 89 22.81 -6.67 -13.34
CA VAL A 89 24.00 -5.89 -13.02
C VAL A 89 25.10 -6.79 -12.46
N TRP A 90 26.19 -6.92 -13.21
CA TRP A 90 27.32 -7.74 -12.79
C TRP A 90 28.36 -6.90 -12.07
N HIS A 91 28.85 -7.42 -10.94
CA HIS A 91 29.86 -6.72 -10.15
C HIS A 91 31.03 -6.29 -11.03
N LYS A 92 31.37 -5.01 -10.96
CA LYS A 92 32.48 -4.48 -11.75
C LYS A 92 33.59 -5.50 -11.88
N ASP A 93 33.75 -6.35 -10.87
CA ASP A 93 34.78 -7.37 -10.89
C ASP A 93 34.35 -8.56 -11.74
N CYS A 94 33.24 -9.18 -11.37
CA CYS A 94 32.72 -10.34 -12.10
C CYS A 94 32.67 -10.05 -13.60
N PHE A 95 32.41 -8.79 -13.95
CA PHE A 95 32.33 -8.38 -15.34
C PHE A 95 33.72 -8.22 -15.94
N SER A 96 34.29 -9.33 -16.39
CA SER A 96 35.63 -9.31 -16.99
C SER A 96 35.55 -9.02 -18.48
N GLY A 97 35.34 -7.75 -18.82
CA GLY A 97 35.25 -7.36 -20.22
C GLY A 97 36.53 -6.74 -20.73
N PRO A 98 36.45 -5.46 -21.15
CA PRO A 98 37.60 -4.72 -21.67
C PRO A 98 38.62 -4.40 -20.58
N SER A 99 39.84 -4.92 -20.73
CA SER A 99 40.90 -4.70 -19.77
C SER A 99 42.24 -4.50 -20.47
N SER A 100 43.18 -3.90 -19.76
CA SER A 100 44.51 -3.65 -20.31
C SER A 100 45.59 -4.37 -19.50
N GLY A 101 45.51 -4.25 -18.18
CA GLY A 101 46.48 -4.90 -17.32
C GLY A 101 47.27 -3.90 -16.49
ZN ZN B . -11.13 8.61 9.00
ZN ZN C . 5.37 4.71 2.78
ZN ZN D . 29.18 -10.89 -8.82
N GLY A 1 -26.45 5.97 12.92
CA GLY A 1 -26.47 7.40 13.18
C GLY A 1 -27.11 8.19 12.05
N SER A 2 -26.31 8.56 11.05
CA SER A 2 -26.81 9.32 9.92
C SER A 2 -25.84 9.24 8.74
N SER A 3 -26.37 8.90 7.57
CA SER A 3 -25.55 8.78 6.37
C SER A 3 -25.09 10.16 5.90
N GLY A 4 -24.01 10.66 6.47
CA GLY A 4 -23.49 11.97 6.09
C GLY A 4 -23.11 12.03 4.63
N SER A 5 -23.46 13.14 3.98
CA SER A 5 -23.16 13.32 2.56
C SER A 5 -21.78 12.74 2.22
N SER A 6 -20.80 13.09 3.05
CA SER A 6 -19.43 12.62 2.83
C SER A 6 -18.88 11.95 4.09
N GLY A 7 -18.50 10.67 3.95
CA GLY A 7 -17.97 9.93 5.08
C GLY A 7 -16.61 9.36 4.80
N CYS A 8 -15.99 8.78 5.83
CA CYS A 8 -14.67 8.19 5.68
C CYS A 8 -14.76 6.72 5.28
N VAL A 9 -13.75 6.23 4.57
CA VAL A 9 -13.71 4.85 4.11
C VAL A 9 -12.91 3.97 5.07
N GLU A 10 -12.16 4.61 5.96
CA GLU A 10 -11.34 3.89 6.92
C GLU A 10 -12.08 3.71 8.23
N CYS A 11 -12.51 4.82 8.83
CA CYS A 11 -13.23 4.79 10.10
C CYS A 11 -14.73 4.86 9.86
N ARG A 12 -15.15 4.64 8.62
CA ARG A 12 -16.56 4.68 8.26
C ARG A 12 -17.31 5.69 9.13
N LYS A 13 -16.70 6.85 9.34
CA LYS A 13 -17.30 7.89 10.15
C LYS A 13 -17.58 9.15 9.32
N PRO A 14 -18.51 9.98 9.78
CA PRO A 14 -18.88 11.21 9.09
C PRO A 14 -17.77 12.26 9.15
N ILE A 15 -17.51 12.91 8.02
CA ILE A 15 -16.48 13.93 7.94
C ILE A 15 -17.10 15.33 7.90
N GLY A 16 -16.33 16.31 8.38
CA GLY A 16 -16.82 17.68 8.39
C GLY A 16 -16.11 18.55 7.36
N ALA A 17 -16.85 19.51 6.80
CA ALA A 17 -16.29 20.42 5.81
C ALA A 17 -15.02 21.09 6.32
N ASP A 18 -15.09 21.64 7.52
CA ASP A 18 -13.96 22.31 8.14
C ASP A 18 -12.75 21.38 8.21
N SER A 19 -13.01 20.09 8.40
CA SER A 19 -11.96 19.09 8.50
C SER A 19 -11.33 18.83 7.12
N LYS A 20 -10.03 18.61 7.11
CA LYS A 20 -9.32 18.35 5.86
C LYS A 20 -9.61 16.94 5.35
N GLU A 21 -10.45 16.85 4.32
CA GLU A 21 -10.80 15.56 3.74
C GLU A 21 -10.05 15.33 2.44
N VAL A 22 -9.75 14.06 2.15
CA VAL A 22 -9.04 13.69 0.95
C VAL A 22 -9.88 12.79 0.05
N HIS A 23 -10.43 13.37 -1.01
CA HIS A 23 -11.26 12.62 -1.94
C HIS A 23 -10.41 11.98 -3.04
N TYR A 24 -10.37 10.65 -3.05
CA TYR A 24 -9.60 9.92 -4.05
C TYR A 24 -10.19 8.54 -4.30
N LYS A 25 -10.19 8.12 -5.55
CA LYS A 25 -10.74 6.81 -5.93
C LYS A 25 -12.16 6.65 -5.43
N ASN A 26 -12.96 7.71 -5.56
CA ASN A 26 -14.34 7.68 -5.12
C ASN A 26 -14.43 7.39 -3.62
N ARG A 27 -13.39 7.77 -2.90
CA ARG A 27 -13.34 7.56 -1.45
C ARG A 27 -12.99 8.85 -0.71
N PHE A 28 -12.91 8.76 0.61
CA PHE A 28 -12.57 9.93 1.42
C PHE A 28 -11.92 9.50 2.74
N TRP A 29 -10.73 10.03 2.99
CA TRP A 29 -9.99 9.71 4.21
C TRP A 29 -9.76 10.96 5.05
N HIS A 30 -9.90 10.82 6.37
CA HIS A 30 -9.69 11.95 7.28
C HIS A 30 -8.27 12.48 7.18
N ASP A 31 -8.05 13.69 7.65
CA ASP A 31 -6.74 14.31 7.62
C ASP A 31 -5.73 13.49 8.42
N THR A 32 -6.23 12.55 9.20
CA THR A 32 -5.37 11.69 10.02
C THR A 32 -5.44 10.24 9.55
N CYS A 33 -6.46 9.92 8.77
CA CYS A 33 -6.64 8.57 8.25
C CYS A 33 -5.84 8.37 6.97
N PHE A 34 -5.81 9.40 6.13
CA PHE A 34 -5.08 9.34 4.87
C PHE A 34 -3.58 9.31 5.10
N ARG A 35 -3.00 8.11 5.03
CA ARG A 35 -1.56 7.94 5.23
C ARG A 35 -1.07 6.66 4.58
N CYS A 36 0.25 6.46 4.61
CA CYS A 36 0.85 5.27 4.01
C CYS A 36 0.43 4.01 4.76
N ALA A 37 0.73 2.86 4.18
CA ALA A 37 0.38 1.57 4.79
C ALA A 37 1.63 0.82 5.25
N LYS A 38 2.79 1.27 4.78
CA LYS A 38 4.06 0.65 5.15
C LYS A 38 4.74 1.42 6.28
N CYS A 39 4.87 2.73 6.09
CA CYS A 39 5.51 3.58 7.10
C CYS A 39 4.46 4.32 7.92
N LEU A 40 3.23 4.34 7.42
CA LEU A 40 2.14 5.03 8.11
C LEU A 40 2.38 6.53 8.17
N HIS A 41 2.60 7.14 7.01
CA HIS A 41 2.85 8.57 6.94
C HIS A 41 1.78 9.26 6.08
N PRO A 42 1.26 10.38 6.59
CA PRO A 42 0.23 11.16 5.89
C PRO A 42 0.78 11.85 4.64
N LEU A 43 0.10 11.64 3.51
CA LEU A 43 0.52 12.24 2.25
C LEU A 43 -0.31 13.48 1.94
N ALA A 44 -0.96 14.03 2.96
CA ALA A 44 -1.78 15.22 2.81
C ALA A 44 -1.04 16.29 2.03
N ASN A 45 0.07 16.77 2.59
CA ASN A 45 0.87 17.80 1.95
C ASN A 45 1.91 17.19 1.02
N GLU A 46 2.14 15.89 1.17
CA GLU A 46 3.12 15.18 0.36
C GLU A 46 2.43 14.44 -0.79
N THR A 47 3.23 13.75 -1.60
CA THR A 47 2.70 13.00 -2.73
C THR A 47 2.39 11.56 -2.34
N PHE A 48 1.42 10.97 -3.03
CA PHE A 48 1.04 9.59 -2.76
C PHE A 48 0.87 8.80 -4.05
N VAL A 49 0.88 7.48 -3.95
CA VAL A 49 0.73 6.62 -5.12
C VAL A 49 -0.26 5.50 -4.84
N ALA A 50 -1.16 5.27 -5.80
CA ALA A 50 -2.17 4.22 -5.66
C ALA A 50 -1.83 3.01 -6.53
N LYS A 51 -1.49 1.91 -5.88
CA LYS A 51 -1.13 0.68 -6.59
C LYS A 51 -1.73 -0.54 -5.90
N ASP A 52 -2.06 -1.55 -6.69
CA ASP A 52 -2.64 -2.78 -6.15
C ASP A 52 -3.71 -2.47 -5.11
N ASN A 53 -4.54 -1.47 -5.40
CA ASN A 53 -5.61 -1.08 -4.49
C ASN A 53 -5.06 -0.82 -3.10
N LYS A 54 -3.91 -0.15 -3.03
CA LYS A 54 -3.29 0.17 -1.75
C LYS A 54 -2.60 1.53 -1.81
N ILE A 55 -2.63 2.25 -0.69
CA ILE A 55 -2.00 3.56 -0.61
C ILE A 55 -0.57 3.46 -0.11
N LEU A 56 0.36 4.05 -0.87
CA LEU A 56 1.77 4.02 -0.50
C LEU A 56 2.43 5.36 -0.84
N CYS A 57 3.58 5.62 -0.20
CA CYS A 57 4.31 6.85 -0.43
C CYS A 57 5.54 6.60 -1.30
N ASN A 58 6.01 7.65 -1.97
CA ASN A 58 7.18 7.54 -2.84
C ASN A 58 8.31 6.81 -2.13
N LYS A 59 8.72 7.32 -0.97
CA LYS A 59 9.79 6.71 -0.20
C LYS A 59 9.68 5.20 -0.21
N CYS A 60 8.45 4.70 -0.07
CA CYS A 60 8.21 3.26 -0.06
C CYS A 60 8.23 2.69 -1.48
N THR A 61 7.31 3.16 -2.31
CA THR A 61 7.21 2.70 -3.69
C THR A 61 8.59 2.59 -4.32
N THR A 62 9.55 3.35 -3.79
CA THR A 62 10.91 3.35 -4.30
C THR A 62 11.74 2.24 -3.65
N ARG A 63 12.15 1.26 -4.45
CA ARG A 63 12.94 0.15 -3.95
C ARG A 63 13.85 -0.41 -5.04
N GLU A 64 14.82 -1.23 -4.65
CA GLU A 64 15.74 -1.83 -5.60
C GLU A 64 15.03 -2.87 -6.47
N ASP A 65 15.58 -3.10 -7.65
CA ASP A 65 15.01 -4.07 -8.58
C ASP A 65 15.32 -5.49 -8.15
N SER A 66 14.73 -5.92 -7.04
CA SER A 66 14.95 -7.26 -6.51
C SER A 66 14.01 -8.27 -7.17
N PRO A 67 14.38 -9.55 -7.10
CA PRO A 67 13.58 -10.64 -7.69
C PRO A 67 12.28 -10.87 -6.94
N LYS A 68 11.29 -11.38 -7.64
CA LYS A 68 9.99 -11.65 -7.04
C LYS A 68 9.43 -12.99 -7.53
N CYS A 69 9.00 -13.83 -6.59
CA CYS A 69 8.44 -15.14 -6.93
C CYS A 69 7.16 -14.99 -7.74
N LYS A 70 6.74 -16.08 -8.38
CA LYS A 70 5.52 -16.07 -9.17
C LYS A 70 4.44 -16.93 -8.52
N GLY A 71 4.86 -17.93 -7.77
CA GLY A 71 3.91 -18.81 -7.10
C GLY A 71 3.23 -18.14 -5.93
N CYS A 72 4.00 -17.40 -5.14
CA CYS A 72 3.46 -16.70 -3.98
C CYS A 72 3.47 -15.20 -4.20
N PHE A 73 4.36 -14.73 -5.07
CA PHE A 73 4.47 -13.31 -5.38
C PHE A 73 5.10 -12.56 -4.21
N LYS A 74 6.16 -13.13 -3.65
CA LYS A 74 6.85 -12.52 -2.53
C LYS A 74 8.29 -12.16 -2.91
N ALA A 75 8.83 -11.14 -2.25
CA ALA A 75 10.20 -10.69 -2.51
C ALA A 75 11.19 -11.82 -2.26
N ILE A 76 11.89 -12.24 -3.31
CA ILE A 76 12.88 -13.30 -3.21
C ILE A 76 14.22 -12.77 -2.73
N VAL A 77 15.04 -13.64 -2.14
CA VAL A 77 16.35 -13.25 -1.66
C VAL A 77 17.44 -14.11 -2.25
N ALA A 78 18.60 -13.52 -2.51
CA ALA A 78 19.73 -14.24 -3.08
C ALA A 78 20.07 -15.48 -2.24
N GLY A 79 20.23 -15.27 -0.94
CA GLY A 79 20.56 -16.37 -0.05
C GLY A 79 19.49 -17.44 -0.04
N ASP A 80 18.23 -17.01 -0.04
CA ASP A 80 17.11 -17.94 -0.02
C ASP A 80 17.28 -19.02 -1.09
N GLN A 81 16.38 -20.01 -1.07
CA GLN A 81 16.44 -21.10 -2.04
C GLN A 81 15.32 -20.97 -3.08
N ASN A 82 15.64 -20.31 -4.19
CA ASN A 82 14.66 -20.12 -5.25
C ASN A 82 14.93 -21.05 -6.43
N VAL A 83 13.92 -21.26 -7.26
CA VAL A 83 14.05 -22.14 -8.43
C VAL A 83 13.80 -21.37 -9.72
N GLU A 84 14.87 -21.10 -10.45
CA GLU A 84 14.77 -20.37 -11.72
C GLU A 84 14.53 -21.32 -12.88
N TYR A 85 13.58 -20.98 -13.74
CA TYR A 85 13.26 -21.81 -14.90
C TYR A 85 13.28 -20.98 -16.18
N LYS A 86 12.24 -20.17 -16.37
CA LYS A 86 12.14 -19.33 -17.56
C LYS A 86 11.94 -17.86 -17.16
N GLY A 87 13.06 -17.16 -16.95
CA GLY A 87 12.99 -15.76 -16.58
C GLY A 87 12.59 -15.57 -15.12
N THR A 88 11.56 -16.28 -14.69
CA THR A 88 11.09 -16.18 -13.32
C THR A 88 11.56 -17.36 -12.49
N VAL A 89 11.72 -17.13 -11.18
CA VAL A 89 12.17 -18.18 -10.27
C VAL A 89 11.15 -18.42 -9.16
N TRP A 90 10.74 -19.67 -9.01
CA TRP A 90 9.77 -20.04 -7.97
C TRP A 90 10.46 -20.66 -6.77
N HIS A 91 10.11 -20.19 -5.58
CA HIS A 91 10.70 -20.70 -4.35
C HIS A 91 10.86 -22.21 -4.42
N LYS A 92 11.72 -22.75 -3.55
CA LYS A 92 11.97 -24.18 -3.51
C LYS A 92 10.77 -24.93 -2.92
N ASP A 93 9.72 -24.19 -2.62
CA ASP A 93 8.50 -24.78 -2.06
C ASP A 93 7.30 -24.55 -2.98
N CYS A 94 7.30 -23.41 -3.66
CA CYS A 94 6.22 -23.07 -4.57
C CYS A 94 6.23 -23.97 -5.81
N PHE A 95 7.43 -24.21 -6.33
CA PHE A 95 7.58 -25.06 -7.51
C PHE A 95 7.12 -26.48 -7.23
N SER A 96 6.02 -26.87 -7.87
CA SER A 96 5.48 -28.21 -7.69
C SER A 96 5.30 -28.92 -9.02
N GLY A 97 6.37 -29.52 -9.51
CA GLY A 97 6.32 -30.23 -10.78
C GLY A 97 6.66 -31.70 -10.65
N PRO A 98 7.17 -32.29 -11.73
CA PRO A 98 7.56 -33.71 -11.75
C PRO A 98 8.78 -33.99 -10.90
N SER A 99 8.85 -35.21 -10.36
CA SER A 99 9.98 -35.60 -9.51
C SER A 99 11.00 -36.40 -10.31
N SER A 100 12.23 -36.43 -9.82
CA SER A 100 13.31 -37.16 -10.49
C SER A 100 13.79 -38.32 -9.62
N GLY A 101 14.69 -39.12 -10.19
CA GLY A 101 15.22 -40.26 -9.47
C GLY A 101 16.69 -40.11 -9.12
ZN ZN B . -11.32 8.45 8.97
ZN ZN C . 5.46 4.93 3.07
ZN ZN D . 7.03 -18.37 -3.85
N GLY A 1 -33.64 12.62 0.32
CA GLY A 1 -32.62 11.59 0.29
C GLY A 1 -31.85 11.50 1.59
N SER A 2 -31.41 10.29 1.93
CA SER A 2 -30.66 10.07 3.16
C SER A 2 -29.16 10.27 2.94
N SER A 3 -28.65 9.67 1.86
CA SER A 3 -27.24 9.79 1.54
C SER A 3 -26.86 11.23 1.23
N GLY A 4 -25.57 11.53 1.31
CA GLY A 4 -25.11 12.88 1.03
C GLY A 4 -23.79 13.20 1.73
N SER A 5 -23.88 13.58 3.00
CA SER A 5 -22.69 13.92 3.78
C SER A 5 -21.58 12.90 3.53
N SER A 6 -20.51 13.36 2.89
CA SER A 6 -19.37 12.49 2.59
C SER A 6 -18.79 11.90 3.87
N GLY A 7 -18.51 10.60 3.86
CA GLY A 7 -17.95 9.95 5.03
C GLY A 7 -16.54 9.43 4.77
N CYS A 8 -15.98 8.78 5.78
CA CYS A 8 -14.64 8.22 5.67
C CYS A 8 -14.68 6.71 5.44
N VAL A 9 -13.72 6.20 4.68
CA VAL A 9 -13.65 4.77 4.40
C VAL A 9 -12.70 4.06 5.34
N GLU A 10 -12.00 4.85 6.16
CA GLU A 10 -11.05 4.30 7.12
C GLU A 10 -11.74 3.96 8.44
N CYS A 11 -12.38 4.95 9.03
CA CYS A 11 -13.08 4.76 10.31
C CYS A 11 -14.59 4.73 10.09
N ARG A 12 -15.00 4.58 8.84
CA ARG A 12 -16.41 4.54 8.50
C ARG A 12 -17.19 5.61 9.26
N LYS A 13 -16.56 6.74 9.50
CA LYS A 13 -17.19 7.84 10.23
C LYS A 13 -17.42 9.03 9.31
N PRO A 14 -18.42 9.87 9.67
CA PRO A 14 -18.76 11.06 8.89
C PRO A 14 -17.70 12.14 8.97
N ILE A 15 -17.46 12.83 7.86
CA ILE A 15 -16.47 13.90 7.82
C ILE A 15 -17.14 15.27 7.77
N GLY A 16 -16.51 16.25 8.43
CA GLY A 16 -17.06 17.59 8.45
C GLY A 16 -16.56 18.44 7.31
N ALA A 17 -17.41 19.32 6.81
CA ALA A 17 -17.06 20.19 5.70
C ALA A 17 -15.81 21.01 6.03
N ASP A 18 -15.78 21.58 7.23
CA ASP A 18 -14.64 22.38 7.66
C ASP A 18 -13.38 21.53 7.76
N SER A 19 -13.54 20.29 8.20
CA SER A 19 -12.41 19.38 8.34
C SER A 19 -11.81 19.04 6.98
N LYS A 20 -10.54 19.39 6.81
CA LYS A 20 -9.84 19.13 5.55
C LYS A 20 -9.78 17.64 5.26
N GLU A 21 -10.60 17.19 4.31
CA GLU A 21 -10.64 15.78 3.95
C GLU A 21 -9.86 15.53 2.66
N VAL A 22 -9.61 14.26 2.36
CA VAL A 22 -8.87 13.89 1.15
C VAL A 22 -9.73 13.03 0.23
N HIS A 23 -10.23 13.64 -0.85
CA HIS A 23 -11.06 12.93 -1.80
C HIS A 23 -10.21 12.36 -2.94
N TYR A 24 -10.17 11.03 -3.02
CA TYR A 24 -9.40 10.36 -4.06
C TYR A 24 -10.00 9.00 -4.39
N LYS A 25 -9.92 8.62 -5.65
CA LYS A 25 -10.45 7.34 -6.11
C LYS A 25 -11.89 7.15 -5.62
N ASN A 26 -12.69 8.21 -5.72
CA ASN A 26 -14.08 8.16 -5.29
C ASN A 26 -14.18 7.79 -3.82
N ARG A 27 -13.16 8.14 -3.05
CA ARG A 27 -13.13 7.85 -1.62
C ARG A 27 -12.80 9.10 -0.81
N PHE A 28 -12.77 8.96 0.51
CA PHE A 28 -12.47 10.07 1.40
C PHE A 28 -11.82 9.58 2.69
N TRP A 29 -10.69 10.17 3.03
CA TRP A 29 -9.96 9.79 4.23
C TRP A 29 -9.72 11.01 5.13
N HIS A 30 -9.84 10.81 6.43
CA HIS A 30 -9.63 11.89 7.39
C HIS A 30 -8.18 12.39 7.34
N ASP A 31 -7.97 13.60 7.84
CA ASP A 31 -6.63 14.19 7.86
C ASP A 31 -5.67 13.33 8.67
N THR A 32 -6.22 12.44 9.48
CA THR A 32 -5.42 11.56 10.32
C THR A 32 -5.46 10.11 9.80
N CYS A 33 -6.40 9.85 8.90
CA CYS A 33 -6.55 8.51 8.34
C CYS A 33 -5.69 8.35 7.09
N PHE A 34 -5.80 9.31 6.17
CA PHE A 34 -5.03 9.27 4.93
C PHE A 34 -3.53 9.19 5.22
N ARG A 35 -2.97 7.99 5.10
CA ARG A 35 -1.55 7.78 5.35
C ARG A 35 -1.07 6.49 4.69
N CYS A 36 0.24 6.39 4.48
CA CYS A 36 0.83 5.22 3.86
C CYS A 36 0.42 3.95 4.60
N ALA A 37 0.73 2.80 4.01
CA ALA A 37 0.40 1.51 4.61
C ALA A 37 1.65 0.79 5.08
N LYS A 38 2.80 1.23 4.57
CA LYS A 38 4.08 0.62 4.94
C LYS A 38 4.76 1.41 6.05
N CYS A 39 4.87 2.72 5.87
CA CYS A 39 5.50 3.58 6.85
C CYS A 39 4.44 4.31 7.69
N LEU A 40 3.20 4.24 7.25
CA LEU A 40 2.10 4.89 7.96
C LEU A 40 2.35 6.38 8.11
N HIS A 41 2.62 7.04 6.98
CA HIS A 41 2.88 8.48 6.99
C HIS A 41 1.75 9.25 6.31
N PRO A 42 1.41 10.42 6.84
CA PRO A 42 0.36 11.27 6.30
C PRO A 42 0.73 11.87 4.94
N LEU A 43 0.05 11.43 3.89
CA LEU A 43 0.32 11.93 2.55
C LEU A 43 -0.55 13.15 2.24
N ALA A 44 -0.98 13.84 3.29
CA ALA A 44 -1.81 15.03 3.14
C ALA A 44 -1.07 16.12 2.36
N ASN A 45 0.19 16.34 2.71
CA ASN A 45 1.00 17.35 2.04
C ASN A 45 2.13 16.70 1.24
N GLU A 46 2.11 15.37 1.19
CA GLU A 46 3.13 14.63 0.45
C GLU A 46 2.50 13.85 -0.70
N THR A 47 3.33 13.48 -1.68
CA THR A 47 2.85 12.73 -2.84
C THR A 47 2.57 11.28 -2.47
N PHE A 48 1.65 10.65 -3.20
CA PHE A 48 1.29 9.27 -2.95
C PHE A 48 1.04 8.53 -4.26
N VAL A 49 0.93 7.21 -4.18
CA VAL A 49 0.69 6.38 -5.36
C VAL A 49 -0.29 5.25 -5.06
N ALA A 50 -1.26 5.06 -5.95
CA ALA A 50 -2.26 4.01 -5.77
C ALA A 50 -1.90 2.76 -6.58
N LYS A 51 -1.50 1.71 -5.89
CA LYS A 51 -1.12 0.46 -6.54
C LYS A 51 -1.61 -0.74 -5.73
N ASP A 52 -2.07 -1.78 -6.43
CA ASP A 52 -2.55 -2.99 -5.78
C ASP A 52 -3.64 -2.65 -4.75
N ASN A 53 -4.51 -1.71 -5.11
CA ASN A 53 -5.60 -1.30 -4.22
C ASN A 53 -5.06 -0.94 -2.85
N LYS A 54 -3.86 -0.34 -2.82
CA LYS A 54 -3.24 0.07 -1.57
C LYS A 54 -2.55 1.42 -1.71
N ILE A 55 -2.65 2.25 -0.68
CA ILE A 55 -2.04 3.57 -0.69
C ILE A 55 -0.59 3.51 -0.21
N LEU A 56 0.31 4.07 -1.00
CA LEU A 56 1.73 4.08 -0.65
C LEU A 56 2.37 5.42 -1.00
N CYS A 57 3.49 5.72 -0.36
CA CYS A 57 4.20 6.97 -0.60
C CYS A 57 5.39 6.76 -1.54
N ASN A 58 5.81 7.82 -2.20
CA ASN A 58 6.94 7.75 -3.12
C ASN A 58 8.13 7.07 -2.47
N LYS A 59 8.45 7.48 -1.25
CA LYS A 59 9.58 6.91 -0.52
C LYS A 59 9.53 5.39 -0.56
N CYS A 60 8.37 4.83 -0.25
CA CYS A 60 8.19 3.38 -0.25
C CYS A 60 8.20 2.84 -1.67
N THR A 61 7.25 3.29 -2.48
CA THR A 61 7.15 2.85 -3.87
C THR A 61 8.53 2.67 -4.49
N THR A 62 9.44 3.58 -4.18
CA THR A 62 10.81 3.51 -4.71
C THR A 62 11.41 2.14 -4.50
N ARG A 63 12.13 1.65 -5.51
CA ARG A 63 12.77 0.35 -5.43
C ARG A 63 13.60 0.21 -4.16
N GLU A 64 13.28 -0.79 -3.35
CA GLU A 64 13.99 -1.01 -2.10
C GLU A 64 14.56 -2.43 -2.06
N ASP A 65 15.43 -2.68 -1.09
CA ASP A 65 16.04 -3.99 -0.94
C ASP A 65 15.01 -5.03 -0.47
N SER A 66 14.08 -5.37 -1.36
CA SER A 66 13.03 -6.33 -1.04
C SER A 66 12.87 -7.34 -2.17
N PRO A 67 12.33 -8.52 -1.83
CA PRO A 67 12.11 -9.59 -2.80
C PRO A 67 10.99 -9.26 -3.78
N LYS A 68 10.78 -10.14 -4.75
CA LYS A 68 9.73 -9.94 -5.75
C LYS A 68 8.93 -11.21 -5.98
N CYS A 69 7.76 -11.08 -6.58
CA CYS A 69 6.90 -12.23 -6.85
C CYS A 69 6.93 -12.60 -8.32
N LYS A 70 6.44 -13.79 -8.64
CA LYS A 70 6.41 -14.26 -10.02
C LYS A 70 4.98 -14.42 -10.52
N GLY A 71 4.07 -14.73 -9.59
CA GLY A 71 2.68 -14.91 -9.95
C GLY A 71 2.03 -13.62 -10.41
N CYS A 72 2.43 -12.50 -9.80
CA CYS A 72 1.89 -11.21 -10.16
C CYS A 72 2.99 -10.24 -10.58
N PHE A 73 4.20 -10.48 -10.07
CA PHE A 73 5.34 -9.65 -10.39
C PHE A 73 5.26 -8.31 -9.64
N LYS A 74 4.95 -8.39 -8.34
CA LYS A 74 4.85 -7.20 -7.51
C LYS A 74 5.77 -7.29 -6.30
N ALA A 75 6.17 -6.14 -5.78
CA ALA A 75 7.04 -6.09 -4.61
C ALA A 75 6.41 -6.80 -3.41
N ILE A 76 7.08 -7.85 -2.95
CA ILE A 76 6.58 -8.62 -1.81
C ILE A 76 7.00 -7.97 -0.48
N VAL A 77 6.14 -8.08 0.51
CA VAL A 77 6.42 -7.52 1.83
C VAL A 77 6.83 -8.60 2.82
N ALA A 78 7.73 -8.25 3.73
CA ALA A 78 8.21 -9.20 4.73
C ALA A 78 7.07 -9.63 5.65
N GLY A 79 6.33 -8.65 6.18
CA GLY A 79 5.23 -8.97 7.07
C GLY A 79 3.98 -9.37 6.32
N ASP A 80 4.14 -10.23 5.33
CA ASP A 80 3.01 -10.71 4.53
C ASP A 80 3.18 -12.17 4.16
N GLN A 81 2.13 -12.96 4.35
CA GLN A 81 2.16 -14.38 4.04
C GLN A 81 2.66 -14.61 2.62
N ASN A 82 3.81 -15.28 2.50
CA ASN A 82 4.40 -15.57 1.20
C ASN A 82 4.91 -17.00 1.14
N VAL A 83 5.10 -17.51 -0.07
CA VAL A 83 5.59 -18.87 -0.27
C VAL A 83 6.90 -18.88 -1.06
N GLU A 84 7.99 -19.18 -0.38
CA GLU A 84 9.31 -19.22 -1.02
C GLU A 84 9.64 -20.64 -1.48
N TYR A 85 9.92 -20.78 -2.77
CA TYR A 85 10.24 -22.09 -3.34
C TYR A 85 11.28 -21.95 -4.45
N LYS A 86 12.32 -22.77 -4.40
CA LYS A 86 13.38 -22.73 -5.40
C LYS A 86 13.85 -21.31 -5.65
N GLY A 87 14.03 -20.55 -4.57
CA GLY A 87 14.46 -19.16 -4.71
C GLY A 87 13.32 -18.21 -4.93
N THR A 88 12.43 -18.54 -5.86
CA THR A 88 11.28 -17.71 -6.17
C THR A 88 10.18 -17.87 -5.14
N VAL A 89 9.73 -16.75 -4.58
CA VAL A 89 8.67 -16.77 -3.58
C VAL A 89 7.37 -16.19 -4.13
N TRP A 90 6.32 -17.00 -4.15
CA TRP A 90 5.02 -16.56 -4.65
C TRP A 90 4.08 -16.20 -3.49
N HIS A 91 3.37 -15.09 -3.64
CA HIS A 91 2.44 -14.64 -2.61
C HIS A 91 1.54 -15.78 -2.16
N LYS A 92 1.28 -15.83 -0.85
CA LYS A 92 0.43 -16.87 -0.29
C LYS A 92 -0.79 -17.12 -1.16
N ASP A 93 -1.26 -16.07 -1.81
CA ASP A 93 -2.43 -16.17 -2.68
C ASP A 93 -2.03 -16.70 -4.07
N CYS A 94 -0.97 -16.14 -4.62
CA CYS A 94 -0.48 -16.55 -5.93
C CYS A 94 -0.15 -18.04 -5.95
N PHE A 95 0.49 -18.51 -4.88
CA PHE A 95 0.86 -19.92 -4.77
C PHE A 95 -0.36 -20.78 -4.46
N SER A 96 -1.15 -21.06 -5.48
CA SER A 96 -2.35 -21.88 -5.32
C SER A 96 -2.05 -23.35 -5.58
N GLY A 97 -0.95 -23.84 -5.01
CA GLY A 97 -0.57 -25.22 -5.21
C GLY A 97 0.48 -25.39 -6.29
N PRO A 98 0.18 -26.24 -7.28
CA PRO A 98 1.09 -26.51 -8.40
C PRO A 98 1.22 -25.31 -9.34
N SER A 99 2.45 -25.08 -9.80
CA SER A 99 2.72 -23.96 -10.71
C SER A 99 3.75 -24.35 -11.76
N SER A 100 3.94 -23.47 -12.74
CA SER A 100 4.89 -23.73 -13.82
C SER A 100 5.64 -22.44 -14.19
N GLY A 101 6.95 -22.55 -14.36
CA GLY A 101 7.75 -21.39 -14.73
C GLY A 101 9.04 -21.78 -15.41
ZN ZN B . -11.34 8.15 8.98
ZN ZN C . 5.41 4.87 2.85
ZN ZN D . 2.19 -12.54 -6.47
N GLY A 1 -23.07 15.13 -8.75
CA GLY A 1 -23.12 16.31 -7.91
C GLY A 1 -23.10 15.97 -6.43
N SER A 2 -23.12 16.99 -5.59
CA SER A 2 -23.09 16.79 -4.15
C SER A 2 -24.46 16.37 -3.62
N SER A 3 -24.58 15.12 -3.22
CA SER A 3 -25.84 14.59 -2.71
C SER A 3 -25.90 14.72 -1.18
N GLY A 4 -24.87 14.23 -0.51
CA GLY A 4 -24.82 14.30 0.94
C GLY A 4 -24.50 12.96 1.58
N SER A 5 -23.50 12.28 1.03
CA SER A 5 -23.10 10.98 1.55
C SER A 5 -21.57 10.89 1.67
N SER A 6 -20.97 11.98 2.14
CA SER A 6 -19.51 12.02 2.31
C SER A 6 -19.10 11.47 3.67
N GLY A 7 -18.12 10.58 3.67
CA GLY A 7 -17.65 9.99 4.91
C GLY A 7 -16.32 9.27 4.74
N CYS A 8 -15.73 8.86 5.86
CA CYS A 8 -14.45 8.16 5.84
C CYS A 8 -14.66 6.65 5.69
N VAL A 9 -13.75 6.01 4.97
CA VAL A 9 -13.83 4.56 4.75
C VAL A 9 -12.92 3.81 5.72
N GLU A 10 -11.95 4.53 6.29
CA GLU A 10 -11.01 3.93 7.22
C GLU A 10 -11.64 3.82 8.61
N CYS A 11 -12.16 4.94 9.12
CA CYS A 11 -12.78 4.97 10.43
C CYS A 11 -14.29 4.80 10.32
N ARG A 12 -14.80 4.88 9.10
CA ARG A 12 -16.22 4.74 8.85
C ARG A 12 -17.02 5.84 9.57
N LYS A 13 -16.38 6.99 9.74
CA LYS A 13 -17.01 8.12 10.40
C LYS A 13 -17.33 9.23 9.42
N PRO A 14 -18.35 10.05 9.74
CA PRO A 14 -18.77 11.16 8.89
C PRO A 14 -17.75 12.30 8.86
N ILE A 15 -17.56 12.88 7.69
CA ILE A 15 -16.61 13.98 7.52
C ILE A 15 -17.33 15.31 7.34
N GLY A 16 -16.83 16.35 8.01
CA GLY A 16 -17.44 17.66 7.89
C GLY A 16 -16.78 18.51 6.82
N ALA A 17 -17.51 19.52 6.35
CA ALA A 17 -17.00 20.41 5.32
C ALA A 17 -15.76 21.17 5.81
N ASP A 18 -15.84 21.71 7.02
CA ASP A 18 -14.73 22.46 7.61
C ASP A 18 -13.48 21.60 7.66
N SER A 19 -13.65 20.31 7.95
CA SER A 19 -12.53 19.38 8.05
C SER A 19 -11.92 19.12 6.67
N LYS A 20 -10.60 19.08 6.60
CA LYS A 20 -9.90 18.84 5.35
C LYS A 20 -9.93 17.36 4.99
N GLU A 21 -10.79 17.00 4.04
CA GLU A 21 -10.92 15.62 3.60
C GLU A 21 -10.16 15.39 2.31
N VAL A 22 -9.68 14.16 2.11
CA VAL A 22 -8.93 13.81 0.91
C VAL A 22 -9.77 12.92 -0.01
N HIS A 23 -10.25 13.51 -1.11
CA HIS A 23 -11.06 12.77 -2.07
C HIS A 23 -10.18 12.10 -3.13
N TYR A 24 -10.17 10.78 -3.14
CA TYR A 24 -9.37 10.03 -4.10
C TYR A 24 -9.99 8.67 -4.38
N LYS A 25 -10.06 8.31 -5.66
CA LYS A 25 -10.62 7.02 -6.07
C LYS A 25 -12.05 6.87 -5.54
N ASN A 26 -12.84 7.93 -5.66
CA ASN A 26 -14.22 7.92 -5.19
C ASN A 26 -14.29 7.60 -3.70
N ARG A 27 -13.27 8.03 -2.96
CA ARG A 27 -13.22 7.79 -1.52
C ARG A 27 -12.89 9.08 -0.77
N PHE A 28 -12.81 8.97 0.56
CA PHE A 28 -12.51 10.13 1.40
C PHE A 28 -11.87 9.69 2.71
N TRP A 29 -10.69 10.25 3.00
CA TRP A 29 -9.97 9.92 4.22
C TRP A 29 -9.69 11.17 5.04
N HIS A 30 -9.74 11.02 6.36
CA HIS A 30 -9.49 12.15 7.27
C HIS A 30 -8.05 12.62 7.14
N ASP A 31 -7.81 13.86 7.58
CA ASP A 31 -6.48 14.44 7.52
C ASP A 31 -5.51 13.69 8.44
N THR A 32 -6.04 12.70 9.16
CA THR A 32 -5.23 11.91 10.07
C THR A 32 -5.28 10.43 9.71
N CYS A 33 -6.25 10.07 8.89
CA CYS A 33 -6.40 8.68 8.46
C CYS A 33 -5.56 8.39 7.22
N PHE A 34 -5.67 9.27 6.22
CA PHE A 34 -4.91 9.11 4.98
C PHE A 34 -3.42 9.01 5.26
N ARG A 35 -2.87 7.82 5.11
CA ARG A 35 -1.45 7.59 5.35
C ARG A 35 -0.94 6.37 4.57
N CYS A 36 0.36 6.16 4.61
CA CYS A 36 0.97 5.03 3.90
C CYS A 36 0.60 3.71 4.56
N ALA A 37 0.90 2.61 3.88
CA ALA A 37 0.60 1.28 4.40
C ALA A 37 1.87 0.54 4.79
N LYS A 38 3.01 1.04 4.32
CA LYS A 38 4.30 0.43 4.62
C LYS A 38 4.98 1.14 5.78
N CYS A 39 5.05 2.46 5.69
CA CYS A 39 5.69 3.26 6.73
C CYS A 39 4.64 3.95 7.61
N LEU A 40 3.38 3.90 7.16
CA LEU A 40 2.29 4.51 7.89
C LEU A 40 2.51 6.01 8.07
N HIS A 41 2.76 6.70 6.96
CA HIS A 41 2.99 8.14 7.00
C HIS A 41 1.89 8.89 6.25
N PRO A 42 1.36 9.96 6.88
CA PRO A 42 0.29 10.77 6.30
C PRO A 42 0.78 11.60 5.10
N LEU A 43 0.20 11.34 3.94
CA LEU A 43 0.58 12.05 2.72
C LEU A 43 -0.36 13.22 2.47
N ALA A 44 -0.94 13.74 3.54
CA ALA A 44 -1.86 14.88 3.44
C ALA A 44 -1.17 16.09 2.82
N ASN A 45 0.05 16.36 3.27
CA ASN A 45 0.81 17.49 2.76
C ASN A 45 1.88 17.03 1.76
N GLU A 46 2.13 15.72 1.75
CA GLU A 46 3.13 15.14 0.85
C GLU A 46 2.46 14.39 -0.29
N THR A 47 3.26 13.86 -1.20
CA THR A 47 2.75 13.10 -2.34
C THR A 47 2.49 11.66 -1.96
N PHE A 48 1.72 10.96 -2.80
CA PHE A 48 1.38 9.57 -2.56
C PHE A 48 1.13 8.83 -3.88
N VAL A 49 0.95 7.52 -3.79
CA VAL A 49 0.69 6.70 -4.96
C VAL A 49 -0.30 5.58 -4.65
N ALA A 50 -1.22 5.34 -5.57
CA ALA A 50 -2.22 4.29 -5.40
C ALA A 50 -1.98 3.14 -6.36
N LYS A 51 -1.58 1.99 -5.83
CA LYS A 51 -1.32 0.81 -6.64
C LYS A 51 -1.80 -0.46 -5.93
N ASP A 52 -2.30 -1.41 -6.72
CA ASP A 52 -2.80 -2.67 -6.17
C ASP A 52 -3.84 -2.41 -5.08
N ASN A 53 -4.73 -1.47 -5.34
CA ASN A 53 -5.78 -1.13 -4.38
C ASN A 53 -5.18 -0.89 -2.99
N LYS A 54 -3.99 -0.32 -2.95
CA LYS A 54 -3.32 -0.04 -1.70
C LYS A 54 -2.65 1.33 -1.73
N ILE A 55 -2.76 2.06 -0.62
CA ILE A 55 -2.16 3.39 -0.53
C ILE A 55 -0.70 3.31 -0.09
N LEU A 56 0.17 3.98 -0.83
CA LEU A 56 1.60 3.99 -0.51
C LEU A 56 2.21 5.35 -0.82
N CYS A 57 3.43 5.56 -0.33
CA CYS A 57 4.14 6.83 -0.55
C CYS A 57 5.27 6.65 -1.55
N ASN A 58 5.73 7.77 -2.11
CA ASN A 58 6.81 7.73 -3.09
C ASN A 58 8.03 7.01 -2.52
N LYS A 59 8.54 7.51 -1.40
CA LYS A 59 9.71 6.91 -0.76
C LYS A 59 9.60 5.39 -0.75
N CYS A 60 8.39 4.88 -0.55
CA CYS A 60 8.16 3.45 -0.52
C CYS A 60 8.18 2.86 -1.93
N THR A 61 7.12 3.12 -2.69
CA THR A 61 7.01 2.62 -4.05
C THR A 61 8.35 2.68 -4.77
N THR A 62 9.05 3.80 -4.60
CA THR A 62 10.36 3.98 -5.23
C THR A 62 11.48 3.63 -4.28
N ARG A 63 12.28 2.63 -4.64
CA ARG A 63 13.40 2.19 -3.82
C ARG A 63 14.39 1.39 -4.65
N GLU A 64 15.65 1.37 -4.19
CA GLU A 64 16.70 0.64 -4.89
C GLU A 64 17.43 -0.30 -3.93
N ASP A 65 16.70 -0.90 -3.01
CA ASP A 65 17.27 -1.82 -2.03
C ASP A 65 17.05 -3.27 -2.45
N SER A 66 17.99 -3.82 -3.22
CA SER A 66 17.89 -5.19 -3.68
C SER A 66 19.18 -5.96 -3.39
N PRO A 67 19.04 -7.15 -2.79
CA PRO A 67 20.17 -8.00 -2.44
C PRO A 67 20.86 -8.60 -3.68
N LYS A 68 21.96 -9.30 -3.45
CA LYS A 68 22.70 -9.92 -4.54
C LYS A 68 23.15 -11.32 -4.17
N CYS A 69 23.36 -12.16 -5.17
CA CYS A 69 23.80 -13.54 -4.94
C CYS A 69 25.32 -13.66 -5.09
N LYS A 70 25.87 -14.75 -4.58
CA LYS A 70 27.31 -14.99 -4.64
C LYS A 70 27.61 -16.19 -5.53
N GLY A 71 26.68 -17.13 -5.59
CA GLY A 71 26.87 -18.32 -6.41
C GLY A 71 26.89 -18.00 -7.89
N CYS A 72 26.04 -17.08 -8.30
CA CYS A 72 25.95 -16.68 -9.71
C CYS A 72 26.22 -15.19 -9.87
N PHE A 73 26.24 -14.47 -8.76
CA PHE A 73 26.50 -13.04 -8.78
C PHE A 73 25.40 -12.30 -9.55
N LYS A 74 24.15 -12.62 -9.24
CA LYS A 74 23.01 -11.99 -9.90
C LYS A 74 22.16 -11.22 -8.90
N ALA A 75 21.51 -10.15 -9.37
CA ALA A 75 20.67 -9.33 -8.53
C ALA A 75 19.50 -10.14 -7.97
N ILE A 76 19.55 -10.42 -6.67
CA ILE A 76 18.49 -11.19 -6.02
C ILE A 76 17.22 -10.36 -5.88
N VAL A 77 16.08 -10.96 -6.23
CA VAL A 77 14.80 -10.28 -6.14
C VAL A 77 14.10 -10.60 -4.83
N ALA A 78 13.40 -9.62 -4.27
CA ALA A 78 12.68 -9.79 -3.02
C ALA A 78 11.84 -11.07 -3.04
N GLY A 79 11.00 -11.20 -4.07
CA GLY A 79 10.16 -12.37 -4.19
C GLY A 79 10.96 -13.67 -4.21
N ASP A 80 12.05 -13.67 -4.94
CA ASP A 80 12.91 -14.86 -5.03
C ASP A 80 13.31 -15.34 -3.64
N GLN A 81 13.65 -16.62 -3.54
CA GLN A 81 14.05 -17.21 -2.27
C GLN A 81 15.57 -17.34 -2.19
N ASN A 82 16.19 -16.49 -1.39
CA ASN A 82 17.64 -16.50 -1.22
C ASN A 82 18.02 -17.08 0.14
N VAL A 83 19.29 -17.43 0.29
CA VAL A 83 19.79 -17.98 1.55
C VAL A 83 20.96 -17.17 2.09
N GLU A 84 20.71 -16.41 3.14
CA GLU A 84 21.75 -15.59 3.76
C GLU A 84 22.64 -16.42 4.66
N TYR A 85 23.86 -16.67 4.19
CA TYR A 85 24.82 -17.47 4.97
C TYR A 85 25.95 -16.59 5.50
N LYS A 86 25.82 -16.17 6.75
CA LYS A 86 26.82 -15.32 7.39
C LYS A 86 26.88 -13.95 6.72
N GLY A 87 25.78 -13.55 6.10
CA GLY A 87 25.72 -12.26 5.43
C GLY A 87 25.45 -12.39 3.95
N THR A 88 26.26 -13.19 3.27
CA THR A 88 26.11 -13.38 1.83
C THR A 88 24.92 -14.29 1.53
N VAL A 89 24.01 -13.81 0.68
CA VAL A 89 22.83 -14.59 0.31
C VAL A 89 23.08 -15.36 -0.98
N TRP A 90 22.54 -16.58 -1.04
CA TRP A 90 22.70 -17.43 -2.21
C TRP A 90 21.35 -17.98 -2.67
N HIS A 91 21.07 -17.85 -3.96
CA HIS A 91 19.81 -18.34 -4.52
C HIS A 91 19.53 -19.76 -4.05
N LYS A 92 18.37 -19.96 -3.43
CA LYS A 92 17.98 -21.27 -2.94
C LYS A 92 18.53 -22.37 -3.85
N ASP A 93 18.55 -22.11 -5.15
CA ASP A 93 19.05 -23.08 -6.11
C ASP A 93 20.58 -23.17 -6.06
N CYS A 94 21.23 -22.01 -6.15
CA CYS A 94 22.69 -21.96 -6.11
C CYS A 94 23.22 -22.66 -4.86
N PHE A 95 22.54 -22.48 -3.75
CA PHE A 95 22.95 -23.09 -2.49
C PHE A 95 22.44 -24.53 -2.39
N SER A 96 23.30 -25.47 -2.77
CA SER A 96 22.93 -26.88 -2.73
C SER A 96 23.75 -27.63 -1.67
N GLY A 97 25.05 -27.37 -1.66
CA GLY A 97 25.92 -28.03 -0.70
C GLY A 97 27.04 -28.80 -1.37
N PRO A 98 28.28 -28.50 -0.99
CA PRO A 98 29.47 -29.17 -1.54
C PRO A 98 29.58 -30.62 -1.08
N SER A 99 28.71 -31.01 -0.15
CA SER A 99 28.72 -32.37 0.37
C SER A 99 27.42 -32.67 1.10
N SER A 100 26.96 -33.92 0.99
CA SER A 100 25.73 -34.35 1.63
C SER A 100 26.02 -35.06 2.95
N GLY A 101 26.91 -36.04 2.89
CA GLY A 101 27.28 -36.79 4.08
C GLY A 101 26.14 -37.67 4.57
ZN ZN B . -11.08 8.73 9.04
ZN ZN C . 5.56 4.93 2.82
ZN ZN D . 22.69 -17.32 -7.58
N GLY A 1 -30.29 3.09 8.17
CA GLY A 1 -29.23 4.07 8.40
C GLY A 1 -29.29 5.23 7.43
N SER A 2 -28.99 6.42 7.91
CA SER A 2 -29.01 7.62 7.08
C SER A 2 -27.70 7.78 6.32
N SER A 3 -27.26 6.70 5.68
CA SER A 3 -26.01 6.72 4.92
C SER A 3 -26.18 7.51 3.62
N GLY A 4 -25.20 8.35 3.31
CA GLY A 4 -25.25 9.14 2.09
C GLY A 4 -24.15 10.17 2.02
N SER A 5 -24.12 11.08 2.99
CA SER A 5 -23.11 12.12 3.03
C SER A 5 -21.71 11.54 2.82
N SER A 6 -20.78 12.39 2.42
CA SER A 6 -19.41 11.96 2.19
C SER A 6 -18.72 11.57 3.49
N GLY A 7 -18.50 10.27 3.67
CA GLY A 7 -17.86 9.79 4.89
C GLY A 7 -16.47 9.25 4.62
N CYS A 8 -15.79 8.84 5.70
CA CYS A 8 -14.44 8.30 5.58
C CYS A 8 -14.48 6.83 5.21
N VAL A 9 -13.49 6.39 4.45
CA VAL A 9 -13.40 4.99 4.02
C VAL A 9 -12.48 4.20 4.93
N GLU A 10 -11.85 4.89 5.89
CA GLU A 10 -10.94 4.25 6.82
C GLU A 10 -11.66 3.89 8.12
N CYS A 11 -12.25 4.90 8.76
CA CYS A 11 -12.96 4.70 10.01
C CYS A 11 -14.47 4.65 9.77
N ARG A 12 -14.86 4.65 8.50
CA ARG A 12 -16.28 4.58 8.13
C ARG A 12 -17.08 5.60 8.94
N LYS A 13 -16.43 6.66 9.37
CA LYS A 13 -17.08 7.71 10.16
C LYS A 13 -17.39 8.92 9.28
N PRO A 14 -18.38 9.73 9.72
CA PRO A 14 -18.80 10.93 9.00
C PRO A 14 -17.74 12.03 9.06
N ILE A 15 -17.51 12.69 7.92
CA ILE A 15 -16.53 13.76 7.84
C ILE A 15 -17.21 15.13 7.86
N GLY A 16 -16.56 16.09 8.52
CA GLY A 16 -17.11 17.42 8.60
C GLY A 16 -16.56 18.34 7.54
N ALA A 17 -17.28 19.42 7.25
CA ALA A 17 -16.85 20.38 6.24
C ALA A 17 -15.56 21.09 6.67
N ASP A 18 -15.53 21.56 7.91
CA ASP A 18 -14.37 22.25 8.45
C ASP A 18 -13.13 21.34 8.40
N SER A 19 -13.35 20.04 8.61
CA SER A 19 -12.26 19.08 8.60
C SER A 19 -11.72 18.89 7.18
N LYS A 20 -10.40 18.97 7.04
CA LYS A 20 -9.76 18.80 5.74
C LYS A 20 -9.70 17.34 5.34
N GLU A 21 -10.57 16.94 4.43
CA GLU A 21 -10.62 15.56 3.97
C GLU A 21 -9.87 15.40 2.64
N VAL A 22 -9.61 14.16 2.25
CA VAL A 22 -8.91 13.88 1.01
C VAL A 22 -9.73 12.96 0.10
N HIS A 23 -10.28 13.53 -0.96
CA HIS A 23 -11.10 12.76 -1.90
C HIS A 23 -10.23 12.21 -3.03
N TYR A 24 -10.17 10.88 -3.13
CA TYR A 24 -9.39 10.23 -4.16
C TYR A 24 -9.99 8.88 -4.54
N LYS A 25 -10.32 8.72 -5.81
CA LYS A 25 -10.91 7.47 -6.30
C LYS A 25 -12.27 7.23 -5.67
N ASN A 26 -13.16 8.22 -5.79
CA ASN A 26 -14.50 8.11 -5.23
C ASN A 26 -14.46 7.72 -3.76
N ARG A 27 -13.40 8.17 -3.08
CA ARG A 27 -13.23 7.87 -1.65
C ARG A 27 -12.94 9.14 -0.86
N PHE A 28 -12.75 8.98 0.43
CA PHE A 28 -12.46 10.12 1.31
C PHE A 28 -11.81 9.66 2.61
N TRP A 29 -10.66 10.24 2.93
CA TRP A 29 -9.93 9.89 4.13
C TRP A 29 -9.71 11.13 5.01
N HIS A 30 -9.82 10.95 6.32
CA HIS A 30 -9.63 12.04 7.26
C HIS A 30 -8.20 12.57 7.19
N ASP A 31 -7.99 13.77 7.74
CA ASP A 31 -6.68 14.40 7.74
C ASP A 31 -5.68 13.57 8.55
N THR A 32 -6.20 12.60 9.31
CA THR A 32 -5.36 11.75 10.14
C THR A 32 -5.39 10.30 9.65
N CYS A 33 -6.35 10.00 8.78
CA CYS A 33 -6.50 8.66 8.23
C CYS A 33 -5.68 8.50 6.95
N PHE A 34 -5.75 9.51 6.09
CA PHE A 34 -5.03 9.49 4.82
C PHE A 34 -3.52 9.42 5.06
N ARG A 35 -2.98 8.21 4.96
CA ARG A 35 -1.55 8.00 5.17
C ARG A 35 -1.08 6.72 4.48
N CYS A 36 0.22 6.46 4.55
CA CYS A 36 0.80 5.27 3.94
C CYS A 36 0.41 4.01 4.72
N ALA A 37 0.59 2.86 4.09
CA ALA A 37 0.26 1.58 4.71
C ALA A 37 1.52 0.81 5.08
N LYS A 38 2.67 1.32 4.66
CA LYS A 38 3.94 0.69 4.95
C LYS A 38 4.72 1.47 6.00
N CYS A 39 4.74 2.78 5.86
CA CYS A 39 5.45 3.64 6.80
C CYS A 39 4.47 4.45 7.65
N LEU A 40 3.18 4.29 7.36
CA LEU A 40 2.14 5.00 8.10
C LEU A 40 2.44 6.49 8.15
N HIS A 41 2.62 7.09 6.98
CA HIS A 41 2.90 8.52 6.89
C HIS A 41 1.80 9.25 6.12
N PRO A 42 1.34 10.38 6.66
CA PRO A 42 0.29 11.18 6.05
C PRO A 42 0.75 11.87 4.77
N LEU A 43 0.01 11.67 3.68
CA LEU A 43 0.35 12.28 2.40
C LEU A 43 -0.59 13.43 2.07
N ALA A 44 -1.05 14.13 3.10
CA ALA A 44 -1.95 15.26 2.93
C ALA A 44 -1.34 16.32 2.01
N ASN A 45 -0.08 16.66 2.27
CA ASN A 45 0.62 17.66 1.47
C ASN A 45 1.77 17.02 0.68
N GLU A 46 1.94 15.71 0.85
CA GLU A 46 3.00 14.99 0.17
C GLU A 46 2.43 14.17 -0.99
N THR A 47 3.32 13.57 -1.78
CA THR A 47 2.92 12.76 -2.91
C THR A 47 2.51 11.35 -2.47
N PHE A 48 1.57 10.76 -3.19
CA PHE A 48 1.10 9.41 -2.87
C PHE A 48 0.87 8.60 -4.15
N VAL A 49 0.94 7.28 -4.02
CA VAL A 49 0.74 6.39 -5.15
C VAL A 49 -0.25 5.28 -4.82
N ALA A 50 -1.10 4.94 -5.79
CA ALA A 50 -2.09 3.90 -5.61
C ALA A 50 -1.78 2.68 -6.45
N LYS A 51 -1.37 1.60 -5.79
CA LYS A 51 -1.03 0.35 -6.47
C LYS A 51 -1.55 -0.86 -5.70
N ASP A 52 -2.16 -1.79 -6.41
CA ASP A 52 -2.69 -3.00 -5.79
C ASP A 52 -3.73 -2.65 -4.73
N ASN A 53 -4.62 -1.71 -5.06
CA ASN A 53 -5.66 -1.28 -4.13
C ASN A 53 -5.08 -0.97 -2.76
N LYS A 54 -3.87 -0.42 -2.74
CA LYS A 54 -3.20 -0.09 -1.50
C LYS A 54 -2.46 1.24 -1.62
N ILE A 55 -2.70 2.15 -0.68
CA ILE A 55 -2.05 3.46 -0.69
C ILE A 55 -0.62 3.35 -0.19
N LEU A 56 0.30 4.00 -0.91
CA LEU A 56 1.71 3.99 -0.54
C LEU A 56 2.38 5.32 -0.90
N CYS A 57 3.50 5.60 -0.25
CA CYS A 57 4.24 6.83 -0.49
C CYS A 57 5.48 6.55 -1.32
N ASN A 58 6.12 7.62 -1.79
CA ASN A 58 7.33 7.50 -2.60
C ASN A 58 8.40 6.69 -1.86
N LYS A 59 8.74 7.13 -0.66
CA LYS A 59 9.74 6.45 0.16
C LYS A 59 9.56 4.94 0.09
N CYS A 60 8.30 4.50 0.07
CA CYS A 60 7.99 3.08 0.01
C CYS A 60 8.06 2.57 -1.43
N THR A 61 7.23 3.14 -2.29
CA THR A 61 7.19 2.75 -3.70
C THR A 61 8.60 2.47 -4.23
N THR A 62 9.57 3.25 -3.75
CA THR A 62 10.95 3.09 -4.18
C THR A 62 11.29 1.61 -4.38
N ARG A 63 10.98 0.79 -3.38
CA ARG A 63 11.26 -0.63 -3.45
C ARG A 63 9.97 -1.45 -3.39
N GLU A 64 10.08 -2.75 -3.64
CA GLU A 64 8.92 -3.63 -3.61
C GLU A 64 9.33 -5.05 -3.25
N ASP A 65 8.33 -5.91 -3.03
CA ASP A 65 8.59 -7.30 -2.69
C ASP A 65 7.82 -8.24 -3.62
N SER A 66 7.61 -7.80 -4.85
CA SER A 66 6.88 -8.60 -5.83
C SER A 66 7.82 -9.58 -6.55
N PRO A 67 7.24 -10.61 -7.17
CA PRO A 67 8.01 -11.63 -7.90
C PRO A 67 8.63 -11.07 -9.17
N LYS A 68 9.47 -11.88 -9.82
CA LYS A 68 10.14 -11.47 -11.04
C LYS A 68 9.96 -12.53 -12.13
N CYS A 69 10.27 -12.16 -13.37
CA CYS A 69 10.14 -13.07 -14.50
C CYS A 69 11.51 -13.52 -14.98
N LYS A 70 11.53 -14.55 -15.83
CA LYS A 70 12.77 -15.09 -16.37
C LYS A 70 12.83 -14.89 -17.88
N GLY A 71 11.66 -14.80 -18.51
CA GLY A 71 11.60 -14.63 -19.95
C GLY A 71 11.97 -13.22 -20.37
N CYS A 72 11.47 -12.23 -19.64
CA CYS A 72 11.74 -10.83 -19.95
C CYS A 72 12.44 -10.15 -18.78
N PHE A 73 12.55 -10.87 -17.66
CA PHE A 73 13.19 -10.33 -16.47
C PHE A 73 12.55 -9.00 -16.05
N LYS A 74 11.24 -9.03 -15.87
CA LYS A 74 10.50 -7.83 -15.47
C LYS A 74 9.64 -8.11 -14.26
N ALA A 75 9.44 -7.09 -13.43
CA ALA A 75 8.62 -7.22 -12.22
C ALA A 75 7.20 -7.64 -12.56
N ILE A 76 6.84 -8.86 -12.18
CA ILE A 76 5.51 -9.39 -12.45
C ILE A 76 4.48 -8.74 -11.55
N VAL A 77 3.36 -8.31 -12.14
CA VAL A 77 2.29 -7.67 -11.39
C VAL A 77 1.32 -8.70 -10.82
N ALA A 78 0.90 -8.50 -9.57
CA ALA A 78 -0.03 -9.42 -8.93
C ALA A 78 -1.25 -9.67 -9.80
N GLY A 79 -1.73 -8.62 -10.45
CA GLY A 79 -2.90 -8.76 -11.31
C GLY A 79 -2.52 -9.02 -12.76
N ASP A 80 -1.66 -10.00 -12.97
CA ASP A 80 -1.22 -10.35 -14.33
C ASP A 80 -1.08 -11.86 -14.48
N GLN A 81 -1.53 -12.38 -15.61
CA GLN A 81 -1.46 -13.82 -15.88
C GLN A 81 0.00 -14.27 -16.00
N ASN A 82 0.43 -15.09 -15.05
CA ASN A 82 1.80 -15.60 -15.05
C ASN A 82 1.81 -17.13 -15.02
N VAL A 83 3.01 -17.69 -15.05
CA VAL A 83 3.16 -19.15 -15.04
C VAL A 83 4.32 -19.57 -14.13
N GLU A 84 3.98 -20.10 -12.96
CA GLU A 84 4.98 -20.55 -12.00
C GLU A 84 5.28 -22.03 -12.16
N TYR A 85 6.55 -22.37 -12.29
CA TYR A 85 6.96 -23.76 -12.46
C TYR A 85 7.84 -24.21 -11.29
N LYS A 86 7.23 -24.32 -10.11
CA LYS A 86 7.94 -24.74 -8.92
C LYS A 86 9.14 -23.84 -8.66
N GLY A 87 8.89 -22.53 -8.56
CA GLY A 87 9.95 -21.58 -8.30
C GLY A 87 9.93 -20.42 -9.28
N THR A 88 10.53 -20.63 -10.45
CA THR A 88 10.58 -19.59 -11.47
C THR A 88 9.25 -19.47 -12.21
N VAL A 89 8.71 -18.26 -12.24
CA VAL A 89 7.44 -18.01 -12.91
C VAL A 89 7.62 -17.09 -14.11
N TRP A 90 7.01 -17.46 -15.23
CA TRP A 90 7.10 -16.67 -16.45
C TRP A 90 5.74 -16.12 -16.86
N HIS A 91 5.72 -14.92 -17.43
CA HIS A 91 4.48 -14.30 -17.87
C HIS A 91 3.68 -15.24 -18.77
N LYS A 92 2.37 -15.22 -18.62
CA LYS A 92 1.49 -16.07 -19.42
C LYS A 92 1.98 -16.15 -20.86
N ASP A 93 2.56 -15.06 -21.35
CA ASP A 93 3.06 -15.02 -22.71
C ASP A 93 4.46 -15.64 -22.79
N CYS A 94 5.33 -15.28 -21.86
CA CYS A 94 6.69 -15.81 -21.83
C CYS A 94 6.68 -17.32 -21.74
N PHE A 95 5.77 -17.86 -20.92
CA PHE A 95 5.66 -19.31 -20.76
C PHE A 95 4.87 -19.93 -21.90
N SER A 96 5.36 -21.07 -22.40
CA SER A 96 4.71 -21.75 -23.50
C SER A 96 5.05 -23.24 -23.49
N GLY A 97 4.03 -24.08 -23.37
CA GLY A 97 4.24 -25.52 -23.35
C GLY A 97 3.42 -26.24 -24.39
N PRO A 98 2.45 -27.05 -23.93
CA PRO A 98 1.56 -27.82 -24.81
C PRO A 98 0.60 -26.93 -25.57
N SER A 99 0.66 -25.63 -25.31
CA SER A 99 -0.23 -24.68 -25.97
C SER A 99 0.26 -24.39 -27.40
N SER A 100 -0.69 -24.07 -28.27
CA SER A 100 -0.36 -23.77 -29.66
C SER A 100 0.03 -22.31 -29.83
N GLY A 101 0.66 -22.00 -30.96
CA GLY A 101 1.08 -20.63 -31.23
C GLY A 101 0.38 -20.04 -32.43
ZN ZN B . -11.18 8.32 8.95
ZN ZN C . 5.37 4.82 2.83
ZN ZN D . 8.27 -12.32 -18.83
N GLY A 1 -27.74 12.33 -5.75
CA GLY A 1 -28.76 13.35 -5.93
C GLY A 1 -28.24 14.75 -5.72
N SER A 2 -28.70 15.39 -4.64
CA SER A 2 -28.27 16.75 -4.34
C SER A 2 -27.13 16.75 -3.32
N SER A 3 -27.39 16.16 -2.15
CA SER A 3 -26.39 16.08 -1.09
C SER A 3 -25.95 14.65 -0.87
N GLY A 4 -24.76 14.32 -1.38
CA GLY A 4 -24.23 12.98 -1.23
C GLY A 4 -23.69 12.72 0.17
N SER A 5 -23.08 11.56 0.36
CA SER A 5 -22.51 11.20 1.66
C SER A 5 -21.00 10.98 1.57
N SER A 6 -20.24 12.01 1.91
CA SER A 6 -18.79 11.94 1.87
C SER A 6 -18.22 11.51 3.22
N GLY A 7 -18.11 10.21 3.42
CA GLY A 7 -17.58 9.69 4.67
C GLY A 7 -16.22 9.07 4.51
N CYS A 8 -15.61 8.68 5.62
CA CYS A 8 -14.28 8.06 5.60
C CYS A 8 -14.39 6.55 5.40
N VAL A 9 -13.44 5.99 4.65
CA VAL A 9 -13.43 4.56 4.38
C VAL A 9 -12.52 3.83 5.36
N GLU A 10 -11.68 4.58 6.06
CA GLU A 10 -10.77 4.00 7.03
C GLU A 10 -11.46 3.76 8.37
N CYS A 11 -12.04 4.82 8.93
CA CYS A 11 -12.74 4.73 10.21
C CYS A 11 -14.25 4.58 9.99
N ARG A 12 -14.65 4.45 8.74
CA ARG A 12 -16.05 4.31 8.39
C ARG A 12 -16.90 5.32 9.15
N LYS A 13 -16.34 6.50 9.39
CA LYS A 13 -17.04 7.56 10.10
C LYS A 13 -17.35 8.72 9.18
N PRO A 14 -18.40 9.49 9.53
CA PRO A 14 -18.82 10.66 8.74
C PRO A 14 -17.82 11.81 8.81
N ILE A 15 -17.62 12.48 7.68
CA ILE A 15 -16.69 13.59 7.62
C ILE A 15 -17.43 14.93 7.57
N GLY A 16 -16.93 15.91 8.31
CA GLY A 16 -17.55 17.21 8.34
C GLY A 16 -17.34 17.98 7.05
N ALA A 17 -17.77 19.24 7.04
CA ALA A 17 -17.62 20.09 5.85
C ALA A 17 -16.36 20.94 5.96
N ASP A 18 -16.13 21.52 7.12
CA ASP A 18 -14.96 22.36 7.35
C ASP A 18 -13.78 21.54 7.83
N SER A 19 -13.80 20.25 7.55
CA SER A 19 -12.74 19.34 7.96
C SER A 19 -11.85 18.98 6.78
N LYS A 20 -10.53 19.08 6.97
CA LYS A 20 -9.57 18.78 5.93
C LYS A 20 -9.64 17.30 5.54
N GLU A 21 -10.25 17.03 4.38
CA GLU A 21 -10.40 15.67 3.90
C GLU A 21 -9.61 15.46 2.61
N VAL A 22 -9.41 14.21 2.22
CA VAL A 22 -8.68 13.88 1.01
C VAL A 22 -9.51 12.99 0.09
N HIS A 23 -10.03 13.58 -0.98
CA HIS A 23 -10.84 12.84 -1.94
C HIS A 23 -9.97 12.28 -3.07
N TYR A 24 -9.95 10.96 -3.18
CA TYR A 24 -9.15 10.30 -4.21
C TYR A 24 -9.76 8.96 -4.59
N LYS A 25 -9.87 8.69 -5.89
CA LYS A 25 -10.43 7.44 -6.37
C LYS A 25 -11.81 7.19 -5.78
N ASN A 26 -12.64 8.24 -5.76
CA ASN A 26 -13.99 8.13 -5.21
C ASN A 26 -13.95 7.71 -3.75
N ARG A 27 -12.93 8.18 -3.03
CA ARG A 27 -12.79 7.85 -1.62
C ARG A 27 -12.57 9.13 -0.79
N PHE A 28 -12.41 8.95 0.52
CA PHE A 28 -12.19 10.07 1.42
C PHE A 28 -11.54 9.61 2.72
N TRP A 29 -10.42 10.25 3.06
CA TRP A 29 -9.70 9.90 4.29
C TRP A 29 -9.49 11.14 5.16
N HIS A 30 -9.65 10.96 6.47
CA HIS A 30 -9.47 12.05 7.41
C HIS A 30 -8.03 12.56 7.40
N ASP A 31 -7.86 13.84 7.72
CA ASP A 31 -6.53 14.45 7.75
C ASP A 31 -5.57 13.63 8.61
N THR A 32 -6.13 12.74 9.42
CA THR A 32 -5.34 11.90 10.30
C THR A 32 -5.34 10.45 9.84
N CYS A 33 -6.29 10.13 8.96
CA CYS A 33 -6.42 8.77 8.44
C CYS A 33 -5.59 8.60 7.17
N PHE A 34 -5.66 9.59 6.29
CA PHE A 34 -4.91 9.55 5.03
C PHE A 34 -3.41 9.43 5.30
N ARG A 35 -2.89 8.21 5.22
CA ARG A 35 -1.48 7.95 5.44
C ARG A 35 -1.04 6.66 4.76
N CYS A 36 0.26 6.48 4.63
CA CYS A 36 0.82 5.29 4.00
C CYS A 36 0.39 4.02 4.75
N ALA A 37 0.57 2.87 4.11
CA ALA A 37 0.21 1.60 4.72
C ALA A 37 1.46 0.81 5.12
N LYS A 38 2.63 1.33 4.76
CA LYS A 38 3.89 0.67 5.08
C LYS A 38 4.63 1.45 6.17
N CYS A 39 4.75 2.75 5.98
CA CYS A 39 5.44 3.60 6.95
C CYS A 39 4.45 4.37 7.81
N LEU A 40 3.19 4.34 7.41
CA LEU A 40 2.13 5.03 8.15
C LEU A 40 2.41 6.53 8.22
N HIS A 41 2.77 7.11 7.08
CA HIS A 41 3.06 8.54 7.01
C HIS A 41 1.95 9.29 6.28
N PRO A 42 1.61 10.49 6.79
CA PRO A 42 0.57 11.32 6.20
C PRO A 42 0.98 11.91 4.85
N LEU A 43 0.16 11.66 3.83
CA LEU A 43 0.45 12.16 2.49
C LEU A 43 -0.32 13.44 2.22
N ALA A 44 -0.81 14.07 3.28
CA ALA A 44 -1.56 15.31 3.15
C ALA A 44 -0.73 16.40 2.48
N ASN A 45 0.57 16.40 2.78
CA ASN A 45 1.48 17.40 2.20
C ASN A 45 2.52 16.72 1.31
N GLU A 46 2.46 15.39 1.24
CA GLU A 46 3.40 14.63 0.43
C GLU A 46 2.67 13.83 -0.65
N THR A 47 3.31 13.67 -1.80
CA THR A 47 2.72 12.92 -2.91
C THR A 47 2.39 11.49 -2.49
N PHE A 48 1.34 10.94 -3.07
CA PHE A 48 0.92 9.57 -2.77
C PHE A 48 0.74 8.76 -4.05
N VAL A 49 0.69 7.45 -3.90
CA VAL A 49 0.52 6.55 -5.04
C VAL A 49 -0.53 5.50 -4.76
N ALA A 50 -1.44 5.30 -5.72
CA ALA A 50 -2.50 4.32 -5.57
C ALA A 50 -2.22 3.08 -6.42
N LYS A 51 -1.89 1.98 -5.74
CA LYS A 51 -1.60 0.73 -6.42
C LYS A 51 -2.16 -0.46 -5.66
N ASP A 52 -2.65 -1.46 -6.38
CA ASP A 52 -3.22 -2.65 -5.76
C ASP A 52 -4.26 -2.28 -4.72
N ASN A 53 -5.13 -1.33 -5.06
CA ASN A 53 -6.17 -0.87 -4.15
C ASN A 53 -5.59 -0.58 -2.76
N LYS A 54 -4.37 -0.05 -2.74
CA LYS A 54 -3.70 0.27 -1.48
C LYS A 54 -2.93 1.58 -1.61
N ILE A 55 -2.96 2.39 -0.55
CA ILE A 55 -2.26 3.67 -0.54
C ILE A 55 -0.81 3.50 -0.09
N LEU A 56 0.11 4.09 -0.85
CA LEU A 56 1.53 4.00 -0.53
C LEU A 56 2.26 5.26 -0.96
N CYS A 57 3.42 5.51 -0.35
CA CYS A 57 4.22 6.68 -0.67
C CYS A 57 5.40 6.32 -1.58
N ASN A 58 5.81 7.27 -2.41
CA ASN A 58 6.92 7.05 -3.33
C ASN A 58 8.11 6.42 -2.60
N LYS A 59 8.46 6.99 -1.46
CA LYS A 59 9.58 6.48 -0.67
C LYS A 59 9.50 4.97 -0.52
N CYS A 60 8.28 4.45 -0.40
CA CYS A 60 8.07 3.01 -0.25
C CYS A 60 8.04 2.32 -1.61
N THR A 61 7.16 2.79 -2.49
CA THR A 61 7.04 2.23 -3.83
C THR A 61 8.40 1.93 -4.43
N THR A 62 9.39 2.73 -4.06
CA THR A 62 10.75 2.56 -4.57
C THR A 62 11.50 1.49 -3.77
N ARG A 63 11.43 1.57 -2.45
CA ARG A 63 12.09 0.62 -1.58
C ARG A 63 11.65 -0.81 -1.91
N GLU A 64 12.62 -1.66 -2.21
CA GLU A 64 12.34 -3.05 -2.55
C GLU A 64 12.49 -3.95 -1.32
N ASP A 65 12.13 -3.42 -0.16
CA ASP A 65 12.22 -4.17 1.08
C ASP A 65 10.85 -4.66 1.53
N SER A 66 10.36 -5.70 0.88
CA SER A 66 9.06 -6.27 1.22
C SER A 66 8.79 -7.53 0.42
N PRO A 67 7.93 -8.41 0.96
CA PRO A 67 7.57 -9.68 0.31
C PRO A 67 6.72 -9.46 -0.94
N LYS A 68 6.53 -10.55 -1.71
CA LYS A 68 5.73 -10.48 -2.93
C LYS A 68 4.69 -11.59 -2.96
N CYS A 69 3.69 -11.42 -3.82
CA CYS A 69 2.62 -12.42 -3.94
C CYS A 69 2.82 -13.26 -5.19
N LYS A 70 2.10 -14.38 -5.26
CA LYS A 70 2.19 -15.29 -6.40
C LYS A 70 0.89 -15.28 -7.20
N GLY A 71 -0.21 -14.93 -6.54
CA GLY A 71 -1.50 -14.90 -7.20
C GLY A 71 -1.66 -13.68 -8.09
N CYS A 72 -1.15 -12.54 -7.62
CA CYS A 72 -1.24 -11.29 -8.37
C CYS A 72 0.15 -10.75 -8.70
N PHE A 73 1.14 -11.14 -7.91
CA PHE A 73 2.51 -10.70 -8.11
C PHE A 73 2.66 -9.22 -7.74
N LYS A 74 2.14 -8.86 -6.58
CA LYS A 74 2.23 -7.48 -6.11
C LYS A 74 2.86 -7.41 -4.73
N ALA A 75 3.49 -6.28 -4.43
CA ALA A 75 4.13 -6.08 -3.13
C ALA A 75 3.13 -6.20 -1.99
N ILE A 76 3.37 -7.15 -1.10
CA ILE A 76 2.50 -7.38 0.04
C ILE A 76 2.87 -6.48 1.21
N VAL A 77 1.87 -5.95 1.90
CA VAL A 77 2.10 -5.08 3.04
C VAL A 77 1.98 -5.85 4.36
N ALA A 78 2.85 -5.50 5.31
CA ALA A 78 2.86 -6.16 6.61
C ALA A 78 1.50 -6.04 7.29
N GLY A 79 0.91 -4.85 7.22
CA GLY A 79 -0.39 -4.63 7.83
C GLY A 79 -1.54 -5.02 6.92
N ASP A 80 -1.38 -6.15 6.23
CA ASP A 80 -2.41 -6.65 5.33
C ASP A 80 -2.51 -8.17 5.39
N GLN A 81 -3.73 -8.67 5.40
CA GLN A 81 -3.96 -10.11 5.46
C GLN A 81 -3.20 -10.83 4.35
N ASN A 82 -2.41 -11.83 4.73
CA ASN A 82 -1.62 -12.59 3.77
C ASN A 82 -1.57 -14.06 4.16
N VAL A 83 -1.05 -14.89 3.25
CA VAL A 83 -0.94 -16.32 3.50
C VAL A 83 0.36 -16.87 2.94
N GLU A 84 1.22 -17.37 3.83
CA GLU A 84 2.51 -17.93 3.42
C GLU A 84 2.50 -19.45 3.55
N TYR A 85 3.06 -20.12 2.55
CA TYR A 85 3.12 -21.58 2.54
C TYR A 85 4.54 -22.07 2.29
N LYS A 86 4.94 -22.08 1.02
CA LYS A 86 6.27 -22.51 0.63
C LYS A 86 7.10 -21.35 0.11
N GLY A 87 7.73 -20.62 1.02
CA GLY A 87 8.55 -19.49 0.63
C GLY A 87 7.72 -18.30 0.19
N THR A 88 6.76 -18.55 -0.70
CA THR A 88 5.90 -17.50 -1.21
C THR A 88 4.66 -17.33 -0.35
N VAL A 89 4.09 -16.14 -0.34
CA VAL A 89 2.88 -15.85 0.43
C VAL A 89 1.82 -15.19 -0.42
N TRP A 90 0.64 -15.81 -0.48
CA TRP A 90 -0.46 -15.29 -1.26
C TRP A 90 -1.40 -14.44 -0.39
N HIS A 91 -2.04 -13.46 -1.00
CA HIS A 91 -2.96 -12.59 -0.29
C HIS A 91 -4.16 -13.38 0.23
N LYS A 92 -4.59 -13.06 1.45
CA LYS A 92 -5.72 -13.74 2.06
C LYS A 92 -6.81 -14.02 1.02
N ASP A 93 -6.93 -13.13 0.04
CA ASP A 93 -7.92 -13.28 -1.02
C ASP A 93 -7.41 -14.22 -2.12
N CYS A 94 -6.16 -14.02 -2.51
CA CYS A 94 -5.54 -14.83 -3.56
C CYS A 94 -5.53 -16.30 -3.16
N PHE A 95 -5.25 -16.57 -1.89
CA PHE A 95 -5.20 -17.93 -1.38
C PHE A 95 -6.61 -18.45 -1.09
N SER A 96 -7.03 -19.45 -1.85
CA SER A 96 -8.35 -20.04 -1.68
C SER A 96 -8.35 -21.52 -2.04
N GLY A 97 -8.63 -22.36 -1.05
CA GLY A 97 -8.65 -23.79 -1.28
C GLY A 97 -9.76 -24.22 -2.21
N PRO A 98 -10.99 -23.77 -1.92
CA PRO A 98 -12.17 -24.09 -2.73
C PRO A 98 -12.13 -23.42 -4.10
N SER A 99 -11.00 -22.79 -4.42
CA SER A 99 -10.84 -22.10 -5.69
C SER A 99 -10.07 -22.97 -6.69
N SER A 100 -10.11 -22.58 -7.96
CA SER A 100 -9.42 -23.32 -9.00
C SER A 100 -8.11 -23.90 -8.49
N GLY A 101 -7.79 -25.11 -8.93
CA GLY A 101 -6.56 -25.75 -8.51
C GLY A 101 -5.35 -24.85 -8.65
ZN ZN B . -11.08 8.49 9.02
ZN ZN C . 5.36 4.80 2.89
ZN ZN D . -2.05 -11.60 -4.38
N GLY A 1 -32.73 17.18 7.26
CA GLY A 1 -31.46 16.83 7.85
C GLY A 1 -30.68 15.84 7.01
N SER A 2 -30.73 14.56 7.40
CA SER A 2 -30.02 13.52 6.68
C SER A 2 -28.68 14.02 6.17
N SER A 3 -27.96 14.76 7.02
CA SER A 3 -26.66 15.30 6.66
C SER A 3 -25.82 14.25 5.95
N GLY A 4 -25.57 14.47 4.66
CA GLY A 4 -24.77 13.53 3.89
C GLY A 4 -23.29 13.89 3.89
N SER A 5 -22.61 13.55 4.98
CA SER A 5 -21.19 13.85 5.10
C SER A 5 -20.36 12.95 4.18
N SER A 6 -19.27 13.50 3.64
CA SER A 6 -18.41 12.75 2.75
C SER A 6 -18.29 11.29 3.18
N GLY A 7 -17.93 11.08 4.44
CA GLY A 7 -17.79 9.74 4.95
C GLY A 7 -16.40 9.18 4.75
N CYS A 8 -15.80 8.68 5.83
CA CYS A 8 -14.46 8.11 5.76
C CYS A 8 -14.51 6.60 5.56
N VAL A 9 -13.59 6.08 4.76
CA VAL A 9 -13.54 4.65 4.47
C VAL A 9 -12.56 3.95 5.41
N GLU A 10 -11.93 4.72 6.29
CA GLU A 10 -10.98 4.17 7.25
C GLU A 10 -11.64 3.97 8.62
N CYS A 11 -12.18 5.05 9.16
CA CYS A 11 -12.84 4.99 10.46
C CYS A 11 -14.36 4.85 10.30
N ARG A 12 -14.80 4.68 9.07
CA ARG A 12 -16.23 4.54 8.77
C ARG A 12 -17.04 5.61 9.49
N LYS A 13 -16.40 6.75 9.75
CA LYS A 13 -17.06 7.86 10.43
C LYS A 13 -17.32 9.01 9.47
N PRO A 14 -18.33 9.83 9.77
CA PRO A 14 -18.70 10.99 8.95
C PRO A 14 -17.65 12.10 9.01
N ILE A 15 -17.39 12.72 7.87
CA ILE A 15 -16.41 13.80 7.81
C ILE A 15 -17.09 15.16 7.83
N GLY A 16 -16.53 16.10 8.58
CA GLY A 16 -17.10 17.42 8.67
C GLY A 16 -17.10 18.14 7.33
N ALA A 17 -18.05 19.06 7.15
CA ALA A 17 -18.16 19.82 5.92
C ALA A 17 -17.03 20.85 5.80
N ASP A 18 -16.45 21.21 6.94
CA ASP A 18 -15.36 22.18 6.96
C ASP A 18 -14.05 21.52 7.40
N SER A 19 -14.05 20.19 7.42
CA SER A 19 -12.86 19.44 7.83
C SER A 19 -12.01 19.08 6.62
N LYS A 20 -10.70 19.25 6.76
CA LYS A 20 -9.76 18.94 5.68
C LYS A 20 -9.77 17.45 5.36
N GLU A 21 -10.44 17.08 4.27
CA GLU A 21 -10.52 15.69 3.86
C GLU A 21 -9.77 15.46 2.56
N VAL A 22 -9.51 14.19 2.24
CA VAL A 22 -8.79 13.84 1.02
C VAL A 22 -9.65 12.96 0.12
N HIS A 23 -10.18 13.54 -0.96
CA HIS A 23 -11.00 12.80 -1.89
C HIS A 23 -10.17 12.23 -3.03
N TYR A 24 -10.15 10.91 -3.15
CA TYR A 24 -9.40 10.24 -4.19
C TYR A 24 -10.02 8.91 -4.56
N LYS A 25 -10.30 8.72 -5.84
CA LYS A 25 -10.91 7.49 -6.33
C LYS A 25 -12.27 7.25 -5.66
N ASN A 26 -13.07 8.30 -5.59
CA ASN A 26 -14.40 8.20 -4.99
C ASN A 26 -14.30 7.79 -3.52
N ARG A 27 -13.27 8.28 -2.85
CA ARG A 27 -13.06 7.96 -1.44
C ARG A 27 -12.84 9.23 -0.62
N PHE A 28 -12.61 9.06 0.68
CA PHE A 28 -12.39 10.19 1.57
C PHE A 28 -11.71 9.74 2.86
N TRP A 29 -10.54 10.30 3.14
CA TRP A 29 -9.78 9.97 4.34
C TRP A 29 -9.51 11.20 5.18
N HIS A 30 -9.61 11.05 6.49
CA HIS A 30 -9.38 12.17 7.41
C HIS A 30 -7.92 12.59 7.37
N ASP A 31 -7.66 13.86 7.70
CA ASP A 31 -6.30 14.39 7.69
C ASP A 31 -5.38 13.53 8.56
N THR A 32 -5.99 12.67 9.38
CA THR A 32 -5.22 11.79 10.26
C THR A 32 -5.29 10.35 9.78
N CYS A 33 -6.26 10.06 8.92
CA CYS A 33 -6.44 8.71 8.40
C CYS A 33 -5.63 8.52 7.13
N PHE A 34 -5.66 9.51 6.24
CA PHE A 34 -4.92 9.45 4.99
C PHE A 34 -3.42 9.32 5.25
N ARG A 35 -2.89 8.12 5.01
CA ARG A 35 -1.47 7.87 5.22
C ARG A 35 -1.04 6.59 4.51
N CYS A 36 0.26 6.29 4.56
CA CYS A 36 0.79 5.10 3.92
C CYS A 36 0.28 3.84 4.62
N ALA A 37 0.49 2.69 3.97
CA ALA A 37 0.05 1.42 4.53
C ALA A 37 1.24 0.60 5.03
N LYS A 38 2.45 1.04 4.69
CA LYS A 38 3.67 0.36 5.11
C LYS A 38 4.38 1.14 6.21
N CYS A 39 4.62 2.43 5.96
CA CYS A 39 5.29 3.28 6.92
C CYS A 39 4.28 4.18 7.65
N LEU A 40 3.00 3.98 7.35
CA LEU A 40 1.95 4.77 7.98
C LEU A 40 2.33 6.24 8.03
N HIS A 41 2.76 6.77 6.89
CA HIS A 41 3.15 8.18 6.80
C HIS A 41 2.09 8.99 6.08
N PRO A 42 1.67 10.10 6.70
CA PRO A 42 0.65 10.98 6.13
C PRO A 42 1.15 11.75 4.91
N LEU A 43 0.42 11.65 3.81
CA LEU A 43 0.79 12.33 2.57
C LEU A 43 -0.18 13.46 2.25
N ALA A 44 -0.79 14.02 3.30
CA ALA A 44 -1.75 15.11 3.13
C ALA A 44 -1.13 16.27 2.36
N ASN A 45 0.15 16.53 2.63
CA ASN A 45 0.86 17.61 1.95
C ASN A 45 1.95 17.06 1.04
N GLU A 46 2.11 15.74 1.04
CA GLU A 46 3.11 15.10 0.21
C GLU A 46 2.46 14.30 -0.92
N THR A 47 3.29 13.72 -1.78
CA THR A 47 2.79 12.95 -2.92
C THR A 47 2.56 11.50 -2.53
N PHE A 48 1.58 10.86 -3.16
CA PHE A 48 1.26 9.46 -2.88
C PHE A 48 1.05 8.69 -4.18
N VAL A 49 1.16 7.37 -4.08
CA VAL A 49 0.98 6.50 -5.25
C VAL A 49 -0.04 5.40 -4.96
N ALA A 50 -1.02 5.26 -5.85
CA ALA A 50 -2.04 4.24 -5.70
C ALA A 50 -1.75 3.04 -6.58
N LYS A 51 -1.39 1.92 -5.95
CA LYS A 51 -1.08 0.70 -6.67
C LYS A 51 -1.68 -0.52 -5.96
N ASP A 52 -2.23 -1.45 -6.74
CA ASP A 52 -2.83 -2.65 -6.18
C ASP A 52 -3.86 -2.31 -5.11
N ASN A 53 -4.67 -1.29 -5.38
CA ASN A 53 -5.70 -0.87 -4.44
C ASN A 53 -5.11 -0.63 -3.06
N LYS A 54 -3.90 -0.09 -3.03
CA LYS A 54 -3.22 0.20 -1.76
C LYS A 54 -2.46 1.51 -1.83
N ILE A 55 -2.68 2.37 -0.84
CA ILE A 55 -2.01 3.66 -0.79
C ILE A 55 -0.58 3.53 -0.26
N LEU A 56 0.37 4.03 -1.04
CA LEU A 56 1.78 3.97 -0.66
C LEU A 56 2.49 5.27 -0.98
N CYS A 57 3.59 5.54 -0.28
CA CYS A 57 4.37 6.75 -0.49
C CYS A 57 5.56 6.49 -1.40
N ASN A 58 6.16 7.56 -1.89
CA ASN A 58 7.31 7.45 -2.78
C ASN A 58 8.44 6.67 -2.11
N LYS A 59 8.59 6.86 -0.80
CA LYS A 59 9.62 6.17 -0.04
C LYS A 59 9.48 4.66 -0.17
N CYS A 60 8.26 4.17 0.02
CA CYS A 60 7.99 2.74 -0.07
C CYS A 60 8.09 2.26 -1.52
N THR A 61 7.29 2.87 -2.40
CA THR A 61 7.28 2.51 -3.80
C THR A 61 8.69 2.18 -4.29
N THR A 62 9.64 3.07 -3.98
CA THR A 62 11.02 2.88 -4.39
C THR A 62 11.73 1.90 -3.47
N ARG A 63 11.95 0.68 -3.97
CA ARG A 63 12.63 -0.35 -3.18
C ARG A 63 14.14 -0.28 -3.38
N GLU A 64 14.79 0.58 -2.60
CA GLU A 64 16.24 0.73 -2.70
C GLU A 64 16.88 0.69 -1.32
N ASP A 65 16.40 -0.21 -0.47
CA ASP A 65 16.92 -0.35 0.88
C ASP A 65 17.58 -1.70 1.07
N SER A 66 18.82 -1.82 0.62
CA SER A 66 19.56 -3.08 0.74
C SER A 66 19.33 -3.72 2.11
N PRO A 67 19.21 -5.05 2.12
CA PRO A 67 18.99 -5.81 3.35
C PRO A 67 20.23 -5.82 4.25
N LYS A 68 20.04 -6.28 5.49
CA LYS A 68 21.13 -6.34 6.45
C LYS A 68 21.20 -7.71 7.12
N CYS A 69 22.35 -8.03 7.69
CA CYS A 69 22.55 -9.32 8.36
C CYS A 69 22.40 -9.17 9.87
N LYS A 70 22.22 -10.29 10.55
CA LYS A 70 22.07 -10.29 12.00
C LYS A 70 23.18 -11.10 12.66
N GLY A 71 23.80 -11.99 11.91
CA GLY A 71 24.88 -12.80 12.43
C GLY A 71 26.16 -12.02 12.60
N CYS A 72 26.42 -11.10 11.68
CA CYS A 72 27.62 -10.28 11.73
C CYS A 72 27.28 -8.79 11.64
N PHE A 73 26.04 -8.50 11.27
CA PHE A 73 25.59 -7.12 11.14
C PHE A 73 26.35 -6.39 10.04
N LYS A 74 26.32 -6.96 8.84
CA LYS A 74 27.02 -6.37 7.70
C LYS A 74 26.09 -6.26 6.49
N ALA A 75 26.34 -5.28 5.64
CA ALA A 75 25.52 -5.07 4.45
C ALA A 75 25.58 -6.28 3.53
N ILE A 76 24.43 -6.85 3.22
CA ILE A 76 24.36 -8.02 2.35
C ILE A 76 24.20 -7.60 0.89
N VAL A 77 24.87 -8.32 0.00
CA VAL A 77 24.81 -8.03 -1.43
C VAL A 77 23.92 -9.04 -2.16
N ALA A 78 23.24 -8.58 -3.19
CA ALA A 78 22.37 -9.44 -3.97
C ALA A 78 23.16 -10.55 -4.66
N GLY A 79 24.37 -10.22 -5.11
CA GLY A 79 25.20 -11.19 -5.78
C GLY A 79 25.99 -12.04 -4.81
N ASP A 80 25.38 -12.36 -3.67
CA ASP A 80 26.03 -13.18 -2.65
C ASP A 80 25.02 -14.11 -1.97
N GLN A 81 25.37 -15.38 -1.89
CA GLN A 81 24.49 -16.37 -1.26
C GLN A 81 24.05 -15.91 0.12
N ASN A 82 22.74 -15.90 0.35
CA ASN A 82 22.19 -15.48 1.64
C ASN A 82 21.01 -16.37 2.05
N VAL A 83 20.68 -16.34 3.32
CA VAL A 83 19.58 -17.13 3.85
C VAL A 83 18.52 -16.25 4.51
N GLU A 84 17.38 -16.12 3.84
CA GLU A 84 16.28 -15.30 4.36
C GLU A 84 15.31 -16.14 5.17
N TYR A 85 15.08 -15.75 6.42
CA TYR A 85 14.17 -16.47 7.30
C TYR A 85 13.43 -15.52 8.23
N LYS A 86 12.11 -15.63 8.25
CA LYS A 86 11.28 -14.77 9.09
C LYS A 86 11.64 -13.30 8.89
N GLY A 87 11.88 -12.91 7.63
CA GLY A 87 12.23 -11.55 7.34
C GLY A 87 13.72 -11.30 7.39
N THR A 88 14.35 -11.75 8.47
CA THR A 88 15.79 -11.57 8.65
C THR A 88 16.57 -12.57 7.81
N VAL A 89 17.55 -12.07 7.05
CA VAL A 89 18.38 -12.93 6.21
C VAL A 89 19.81 -12.98 6.72
N TRP A 90 20.30 -14.19 6.97
CA TRP A 90 21.66 -14.37 7.47
C TRP A 90 22.57 -14.89 6.36
N HIS A 91 23.80 -14.40 6.34
CA HIS A 91 24.78 -14.81 5.33
C HIS A 91 24.90 -16.32 5.28
N LYS A 92 24.90 -16.88 4.07
CA LYS A 92 25.01 -18.32 3.88
C LYS A 92 25.91 -18.94 4.96
N ASP A 93 26.91 -18.19 5.38
CA ASP A 93 27.83 -18.67 6.42
C ASP A 93 27.26 -18.43 7.81
N CYS A 94 26.72 -17.24 8.03
CA CYS A 94 26.15 -16.89 9.32
C CYS A 94 24.98 -17.82 9.66
N PHE A 95 24.24 -18.23 8.64
CA PHE A 95 23.10 -19.12 8.83
C PHE A 95 23.55 -20.57 9.01
N SER A 96 23.18 -21.16 10.14
CA SER A 96 23.56 -22.54 10.45
C SER A 96 22.71 -23.52 9.65
N GLY A 97 21.40 -23.49 9.90
CA GLY A 97 20.49 -24.38 9.20
C GLY A 97 19.74 -25.30 10.14
N PRO A 98 18.48 -25.61 9.80
CA PRO A 98 17.63 -26.49 10.62
C PRO A 98 18.10 -27.93 10.58
N SER A 99 18.66 -28.40 11.69
CA SER A 99 19.15 -29.77 11.79
C SER A 99 18.14 -30.66 12.51
N SER A 100 17.31 -31.35 11.73
CA SER A 100 16.29 -32.23 12.30
C SER A 100 16.45 -33.65 11.74
N GLY A 101 16.82 -34.58 12.62
CA GLY A 101 16.99 -35.96 12.20
C GLY A 101 15.93 -36.87 12.78
ZN ZN B . -11.14 8.60 9.06
ZN ZN C . 5.37 4.63 2.91
ZN ZN D . 26.42 -12.10 8.52
N GLY A 1 -31.44 11.69 12.38
CA GLY A 1 -31.21 10.53 11.54
C GLY A 1 -29.78 10.42 11.08
N SER A 2 -29.56 9.69 9.99
CA SER A 2 -28.21 9.51 9.45
C SER A 2 -27.89 10.60 8.42
N SER A 3 -27.35 11.71 8.90
CA SER A 3 -27.00 12.82 8.03
C SER A 3 -25.52 12.79 7.67
N GLY A 4 -25.20 12.23 6.51
CA GLY A 4 -23.81 12.14 6.08
C GLY A 4 -23.69 11.62 4.66
N SER A 5 -23.16 12.45 3.77
CA SER A 5 -22.97 12.07 2.38
C SER A 5 -21.53 11.68 2.10
N SER A 6 -20.59 12.46 2.65
CA SER A 6 -19.17 12.19 2.46
C SER A 6 -18.53 11.70 3.75
N GLY A 7 -18.50 10.38 3.92
CA GLY A 7 -17.90 9.81 5.12
C GLY A 7 -16.48 9.35 4.90
N CYS A 8 -15.92 8.66 5.89
CA CYS A 8 -14.57 8.16 5.81
C CYS A 8 -14.54 6.64 5.63
N VAL A 9 -13.58 6.15 4.86
CA VAL A 9 -13.45 4.72 4.62
C VAL A 9 -12.45 4.08 5.58
N GLU A 10 -11.84 4.92 6.42
CA GLU A 10 -10.86 4.43 7.39
C GLU A 10 -11.53 4.13 8.73
N CYS A 11 -12.22 5.12 9.28
CA CYS A 11 -12.90 4.95 10.55
C CYS A 11 -14.41 4.86 10.36
N ARG A 12 -14.84 4.69 9.11
CA ARG A 12 -16.25 4.60 8.78
C ARG A 12 -17.05 5.69 9.49
N LYS A 13 -16.44 6.86 9.65
CA LYS A 13 -17.09 7.98 10.31
C LYS A 13 -17.37 9.11 9.33
N PRO A 14 -18.37 9.94 9.65
CA PRO A 14 -18.76 11.08 8.80
C PRO A 14 -17.70 12.18 8.80
N ILE A 15 -17.50 12.79 7.64
CA ILE A 15 -16.51 13.86 7.51
C ILE A 15 -17.20 15.23 7.41
N GLY A 16 -16.79 16.15 8.28
CA GLY A 16 -17.38 17.47 8.28
C GLY A 16 -16.87 18.33 7.14
N ALA A 17 -17.43 19.53 7.02
CA ALA A 17 -17.02 20.45 5.95
C ALA A 17 -15.74 21.20 6.33
N ASP A 18 -15.68 21.66 7.58
CA ASP A 18 -14.51 22.38 8.06
C ASP A 18 -13.27 21.48 8.06
N SER A 19 -13.48 20.20 8.32
CA SER A 19 -12.39 19.25 8.35
C SER A 19 -11.80 19.04 6.96
N LYS A 20 -10.47 18.93 6.89
CA LYS A 20 -9.78 18.73 5.62
C LYS A 20 -9.84 17.26 5.19
N GLU A 21 -10.71 16.96 4.23
CA GLU A 21 -10.84 15.60 3.74
C GLU A 21 -10.06 15.40 2.44
N VAL A 22 -9.80 14.15 2.11
CA VAL A 22 -9.05 13.82 0.90
C VAL A 22 -9.85 12.88 0.00
N HIS A 23 -10.37 13.43 -1.10
CA HIS A 23 -11.15 12.64 -2.05
C HIS A 23 -10.25 12.05 -3.14
N TYR A 24 -10.26 10.72 -3.25
CA TYR A 24 -9.44 10.04 -4.24
C TYR A 24 -10.08 8.70 -4.63
N LYS A 25 -10.20 8.46 -5.93
CA LYS A 25 -10.78 7.23 -6.44
C LYS A 25 -12.18 7.01 -5.86
N ASN A 26 -12.99 8.06 -5.87
CA ASN A 26 -14.35 7.97 -5.35
C ASN A 26 -14.34 7.58 -3.87
N ARG A 27 -13.36 8.07 -3.14
CA ARG A 27 -13.23 7.77 -1.72
C ARG A 27 -12.98 9.04 -0.91
N PHE A 28 -12.82 8.88 0.39
CA PHE A 28 -12.59 10.02 1.28
C PHE A 28 -11.92 9.57 2.59
N TRP A 29 -10.80 10.18 2.91
CA TRP A 29 -10.07 9.86 4.13
C TRP A 29 -9.84 11.09 4.99
N HIS A 30 -9.90 10.91 6.30
CA HIS A 30 -9.69 12.02 7.24
C HIS A 30 -8.25 12.50 7.19
N ASP A 31 -8.02 13.72 7.68
CA ASP A 31 -6.69 14.31 7.70
C ASP A 31 -5.74 13.48 8.57
N THR A 32 -6.31 12.61 9.40
CA THR A 32 -5.52 11.76 10.28
C THR A 32 -5.68 10.30 9.93
N CYS A 33 -6.31 10.04 8.78
CA CYS A 33 -6.53 8.67 8.31
C CYS A 33 -5.74 8.39 7.04
N PHE A 34 -5.63 9.40 6.19
CA PHE A 34 -4.91 9.27 4.93
C PHE A 34 -3.39 9.19 5.18
N ARG A 35 -2.85 7.99 5.05
CA ARG A 35 -1.42 7.78 5.27
C ARG A 35 -0.94 6.54 4.52
N CYS A 36 0.37 6.30 4.57
CA CYS A 36 0.96 5.15 3.89
C CYS A 36 0.54 3.86 4.58
N ALA A 37 0.75 2.74 3.88
CA ALA A 37 0.39 1.43 4.41
C ALA A 37 1.64 0.64 4.82
N LYS A 38 2.80 1.16 4.46
CA LYS A 38 4.06 0.52 4.78
C LYS A 38 4.78 1.26 5.90
N CYS A 39 4.88 2.57 5.77
CA CYS A 39 5.55 3.40 6.76
C CYS A 39 4.53 4.12 7.64
N LEU A 40 3.27 4.08 7.22
CA LEU A 40 2.19 4.73 7.96
C LEU A 40 2.45 6.23 8.10
N HIS A 41 2.69 6.89 6.96
CA HIS A 41 2.95 8.32 6.95
C HIS A 41 1.88 9.06 6.14
N PRO A 42 1.42 10.20 6.67
CA PRO A 42 0.40 11.02 6.01
C PRO A 42 0.93 11.71 4.75
N LEU A 43 0.24 11.51 3.64
CA LEU A 43 0.63 12.11 2.37
C LEU A 43 -0.27 13.29 2.02
N ALA A 44 -0.80 13.94 3.05
CA ALA A 44 -1.67 15.10 2.86
C ALA A 44 -0.93 16.22 2.13
N ASN A 45 0.16 16.69 2.72
CA ASN A 45 0.96 17.76 2.12
C ASN A 45 1.96 17.20 1.12
N GLU A 46 2.23 15.90 1.22
CA GLU A 46 3.18 15.25 0.33
C GLU A 46 2.44 14.44 -0.75
N THR A 47 3.19 13.90 -1.70
CA THR A 47 2.62 13.11 -2.78
C THR A 47 2.35 11.67 -2.33
N PHE A 48 1.32 11.06 -2.88
CA PHE A 48 0.97 9.69 -2.54
C PHE A 48 0.87 8.82 -3.80
N VAL A 49 0.92 7.50 -3.60
CA VAL A 49 0.85 6.56 -4.71
C VAL A 49 -0.16 5.46 -4.44
N ALA A 50 -0.94 5.11 -5.45
CA ALA A 50 -1.95 4.06 -5.32
C ALA A 50 -1.73 2.96 -6.34
N LYS A 51 -1.31 1.79 -5.87
CA LYS A 51 -1.07 0.65 -6.73
C LYS A 51 -1.56 -0.64 -6.09
N ASP A 52 -2.45 -1.34 -6.81
CA ASP A 52 -3.00 -2.60 -6.31
C ASP A 52 -3.99 -2.34 -5.18
N ASN A 53 -4.82 -1.32 -5.35
CA ASN A 53 -5.82 -0.97 -4.34
C ASN A 53 -5.17 -0.78 -2.98
N LYS A 54 -3.95 -0.27 -2.97
CA LYS A 54 -3.21 -0.04 -1.73
C LYS A 54 -2.51 1.31 -1.77
N ILE A 55 -2.71 2.11 -0.72
CA ILE A 55 -2.08 3.42 -0.63
C ILE A 55 -0.64 3.32 -0.12
N LEU A 56 0.27 3.99 -0.81
CA LEU A 56 1.68 3.97 -0.43
C LEU A 56 2.34 5.32 -0.72
N CYS A 57 3.57 5.49 -0.24
CA CYS A 57 4.31 6.72 -0.46
C CYS A 57 5.49 6.48 -1.40
N ASN A 58 6.10 7.57 -1.87
CA ASN A 58 7.23 7.47 -2.77
C ASN A 58 8.40 6.76 -2.11
N LYS A 59 8.69 7.13 -0.86
CA LYS A 59 9.77 6.53 -0.11
C LYS A 59 9.64 5.01 -0.09
N CYS A 60 8.40 4.53 -0.10
CA CYS A 60 8.15 3.09 -0.09
C CYS A 60 8.16 2.52 -1.51
N THR A 61 7.30 3.08 -2.37
CA THR A 61 7.21 2.63 -3.75
C THR A 61 8.59 2.33 -4.33
N THR A 62 9.56 3.15 -3.96
CA THR A 62 10.94 2.98 -4.44
C THR A 62 11.29 1.50 -4.53
N ARG A 63 11.94 1.12 -5.63
CA ARG A 63 12.35 -0.27 -5.84
C ARG A 63 13.34 -0.72 -4.75
N GLU A 64 13.04 -1.84 -4.12
CA GLU A 64 13.89 -2.38 -3.06
C GLU A 64 14.37 -3.78 -3.41
N ASP A 65 15.64 -4.04 -3.19
CA ASP A 65 16.23 -5.35 -3.47
C ASP A 65 15.72 -6.39 -2.49
N SER A 66 14.45 -6.75 -2.63
CA SER A 66 13.84 -7.75 -1.75
C SER A 66 12.72 -8.50 -2.46
N PRO A 67 12.36 -9.68 -1.93
CA PRO A 67 11.31 -10.52 -2.50
C PRO A 67 9.93 -9.91 -2.33
N LYS A 68 8.93 -10.55 -2.91
CA LYS A 68 7.55 -10.08 -2.82
C LYS A 68 6.58 -11.24 -2.61
N CYS A 69 5.40 -10.93 -2.09
CA CYS A 69 4.38 -11.95 -1.84
C CYS A 69 3.41 -12.03 -3.02
N LYS A 70 2.62 -13.10 -3.05
CA LYS A 70 1.63 -13.29 -4.11
C LYS A 70 0.22 -13.24 -3.55
N GLY A 71 0.08 -13.57 -2.27
CA GLY A 71 -1.24 -13.55 -1.63
C GLY A 71 -1.71 -12.14 -1.31
N CYS A 72 -0.78 -11.30 -0.85
CA CYS A 72 -1.11 -9.92 -0.51
C CYS A 72 -0.28 -8.95 -1.33
N PHE A 73 0.74 -9.46 -1.99
CA PHE A 73 1.63 -8.63 -2.82
C PHE A 73 2.31 -7.56 -1.97
N LYS A 74 2.86 -7.98 -0.84
CA LYS A 74 3.55 -7.07 0.06
C LYS A 74 5.03 -7.44 0.19
N ALA A 75 5.84 -6.47 0.58
CA ALA A 75 7.28 -6.69 0.75
C ALA A 75 7.55 -7.71 1.85
N ILE A 76 8.18 -8.82 1.48
CA ILE A 76 8.50 -9.87 2.43
C ILE A 76 9.81 -9.57 3.16
N VAL A 77 9.92 -10.05 4.39
CA VAL A 77 11.12 -9.84 5.20
C VAL A 77 11.72 -11.16 5.64
N ALA A 78 13.05 -11.21 5.73
CA ALA A 78 13.75 -12.41 6.14
C ALA A 78 13.16 -12.98 7.43
N GLY A 79 13.23 -12.21 8.50
CA GLY A 79 12.70 -12.65 9.78
C GLY A 79 11.26 -13.09 9.68
N ASP A 80 10.46 -12.34 8.93
CA ASP A 80 9.04 -12.67 8.75
C ASP A 80 8.89 -14.00 8.04
N GLN A 81 8.43 -15.01 8.77
CA GLN A 81 8.22 -16.33 8.19
C GLN A 81 7.56 -16.24 6.83
N ASN A 82 8.01 -17.07 5.89
CA ASN A 82 7.44 -17.08 4.55
C ASN A 82 7.41 -18.50 3.98
N VAL A 83 6.81 -18.65 2.81
CA VAL A 83 6.71 -19.95 2.17
C VAL A 83 7.04 -19.86 0.68
N GLU A 84 8.22 -20.36 0.31
CA GLU A 84 8.66 -20.33 -1.08
C GLU A 84 8.31 -21.63 -1.79
N TYR A 85 7.71 -21.52 -2.96
CA TYR A 85 7.32 -22.69 -3.74
C TYR A 85 8.01 -22.69 -5.11
N LYS A 86 9.30 -22.99 -5.11
CA LYS A 86 10.08 -23.03 -6.34
C LYS A 86 9.89 -21.75 -7.14
N GLY A 87 10.16 -20.62 -6.50
CA GLY A 87 10.01 -19.33 -7.17
C GLY A 87 9.19 -18.35 -6.36
N THR A 88 7.87 -18.46 -6.46
CA THR A 88 6.97 -17.57 -5.73
C THR A 88 6.85 -17.98 -4.27
N VAL A 89 7.04 -17.01 -3.38
CA VAL A 89 6.95 -17.28 -1.95
C VAL A 89 5.81 -16.49 -1.32
N TRP A 90 4.97 -17.19 -0.56
CA TRP A 90 3.83 -16.55 0.11
C TRP A 90 4.04 -16.50 1.62
N HIS A 91 3.49 -15.47 2.26
CA HIS A 91 3.62 -15.31 3.70
C HIS A 91 3.08 -16.54 4.43
N LYS A 92 3.74 -16.90 5.52
CA LYS A 92 3.33 -18.05 6.32
C LYS A 92 1.83 -18.05 6.55
N ASP A 93 1.24 -16.85 6.63
CA ASP A 93 -0.19 -16.70 6.84
C ASP A 93 -0.96 -16.84 5.54
N CYS A 94 -0.46 -16.19 4.49
CA CYS A 94 -1.10 -16.24 3.19
C CYS A 94 -1.15 -17.67 2.66
N PHE A 95 -0.08 -18.42 2.90
CA PHE A 95 -0.01 -19.81 2.45
C PHE A 95 -0.65 -20.75 3.47
N SER A 96 -1.94 -21.03 3.28
CA SER A 96 -2.66 -21.92 4.19
C SER A 96 -3.36 -23.03 3.41
N GLY A 97 -2.65 -23.60 2.45
CA GLY A 97 -3.22 -24.68 1.65
C GLY A 97 -3.73 -24.19 0.31
N PRO A 98 -4.69 -24.94 -0.27
CA PRO A 98 -5.28 -24.60 -1.56
C PRO A 98 -6.16 -23.35 -1.49
N SER A 99 -6.43 -22.76 -2.65
CA SER A 99 -7.25 -21.56 -2.72
C SER A 99 -8.72 -21.92 -2.94
N SER A 100 -9.20 -22.94 -2.23
CA SER A 100 -10.57 -23.40 -2.36
C SER A 100 -11.02 -23.38 -3.81
N GLY A 101 -10.14 -23.83 -4.70
CA GLY A 101 -10.47 -23.87 -6.12
C GLY A 101 -11.82 -24.49 -6.39
ZN ZN B . -11.27 8.36 9.13
ZN ZN C . 5.57 4.76 2.86
ZN ZN D . 1.24 -12.24 1.75
N GLY A 1 -30.84 19.24 11.89
CA GLY A 1 -30.75 18.95 10.47
C GLY A 1 -29.70 17.90 10.15
N SER A 2 -28.77 18.25 9.26
CA SER A 2 -27.71 17.35 8.87
C SER A 2 -26.40 18.11 8.64
N SER A 3 -25.31 17.36 8.52
CA SER A 3 -24.00 17.97 8.29
C SER A 3 -23.49 17.68 6.88
N GLY A 4 -23.49 16.42 6.50
CA GLY A 4 -23.04 16.03 5.18
C GLY A 4 -23.31 14.58 4.87
N SER A 5 -22.64 14.06 3.84
CA SER A 5 -22.81 12.67 3.44
C SER A 5 -21.46 11.96 3.33
N SER A 6 -20.51 12.61 2.67
CA SER A 6 -19.18 12.04 2.50
C SER A 6 -18.72 11.34 3.76
N GLY A 7 -18.28 10.09 3.61
CA GLY A 7 -17.81 9.33 4.75
C GLY A 7 -16.40 8.81 4.56
N CYS A 8 -15.83 8.26 5.63
CA CYS A 8 -14.47 7.72 5.58
C CYS A 8 -14.49 6.21 5.33
N VAL A 9 -13.52 5.72 4.58
CA VAL A 9 -13.42 4.30 4.27
C VAL A 9 -12.49 3.59 5.24
N GLU A 10 -11.94 4.35 6.19
CA GLU A 10 -11.02 3.79 7.18
C GLU A 10 -11.70 3.66 8.53
N CYS A 11 -12.23 4.78 9.02
CA CYS A 11 -12.90 4.80 10.32
C CYS A 11 -14.42 4.67 10.14
N ARG A 12 -14.85 4.52 8.89
CA ARG A 12 -16.27 4.39 8.58
C ARG A 12 -17.08 5.45 9.31
N LYS A 13 -16.48 6.61 9.52
CA LYS A 13 -17.14 7.72 10.20
C LYS A 13 -17.40 8.88 9.24
N PRO A 14 -18.37 9.73 9.57
CA PRO A 14 -18.72 10.89 8.76
C PRO A 14 -17.64 11.97 8.79
N ILE A 15 -17.41 12.60 7.64
CA ILE A 15 -16.41 13.65 7.54
C ILE A 15 -17.06 15.03 7.44
N GLY A 16 -16.42 16.02 8.04
CA GLY A 16 -16.96 17.37 8.00
C GLY A 16 -16.37 18.20 6.88
N ALA A 17 -16.92 19.39 6.68
CA ALA A 17 -16.44 20.29 5.62
C ALA A 17 -15.13 20.95 6.03
N ASP A 18 -15.11 21.50 7.23
CA ASP A 18 -13.92 22.18 7.74
C ASP A 18 -12.75 21.20 7.88
N SER A 19 -13.08 19.95 8.21
CA SER A 19 -12.07 18.91 8.38
C SER A 19 -11.37 18.61 7.06
N LYS A 20 -10.04 18.72 7.05
CA LYS A 20 -9.26 18.46 5.85
C LYS A 20 -9.44 17.01 5.38
N GLU A 21 -10.27 16.82 4.37
CA GLU A 21 -10.53 15.49 3.83
C GLU A 21 -9.80 15.28 2.52
N VAL A 22 -9.53 14.02 2.19
CA VAL A 22 -8.83 13.67 0.96
C VAL A 22 -9.70 12.83 0.03
N HIS A 23 -10.23 13.47 -1.00
CA HIS A 23 -11.09 12.77 -1.96
C HIS A 23 -10.27 12.16 -3.08
N TYR A 24 -10.24 10.84 -3.14
CA TYR A 24 -9.48 10.13 -4.17
C TYR A 24 -10.11 8.77 -4.47
N LYS A 25 -10.35 8.51 -5.75
CA LYS A 25 -10.93 7.24 -6.17
C LYS A 25 -12.34 7.08 -5.58
N ASN A 26 -13.15 8.13 -5.69
CA ASN A 26 -14.51 8.10 -5.16
C ASN A 26 -14.51 7.76 -3.67
N ARG A 27 -13.41 8.07 -2.99
CA ARG A 27 -13.28 7.81 -1.57
C ARG A 27 -12.95 9.08 -0.81
N PHE A 28 -12.82 8.96 0.51
CA PHE A 28 -12.50 10.11 1.36
C PHE A 28 -11.84 9.66 2.64
N TRP A 29 -10.69 10.26 2.95
CA TRP A 29 -9.95 9.92 4.16
C TRP A 29 -9.71 11.16 5.02
N HIS A 30 -9.78 10.99 6.34
CA HIS A 30 -9.58 12.10 7.26
C HIS A 30 -8.14 12.59 7.21
N ASP A 31 -7.91 13.83 7.64
CA ASP A 31 -6.57 14.40 7.65
C ASP A 31 -5.62 13.56 8.48
N THR A 32 -6.18 12.62 9.25
CA THR A 32 -5.37 11.76 10.11
C THR A 32 -5.44 10.31 9.63
N CYS A 33 -6.40 10.02 8.77
CA CYS A 33 -6.57 8.68 8.23
C CYS A 33 -5.80 8.50 6.92
N PHE A 34 -5.76 9.56 6.13
CA PHE A 34 -5.04 9.53 4.85
C PHE A 34 -3.54 9.47 5.07
N ARG A 35 -2.98 8.26 4.96
CA ARG A 35 -1.54 8.07 5.16
C ARG A 35 -1.06 6.83 4.41
N CYS A 36 0.22 6.54 4.53
CA CYS A 36 0.81 5.38 3.87
C CYS A 36 0.32 4.09 4.52
N ALA A 37 0.60 2.96 3.85
CA ALA A 37 0.19 1.66 4.36
C ALA A 37 1.39 0.85 4.84
N LYS A 38 2.59 1.30 4.48
CA LYS A 38 3.82 0.61 4.87
C LYS A 38 4.51 1.37 6.00
N CYS A 39 4.51 2.69 5.90
CA CYS A 39 5.16 3.53 6.92
C CYS A 39 4.11 4.29 7.72
N LEU A 40 2.87 4.28 7.24
CA LEU A 40 1.78 4.99 7.91
C LEU A 40 2.07 6.48 8.01
N HIS A 41 2.62 7.03 6.94
CA HIS A 41 2.94 8.46 6.91
C HIS A 41 1.88 9.24 6.13
N PRO A 42 1.48 10.40 6.67
CA PRO A 42 0.47 11.26 6.05
C PRO A 42 0.98 11.92 4.76
N LEU A 43 0.25 11.73 3.67
CA LEU A 43 0.63 12.30 2.39
C LEU A 43 -0.19 13.54 2.09
N ALA A 44 -0.88 14.06 3.11
CA ALA A 44 -1.71 15.25 2.95
C ALA A 44 -0.95 16.35 2.21
N ASN A 45 0.25 16.66 2.69
CA ASN A 45 1.07 17.69 2.06
C ASN A 45 2.10 17.07 1.12
N GLU A 46 2.27 15.76 1.22
CA GLU A 46 3.22 15.05 0.37
C GLU A 46 2.50 14.32 -0.76
N THR A 47 3.27 13.60 -1.57
CA THR A 47 2.72 12.85 -2.70
C THR A 47 2.30 11.45 -2.27
N PHE A 48 1.34 10.88 -2.99
CA PHE A 48 0.86 9.54 -2.69
C PHE A 48 0.70 8.71 -3.97
N VAL A 49 0.66 7.40 -3.82
CA VAL A 49 0.51 6.50 -4.95
C VAL A 49 -0.51 5.40 -4.66
N ALA A 50 -1.48 5.26 -5.54
CA ALA A 50 -2.52 4.24 -5.38
C ALA A 50 -2.27 3.05 -6.29
N LYS A 51 -1.89 1.93 -5.69
CA LYS A 51 -1.62 0.71 -6.45
C LYS A 51 -2.16 -0.52 -5.72
N ASP A 52 -2.56 -1.53 -6.49
CA ASP A 52 -3.09 -2.76 -5.92
C ASP A 52 -4.05 -2.45 -4.78
N ASN A 53 -4.91 -1.45 -4.98
CA ASN A 53 -5.87 -1.06 -3.96
C ASN A 53 -5.18 -0.80 -2.62
N LYS A 54 -4.01 -0.17 -2.67
CA LYS A 54 -3.24 0.13 -1.48
C LYS A 54 -2.51 1.47 -1.63
N ILE A 55 -2.71 2.35 -0.66
CA ILE A 55 -2.07 3.67 -0.68
C ILE A 55 -0.64 3.57 -0.18
N LEU A 56 0.28 4.19 -0.93
CA LEU A 56 1.69 4.18 -0.56
C LEU A 56 2.35 5.52 -0.88
N CYS A 57 3.51 5.77 -0.29
CA CYS A 57 4.24 7.01 -0.52
C CYS A 57 5.44 6.77 -1.43
N ASN A 58 6.16 7.84 -1.74
CA ASN A 58 7.34 7.76 -2.60
C ASN A 58 8.48 7.05 -1.89
N LYS A 59 8.67 7.37 -0.61
CA LYS A 59 9.72 6.76 0.19
C LYS A 59 9.60 5.24 0.18
N CYS A 60 8.37 4.76 0.08
CA CYS A 60 8.11 3.32 0.07
C CYS A 60 8.10 2.78 -1.36
N THR A 61 7.14 3.25 -2.15
CA THR A 61 7.01 2.81 -3.53
C THR A 61 8.38 2.74 -4.21
N THR A 62 9.28 3.64 -3.82
CA THR A 62 10.62 3.68 -4.39
C THR A 62 11.15 2.27 -4.63
N ARG A 63 11.89 2.10 -5.73
CA ARG A 63 12.46 0.80 -6.07
C ARG A 63 13.63 0.46 -5.16
N GLU A 64 13.62 -0.76 -4.61
CA GLU A 64 14.68 -1.20 -3.72
C GLU A 64 14.97 -2.68 -3.91
N ASP A 65 16.25 -3.04 -3.90
CA ASP A 65 16.66 -4.43 -4.08
C ASP A 65 16.72 -5.15 -2.73
N SER A 66 15.98 -4.63 -1.76
CA SER A 66 15.95 -5.22 -0.42
C SER A 66 14.87 -4.58 0.44
N PRO A 67 14.09 -5.42 1.13
CA PRO A 67 13.01 -4.96 2.00
C PRO A 67 13.52 -4.26 3.25
N LYS A 68 12.62 -3.59 3.95
CA LYS A 68 12.99 -2.87 5.17
C LYS A 68 12.14 -3.34 6.36
N CYS A 69 12.68 -3.16 7.56
CA CYS A 69 11.97 -3.57 8.76
C CYS A 69 11.28 -2.38 9.42
N LYS A 70 10.37 -2.66 10.35
CA LYS A 70 9.64 -1.60 11.05
C LYS A 70 9.98 -1.59 12.54
N GLY A 71 10.47 -2.73 13.03
CA GLY A 71 10.82 -2.83 14.44
C GLY A 71 12.10 -2.09 14.76
N CYS A 72 13.07 -2.14 13.84
CA CYS A 72 14.35 -1.46 14.04
C CYS A 72 14.62 -0.48 12.90
N PHE A 73 13.92 -0.67 11.79
CA PHE A 73 14.09 0.20 10.63
C PHE A 73 15.42 -0.08 9.93
N LYS A 74 15.68 -1.35 9.65
CA LYS A 74 16.92 -1.75 8.99
C LYS A 74 16.63 -2.65 7.79
N ALA A 75 17.58 -2.70 6.85
CA ALA A 75 17.42 -3.53 5.66
C ALA A 75 17.35 -5.00 6.02
N ILE A 76 16.31 -5.67 5.56
CA ILE A 76 16.13 -7.09 5.82
C ILE A 76 16.68 -7.95 4.69
N VAL A 77 17.36 -9.04 5.06
CA VAL A 77 17.94 -9.94 4.07
C VAL A 77 17.09 -11.20 3.91
N ALA A 78 17.12 -11.77 2.71
CA ALA A 78 16.35 -12.98 2.43
C ALA A 78 16.79 -14.13 3.32
N GLY A 79 18.06 -14.50 3.23
CA GLY A 79 18.59 -15.58 4.04
C GLY A 79 18.17 -15.47 5.48
N ASP A 80 18.12 -14.25 6.00
CA ASP A 80 17.73 -14.01 7.38
C ASP A 80 16.24 -14.29 7.59
N GLN A 81 15.85 -14.45 8.85
CA GLN A 81 14.46 -14.71 9.18
C GLN A 81 13.66 -13.42 9.30
N ASN A 82 12.43 -13.43 8.78
CA ASN A 82 11.57 -12.26 8.82
C ASN A 82 10.11 -12.67 8.95
N VAL A 83 9.26 -11.71 9.33
CA VAL A 83 7.83 -11.97 9.49
C VAL A 83 7.00 -10.92 8.75
N GLU A 84 6.43 -11.32 7.62
CA GLU A 84 5.60 -10.42 6.81
C GLU A 84 4.16 -10.43 7.30
N TYR A 85 3.59 -9.24 7.45
CA TYR A 85 2.21 -9.11 7.92
C TYR A 85 1.55 -7.88 7.30
N LYS A 86 0.63 -8.10 6.37
CA LYS A 86 -0.08 -7.01 5.71
C LYS A 86 0.89 -6.12 4.96
N GLY A 87 1.87 -6.73 4.31
CA GLY A 87 2.85 -5.97 3.55
C GLY A 87 4.11 -5.68 4.35
N THR A 88 3.93 -5.15 5.55
CA THR A 88 5.05 -4.81 6.42
C THR A 88 5.59 -6.05 7.12
N VAL A 89 6.90 -6.26 7.02
CA VAL A 89 7.55 -7.41 7.65
C VAL A 89 8.43 -6.98 8.81
N TRP A 90 8.57 -7.85 9.80
CA TRP A 90 9.39 -7.56 10.97
C TRP A 90 10.32 -8.73 11.28
N HIS A 91 11.56 -8.41 11.66
CA HIS A 91 12.55 -9.42 11.99
C HIS A 91 11.97 -10.44 12.96
N LYS A 92 12.18 -11.72 12.66
CA LYS A 92 11.69 -12.80 13.51
C LYS A 92 11.74 -12.40 14.98
N ASP A 93 12.73 -11.59 15.34
CA ASP A 93 12.89 -11.13 16.71
C ASP A 93 12.01 -9.91 16.98
N CYS A 94 12.02 -8.97 16.05
CA CYS A 94 11.23 -7.75 16.18
C CYS A 94 9.75 -8.08 16.34
N PHE A 95 9.26 -9.02 15.53
CA PHE A 95 7.86 -9.42 15.59
C PHE A 95 7.55 -10.11 16.90
N SER A 96 6.54 -9.62 17.61
CA SER A 96 6.14 -10.19 18.89
C SER A 96 4.66 -10.57 18.88
N GLY A 97 3.82 -9.64 18.45
CA GLY A 97 2.39 -9.90 18.40
C GLY A 97 1.84 -10.33 19.73
N PRO A 98 1.30 -9.37 20.50
CA PRO A 98 0.72 -9.64 21.82
C PRO A 98 -0.58 -10.43 21.73
N SER A 99 -0.70 -11.47 22.55
CA SER A 99 -1.90 -12.30 22.56
C SER A 99 -2.37 -12.55 23.99
N SER A 100 -3.53 -13.19 24.12
CA SER A 100 -4.09 -13.49 25.43
C SER A 100 -4.51 -14.96 25.52
N GLY A 101 -5.35 -15.39 24.58
CA GLY A 101 -5.82 -16.76 24.57
C GLY A 101 -7.31 -16.88 24.78
ZN ZN B . -11.21 8.47 8.88
ZN ZN C . 5.43 5.09 2.97
ZN ZN D . 13.70 -5.20 12.87
N GLY A 1 -31.81 19.92 -4.05
CA GLY A 1 -30.78 18.99 -4.48
C GLY A 1 -29.80 18.67 -3.37
N SER A 2 -30.18 17.75 -2.50
CA SER A 2 -29.33 17.36 -1.37
C SER A 2 -28.11 16.60 -1.87
N SER A 3 -26.95 17.26 -1.82
CA SER A 3 -25.70 16.65 -2.27
C SER A 3 -24.70 16.55 -1.12
N GLY A 4 -24.42 15.33 -0.68
CA GLY A 4 -23.49 15.13 0.41
C GLY A 4 -23.08 13.68 0.55
N SER A 5 -23.14 13.16 1.77
CA SER A 5 -22.76 11.78 2.04
C SER A 5 -21.27 11.57 1.82
N SER A 6 -20.46 12.47 2.38
CA SER A 6 -19.02 12.40 2.24
C SER A 6 -18.37 11.94 3.55
N GLY A 7 -18.41 10.64 3.80
CA GLY A 7 -17.84 10.09 5.01
C GLY A 7 -16.46 9.49 4.78
N CYS A 8 -15.94 8.81 5.79
CA CYS A 8 -14.62 8.18 5.69
C CYS A 8 -14.75 6.68 5.44
N VAL A 9 -13.76 6.12 4.77
CA VAL A 9 -13.76 4.69 4.46
C VAL A 9 -12.88 3.92 5.44
N GLU A 10 -12.10 4.65 6.23
CA GLU A 10 -11.21 4.04 7.20
C GLU A 10 -11.94 3.78 8.52
N CYS A 11 -12.48 4.83 9.11
CA CYS A 11 -13.21 4.73 10.37
C CYS A 11 -14.72 4.77 10.14
N ARG A 12 -15.12 4.69 8.87
CA ARG A 12 -16.52 4.72 8.51
C ARG A 12 -17.26 5.82 9.28
N LYS A 13 -16.56 6.94 9.49
CA LYS A 13 -17.15 8.07 10.22
C LYS A 13 -17.36 9.25 9.28
N PRO A 14 -18.28 10.14 9.65
CA PRO A 14 -18.60 11.34 8.87
C PRO A 14 -17.47 12.36 8.88
N ILE A 15 -17.24 13.00 7.75
CA ILE A 15 -16.19 14.02 7.64
C ILE A 15 -16.77 15.41 7.59
N GLY A 16 -16.22 16.32 8.39
CA GLY A 16 -16.69 17.69 8.41
C GLY A 16 -16.02 18.56 7.36
N ALA A 17 -16.75 19.58 6.90
CA ALA A 17 -16.23 20.48 5.89
C ALA A 17 -14.96 21.18 6.37
N ASP A 18 -15.02 21.75 7.58
CA ASP A 18 -13.89 22.45 8.15
C ASP A 18 -12.67 21.53 8.24
N SER A 19 -12.92 20.25 8.54
CA SER A 19 -11.84 19.27 8.66
C SER A 19 -11.27 18.93 7.28
N LYS A 20 -9.95 19.02 7.16
CA LYS A 20 -9.29 18.71 5.90
C LYS A 20 -9.57 17.27 5.48
N GLU A 21 -10.42 17.11 4.48
CA GLU A 21 -10.78 15.79 3.97
C GLU A 21 -10.10 15.52 2.64
N VAL A 22 -9.93 14.24 2.32
CA VAL A 22 -9.29 13.85 1.06
C VAL A 22 -10.28 13.11 0.15
N HIS A 23 -10.01 13.15 -1.15
CA HIS A 23 -10.87 12.50 -2.12
C HIS A 23 -10.05 11.83 -3.22
N TYR A 24 -10.10 10.51 -3.27
CA TYR A 24 -9.35 9.75 -4.27
C TYR A 24 -10.04 8.42 -4.57
N LYS A 25 -10.02 8.02 -5.83
CA LYS A 25 -10.63 6.76 -6.24
C LYS A 25 -12.05 6.65 -5.71
N ASN A 26 -12.82 7.71 -5.88
CA ASN A 26 -14.21 7.73 -5.41
C ASN A 26 -14.28 7.40 -3.91
N ARG A 27 -13.24 7.78 -3.17
CA ARG A 27 -13.19 7.51 -1.74
C ARG A 27 -12.88 8.79 -0.98
N PHE A 28 -12.81 8.68 0.35
CA PHE A 28 -12.52 9.83 1.20
C PHE A 28 -11.91 9.38 2.52
N TRP A 29 -10.80 10.02 2.90
CA TRP A 29 -10.12 9.69 4.14
C TRP A 29 -9.93 10.93 5.01
N HIS A 30 -9.90 10.73 6.32
CA HIS A 30 -9.73 11.83 7.26
C HIS A 30 -8.30 12.36 7.22
N ASP A 31 -8.11 13.59 7.71
CA ASP A 31 -6.80 14.21 7.73
C ASP A 31 -5.82 13.39 8.56
N THR A 32 -6.35 12.48 9.37
CA THR A 32 -5.53 11.63 10.22
C THR A 32 -5.52 10.19 9.73
N CYS A 33 -6.50 9.86 8.87
CA CYS A 33 -6.61 8.52 8.33
C CYS A 33 -5.79 8.37 7.05
N PHE A 34 -5.89 9.37 6.18
CA PHE A 34 -5.16 9.35 4.93
C PHE A 34 -3.65 9.30 5.17
N ARG A 35 -3.07 8.12 5.00
CA ARG A 35 -1.64 7.95 5.21
C ARG A 35 -1.13 6.70 4.47
N CYS A 36 0.17 6.44 4.59
CA CYS A 36 0.77 5.30 3.94
C CYS A 36 0.35 3.99 4.60
N ALA A 37 0.67 2.87 3.97
CA ALA A 37 0.33 1.56 4.51
C ALA A 37 1.57 0.81 4.99
N LYS A 38 2.74 1.25 4.51
CA LYS A 38 4.00 0.63 4.89
C LYS A 38 4.69 1.41 6.00
N CYS A 39 4.75 2.73 5.84
CA CYS A 39 5.38 3.60 6.82
C CYS A 39 4.33 4.26 7.71
N LEU A 40 3.07 4.23 7.27
CA LEU A 40 1.98 4.82 8.03
C LEU A 40 2.19 6.32 8.20
N HIS A 41 2.43 7.01 7.10
CA HIS A 41 2.65 8.46 7.13
C HIS A 41 1.57 9.19 6.33
N PRO A 42 1.15 10.36 6.85
CA PRO A 42 0.11 11.17 6.21
C PRO A 42 0.60 11.81 4.92
N LEU A 43 -0.06 11.47 3.81
CA LEU A 43 0.31 12.01 2.51
C LEU A 43 -0.59 13.18 2.12
N ALA A 44 -1.18 13.82 3.13
CA ALA A 44 -2.06 14.95 2.91
C ALA A 44 -1.36 16.05 2.11
N ASN A 45 -0.26 16.54 2.65
CA ASN A 45 0.51 17.59 2.01
C ASN A 45 1.58 17.00 1.08
N GLU A 46 1.79 15.70 1.21
CA GLU A 46 2.79 15.01 0.39
C GLU A 46 2.11 14.22 -0.74
N THR A 47 2.92 13.74 -1.68
CA THR A 47 2.40 12.98 -2.81
C THR A 47 2.43 11.48 -2.52
N PHE A 48 1.44 10.77 -3.05
CA PHE A 48 1.35 9.32 -2.85
C PHE A 48 1.13 8.60 -4.18
N VAL A 49 1.02 7.28 -4.11
CA VAL A 49 0.81 6.47 -5.31
C VAL A 49 -0.14 5.31 -5.02
N ALA A 50 -1.20 5.21 -5.81
CA ALA A 50 -2.18 4.15 -5.65
C ALA A 50 -1.85 2.96 -6.55
N LYS A 51 -1.40 1.86 -5.93
CA LYS A 51 -1.05 0.66 -6.67
C LYS A 51 -1.49 -0.59 -5.91
N ASP A 52 -2.14 -1.50 -6.61
CA ASP A 52 -2.61 -2.75 -6.00
C ASP A 52 -3.63 -2.46 -4.91
N ASN A 53 -4.50 -1.48 -5.16
CA ASN A 53 -5.52 -1.11 -4.19
C ASN A 53 -4.91 -0.83 -2.82
N LYS A 54 -3.72 -0.24 -2.83
CA LYS A 54 -3.03 0.09 -1.59
C LYS A 54 -2.32 1.45 -1.71
N ILE A 55 -2.48 2.27 -0.68
CA ILE A 55 -1.86 3.59 -0.66
C ILE A 55 -0.40 3.51 -0.19
N LEU A 56 0.49 4.11 -0.98
CA LEU A 56 1.91 4.11 -0.64
C LEU A 56 2.55 5.46 -0.95
N CYS A 57 3.61 5.80 -0.22
CA CYS A 57 4.31 7.06 -0.42
C CYS A 57 5.53 6.87 -1.31
N ASN A 58 5.91 7.94 -2.01
CA ASN A 58 7.06 7.89 -2.91
C ASN A 58 8.24 7.22 -2.23
N LYS A 59 8.44 7.52 -0.95
CA LYS A 59 9.54 6.94 -0.18
C LYS A 59 9.47 5.41 -0.19
N CYS A 60 8.26 4.87 -0.16
CA CYS A 60 8.06 3.44 -0.18
C CYS A 60 7.99 2.90 -1.60
N THR A 61 7.09 3.46 -2.39
CA THR A 61 6.93 3.04 -3.79
C THR A 61 8.28 2.74 -4.43
N THR A 62 9.32 3.40 -3.92
CA THR A 62 10.67 3.21 -4.46
C THR A 62 11.23 1.84 -4.05
N ARG A 63 10.90 0.82 -4.84
CA ARG A 63 11.37 -0.53 -4.57
C ARG A 63 12.46 -0.93 -5.56
N GLU A 64 13.12 -2.05 -5.27
CA GLU A 64 14.19 -2.55 -6.14
C GLU A 64 13.73 -2.60 -7.59
N ASP A 65 14.70 -2.59 -8.50
CA ASP A 65 14.40 -2.65 -9.93
C ASP A 65 14.25 -4.09 -10.40
N SER A 66 13.58 -4.91 -9.60
CA SER A 66 13.38 -6.31 -9.93
C SER A 66 12.52 -6.45 -11.18
N PRO A 67 12.97 -7.30 -12.12
CA PRO A 67 12.26 -7.54 -13.38
C PRO A 67 10.96 -8.30 -13.17
N LYS A 68 10.21 -8.51 -14.24
CA LYS A 68 8.95 -9.23 -14.18
C LYS A 68 8.89 -10.31 -15.26
N CYS A 69 8.11 -11.35 -14.99
CA CYS A 69 7.95 -12.45 -15.94
C CYS A 69 6.64 -12.34 -16.71
N LYS A 70 6.49 -13.15 -17.75
CA LYS A 70 5.28 -13.14 -18.56
C LYS A 70 4.54 -14.47 -18.44
N GLY A 71 5.29 -15.55 -18.29
CA GLY A 71 4.67 -16.87 -18.16
C GLY A 71 3.87 -17.01 -16.89
N CYS A 72 4.33 -16.38 -15.82
CA CYS A 72 3.64 -16.44 -14.53
C CYS A 72 3.28 -15.04 -14.04
N PHE A 73 3.94 -14.03 -14.61
CA PHE A 73 3.68 -12.65 -14.23
C PHE A 73 4.04 -12.40 -12.76
N LYS A 74 5.24 -12.83 -12.38
CA LYS A 74 5.70 -12.67 -11.00
C LYS A 74 7.06 -11.95 -10.97
N ALA A 75 7.41 -11.43 -9.80
CA ALA A 75 8.67 -10.72 -9.64
C ALA A 75 9.85 -11.69 -9.72
N ILE A 76 10.51 -11.71 -10.88
CA ILE A 76 11.65 -12.59 -11.09
C ILE A 76 12.81 -12.20 -10.18
N VAL A 77 13.54 -13.20 -9.70
CA VAL A 77 14.69 -12.97 -8.82
C VAL A 77 16.01 -13.25 -9.55
N ALA A 78 17.06 -12.59 -9.09
CA ALA A 78 18.38 -12.78 -9.69
C ALA A 78 18.82 -14.23 -9.62
N GLY A 79 18.93 -14.75 -8.40
CA GLY A 79 19.35 -16.13 -8.22
C GLY A 79 18.48 -17.10 -9.00
N ASP A 80 17.18 -16.86 -9.00
CA ASP A 80 16.25 -17.73 -9.71
C ASP A 80 16.53 -17.72 -11.21
N GLN A 81 16.45 -18.89 -11.83
CA GLN A 81 16.70 -19.02 -13.26
C GLN A 81 15.71 -18.19 -14.07
N ASN A 82 16.17 -17.62 -15.17
CA ASN A 82 15.33 -16.81 -16.03
C ASN A 82 15.83 -16.84 -17.48
N VAL A 83 14.92 -16.61 -18.42
CA VAL A 83 15.26 -16.61 -19.83
C VAL A 83 14.85 -15.30 -20.50
N GLU A 84 15.83 -14.47 -20.83
CA GLU A 84 15.58 -13.19 -21.46
C GLU A 84 15.75 -13.29 -22.98
N TYR A 85 14.72 -12.86 -23.71
CA TYR A 85 14.76 -12.90 -25.17
C TYR A 85 14.75 -11.50 -25.76
N LYS A 86 13.57 -10.88 -25.80
CA LYS A 86 13.42 -9.54 -26.33
C LYS A 86 12.63 -8.65 -25.38
N GLY A 87 13.33 -8.08 -24.41
CA GLY A 87 12.67 -7.21 -23.45
C GLY A 87 11.96 -7.99 -22.35
N THR A 88 11.38 -9.13 -22.73
CA THR A 88 10.66 -9.96 -21.77
C THR A 88 11.45 -11.23 -21.45
N VAL A 89 11.62 -11.51 -20.16
CA VAL A 89 12.36 -12.68 -19.72
C VAL A 89 11.43 -13.68 -19.04
N TRP A 90 11.39 -14.91 -19.57
CA TRP A 90 10.54 -15.95 -19.01
C TRP A 90 11.38 -16.95 -18.21
N HIS A 91 10.83 -17.39 -17.08
CA HIS A 91 11.51 -18.35 -16.22
C HIS A 91 11.89 -19.61 -17.00
N LYS A 92 13.08 -20.14 -16.72
CA LYS A 92 13.56 -21.34 -17.40
C LYS A 92 12.40 -22.28 -17.72
N ASP A 93 11.44 -22.36 -16.80
CA ASP A 93 10.27 -23.22 -16.99
C ASP A 93 9.27 -22.58 -17.94
N CYS A 94 8.95 -21.31 -17.68
CA CYS A 94 8.00 -20.57 -18.51
C CYS A 94 8.45 -20.55 -19.96
N PHE A 95 9.75 -20.29 -20.17
CA PHE A 95 10.31 -20.23 -21.51
C PHE A 95 10.33 -21.61 -22.15
N SER A 96 10.45 -21.64 -23.48
CA SER A 96 10.48 -22.91 -24.21
C SER A 96 11.89 -23.48 -24.23
N GLY A 97 12.83 -22.73 -24.80
CA GLY A 97 14.20 -23.17 -24.87
C GLY A 97 15.08 -22.24 -25.69
N PRO A 98 15.00 -22.35 -27.02
CA PRO A 98 15.79 -21.51 -27.93
C PRO A 98 15.32 -20.06 -27.92
N SER A 99 16.26 -19.15 -27.64
CA SER A 99 15.94 -17.73 -27.61
C SER A 99 16.68 -16.98 -28.70
N SER A 100 17.99 -17.20 -28.78
CA SER A 100 18.81 -16.55 -29.79
C SER A 100 18.04 -16.36 -31.10
N GLY A 101 18.18 -15.19 -31.70
CA GLY A 101 17.48 -14.91 -32.95
C GLY A 101 18.40 -14.28 -33.98
ZN ZN B . -11.35 8.14 9.05
ZN ZN C . 5.38 4.98 2.88
ZN ZN D . 7.64 -17.12 -15.11
N GLY A 1 -26.59 20.77 8.75
CA GLY A 1 -26.29 19.79 7.72
C GLY A 1 -25.01 20.11 6.97
N SER A 2 -23.98 20.52 7.70
CA SER A 2 -22.70 20.87 7.09
C SER A 2 -22.02 19.64 6.50
N SER A 3 -22.03 18.54 7.27
CA SER A 3 -21.42 17.30 6.82
C SER A 3 -21.87 16.95 5.41
N GLY A 4 -20.92 16.55 4.57
CA GLY A 4 -21.25 16.19 3.19
C GLY A 4 -21.41 14.69 3.02
N SER A 5 -21.82 14.29 1.82
CA SER A 5 -22.03 12.87 1.52
C SER A 5 -20.71 12.20 1.14
N SER A 6 -19.67 12.47 1.92
CA SER A 6 -18.36 11.89 1.67
C SER A 6 -18.11 10.70 2.57
N GLY A 7 -18.07 10.94 3.88
CA GLY A 7 -17.83 9.88 4.84
C GLY A 7 -16.48 9.21 4.64
N CYS A 8 -15.88 8.77 5.73
CA CYS A 8 -14.59 8.11 5.68
C CYS A 8 -14.75 6.61 5.45
N VAL A 9 -13.81 6.03 4.69
CA VAL A 9 -13.85 4.61 4.40
C VAL A 9 -12.99 3.82 5.38
N GLU A 10 -12.08 4.52 6.05
CA GLU A 10 -11.20 3.88 7.02
C GLU A 10 -11.87 3.74 8.37
N CYS A 11 -12.32 4.87 8.91
CA CYS A 11 -12.99 4.88 10.22
C CYS A 11 -14.50 4.77 10.05
N ARG A 12 -14.94 4.61 8.80
CA ARG A 12 -16.37 4.48 8.51
C ARG A 12 -17.18 5.55 9.25
N LYS A 13 -16.52 6.66 9.58
CA LYS A 13 -17.18 7.75 10.28
C LYS A 13 -17.47 8.92 9.35
N PRO A 14 -18.49 9.71 9.68
CA PRO A 14 -18.88 10.88 8.88
C PRO A 14 -17.86 12.00 8.94
N ILE A 15 -17.65 12.67 7.81
CA ILE A 15 -16.71 13.77 7.75
C ILE A 15 -17.42 15.12 7.61
N GLY A 16 -16.84 16.15 8.20
CA GLY A 16 -17.44 17.47 8.13
C GLY A 16 -16.87 18.30 7.00
N ALA A 17 -17.25 19.58 6.95
CA ALA A 17 -16.78 20.48 5.91
C ALA A 17 -15.53 21.24 6.36
N ASP A 18 -15.54 21.67 7.62
CA ASP A 18 -14.41 22.41 8.18
C ASP A 18 -13.16 21.53 8.23
N SER A 19 -13.37 20.23 8.43
CA SER A 19 -12.26 19.29 8.50
C SER A 19 -11.64 19.07 7.13
N LYS A 20 -10.31 18.96 7.09
CA LYS A 20 -9.59 18.74 5.84
C LYS A 20 -9.69 17.29 5.41
N GLU A 21 -10.57 17.01 4.45
CA GLU A 21 -10.75 15.66 3.94
C GLU A 21 -9.97 15.45 2.64
N VAL A 22 -9.65 14.20 2.34
CA VAL A 22 -8.92 13.87 1.13
C VAL A 22 -9.75 12.98 0.21
N HIS A 23 -10.28 13.58 -0.86
CA HIS A 23 -11.09 12.85 -1.82
C HIS A 23 -10.21 12.27 -2.93
N TYR A 24 -10.21 10.95 -3.05
CA TYR A 24 -9.42 10.26 -4.06
C TYR A 24 -10.05 8.94 -4.45
N LYS A 25 -9.90 8.56 -5.71
CA LYS A 25 -10.45 7.30 -6.21
C LYS A 25 -11.84 7.05 -5.63
N ASN A 26 -12.68 8.08 -5.66
CA ASN A 26 -14.04 7.97 -5.14
C ASN A 26 -14.02 7.58 -3.67
N ARG A 27 -13.06 8.10 -2.93
CA ARG A 27 -12.93 7.81 -1.50
C ARG A 27 -12.75 9.08 -0.69
N PHE A 28 -12.60 8.93 0.62
CA PHE A 28 -12.41 10.06 1.51
C PHE A 28 -11.77 9.64 2.83
N TRP A 29 -10.63 10.24 3.14
CA TRP A 29 -9.91 9.92 4.36
C TRP A 29 -9.67 11.17 5.20
N HIS A 30 -9.78 11.03 6.52
CA HIS A 30 -9.58 12.15 7.43
C HIS A 30 -8.14 12.64 7.36
N ASP A 31 -7.91 13.85 7.88
CA ASP A 31 -6.58 14.44 7.88
C ASP A 31 -5.61 13.57 8.69
N THR A 32 -6.15 12.67 9.49
CA THR A 32 -5.35 11.79 10.32
C THR A 32 -5.41 10.35 9.82
N CYS A 33 -6.38 10.08 8.95
CA CYS A 33 -6.56 8.73 8.41
C CYS A 33 -5.71 8.55 7.15
N PHE A 34 -5.77 9.53 6.25
CA PHE A 34 -5.01 9.48 5.01
C PHE A 34 -3.52 9.38 5.29
N ARG A 35 -2.94 8.21 5.01
CA ARG A 35 -1.52 7.99 5.24
C ARG A 35 -1.05 6.71 4.56
N CYS A 36 0.26 6.48 4.56
CA CYS A 36 0.83 5.30 3.94
C CYS A 36 0.41 4.04 4.68
N ALA A 37 0.62 2.89 4.05
CA ALA A 37 0.26 1.61 4.65
C ALA A 37 1.51 0.83 5.05
N LYS A 38 2.67 1.31 4.61
CA LYS A 38 3.93 0.65 4.91
C LYS A 38 4.69 1.41 6.00
N CYS A 39 4.73 2.74 5.86
CA CYS A 39 5.42 3.59 6.82
C CYS A 39 4.43 4.31 7.72
N LEU A 40 3.18 4.37 7.28
CA LEU A 40 2.13 5.04 8.05
C LEU A 40 2.39 6.53 8.13
N HIS A 41 2.64 7.16 6.99
CA HIS A 41 2.90 8.59 6.93
C HIS A 41 1.77 9.32 6.20
N PRO A 42 1.34 10.45 6.77
CA PRO A 42 0.27 11.27 6.18
C PRO A 42 0.71 11.95 4.89
N LEU A 43 0.02 11.64 3.79
CA LEU A 43 0.34 12.22 2.49
C LEU A 43 -0.61 13.37 2.18
N ALA A 44 -1.03 14.09 3.22
CA ALA A 44 -1.93 15.22 3.05
C ALA A 44 -1.33 16.26 2.11
N ASN A 45 -0.08 16.64 2.37
CA ASN A 45 0.61 17.63 1.56
C ASN A 45 1.71 16.99 0.72
N GLU A 46 1.89 15.68 0.91
CA GLU A 46 2.91 14.95 0.17
C GLU A 46 2.28 14.15 -0.96
N THR A 47 3.13 13.62 -1.85
CA THR A 47 2.67 12.84 -2.98
C THR A 47 2.60 11.35 -2.64
N PHE A 48 1.65 10.65 -3.26
CA PHE A 48 1.48 9.22 -3.03
C PHE A 48 1.26 8.47 -4.33
N VAL A 49 1.11 7.16 -4.24
CA VAL A 49 0.88 6.32 -5.42
C VAL A 49 -0.16 5.26 -5.14
N ALA A 50 -1.09 5.08 -6.08
CA ALA A 50 -2.15 4.08 -5.94
C ALA A 50 -1.82 2.83 -6.74
N LYS A 51 -1.53 1.74 -6.03
CA LYS A 51 -1.20 0.47 -6.67
C LYS A 51 -1.81 -0.70 -5.89
N ASP A 52 -2.14 -1.76 -6.61
CA ASP A 52 -2.73 -2.95 -6.00
C ASP A 52 -3.76 -2.55 -4.96
N ASN A 53 -4.63 -1.62 -5.31
CA ASN A 53 -5.68 -1.16 -4.40
C ASN A 53 -5.10 -0.86 -3.02
N LYS A 54 -3.94 -0.22 -2.99
CA LYS A 54 -3.28 0.12 -1.74
C LYS A 54 -2.55 1.46 -1.85
N ILE A 55 -2.64 2.27 -0.81
CA ILE A 55 -1.99 3.57 -0.79
C ILE A 55 -0.56 3.47 -0.28
N LEU A 56 0.38 4.01 -1.05
CA LEU A 56 1.79 3.97 -0.68
C LEU A 56 2.49 5.26 -1.06
N CYS A 57 3.57 5.59 -0.35
CA CYS A 57 4.32 6.80 -0.63
C CYS A 57 5.55 6.49 -1.49
N ASN A 58 6.21 7.55 -1.96
CA ASN A 58 7.39 7.39 -2.80
C ASN A 58 8.48 6.61 -2.07
N LYS A 59 8.79 7.04 -0.85
CA LYS A 59 9.81 6.39 -0.04
C LYS A 59 9.62 4.86 -0.05
N CYS A 60 8.37 4.44 0.09
CA CYS A 60 8.05 3.01 0.10
C CYS A 60 8.12 2.43 -1.31
N THR A 61 7.22 2.91 -2.18
CA THR A 61 7.18 2.43 -3.56
C THR A 61 8.58 2.25 -4.13
N THR A 62 9.54 2.99 -3.58
CA THR A 62 10.92 2.91 -4.03
C THR A 62 11.40 1.45 -4.09
N ARG A 63 12.12 1.12 -5.14
CA ARG A 63 12.64 -0.24 -5.31
C ARG A 63 13.46 -0.67 -4.10
N GLU A 64 13.31 -1.93 -3.70
CA GLU A 64 14.03 -2.46 -2.56
C GLU A 64 14.10 -3.98 -2.61
N ASP A 65 14.74 -4.58 -1.62
CA ASP A 65 14.87 -6.03 -1.55
C ASP A 65 13.50 -6.69 -1.48
N SER A 66 12.81 -6.76 -2.62
CA SER A 66 11.49 -7.36 -2.68
C SER A 66 11.47 -8.53 -3.67
N PRO A 67 10.56 -9.47 -3.45
CA PRO A 67 10.41 -10.65 -4.32
C PRO A 67 9.85 -10.30 -5.68
N LYS A 68 9.86 -11.28 -6.59
CA LYS A 68 9.35 -11.07 -7.94
C LYS A 68 8.40 -12.19 -8.34
N CYS A 69 7.62 -11.95 -9.40
CA CYS A 69 6.67 -12.93 -9.88
C CYS A 69 7.13 -13.54 -11.20
N LYS A 70 6.51 -14.65 -11.59
CA LYS A 70 6.87 -15.32 -12.83
C LYS A 70 5.73 -15.22 -13.85
N GLY A 71 4.51 -15.03 -13.35
CA GLY A 71 3.37 -14.91 -14.23
C GLY A 71 3.30 -13.56 -14.92
N CYS A 72 3.60 -12.50 -14.17
CA CYS A 72 3.57 -11.15 -14.73
C CYS A 72 4.97 -10.56 -14.78
N PHE A 73 5.90 -11.17 -14.04
CA PHE A 73 7.29 -10.70 -14.00
C PHE A 73 7.37 -9.32 -13.36
N LYS A 74 6.77 -9.18 -12.18
CA LYS A 74 6.78 -7.91 -11.47
C LYS A 74 7.18 -8.11 -10.00
N ALA A 75 7.76 -7.08 -9.41
CA ALA A 75 8.19 -7.14 -8.02
C ALA A 75 7.00 -7.35 -7.09
N ILE A 76 6.91 -8.54 -6.49
CA ILE A 76 5.82 -8.86 -5.58
C ILE A 76 5.96 -8.10 -4.27
N VAL A 77 4.86 -7.49 -3.83
CA VAL A 77 4.86 -6.72 -2.58
C VAL A 77 4.69 -7.64 -1.38
N ALA A 78 5.36 -7.30 -0.28
CA ALA A 78 5.27 -8.09 0.94
C ALA A 78 3.84 -8.19 1.43
N GLY A 79 3.20 -7.04 1.66
CA GLY A 79 1.83 -7.03 2.13
C GLY A 79 0.83 -7.23 1.01
N ASP A 80 1.11 -8.19 0.13
CA ASP A 80 0.24 -8.49 -0.99
C ASP A 80 0.01 -9.99 -1.12
N GLN A 81 -1.01 -10.37 -1.86
CA GLN A 81 -1.34 -11.78 -2.07
C GLN A 81 -0.38 -12.42 -3.06
N ASN A 82 0.26 -13.51 -2.64
CA ASN A 82 1.21 -14.21 -3.49
C ASN A 82 1.12 -15.72 -3.27
N VAL A 83 1.61 -16.49 -4.24
CA VAL A 83 1.59 -17.94 -4.14
C VAL A 83 2.98 -18.52 -4.40
N GLU A 84 3.61 -19.02 -3.34
CA GLU A 84 4.94 -19.61 -3.44
C GLU A 84 4.86 -21.13 -3.51
N TYR A 85 5.49 -21.71 -4.52
CA TYR A 85 5.49 -23.16 -4.69
C TYR A 85 6.89 -23.73 -4.52
N LYS A 86 7.72 -23.58 -5.55
CA LYS A 86 9.08 -24.08 -5.53
C LYS A 86 10.06 -23.00 -6.01
N GLY A 87 10.52 -22.17 -5.09
CA GLY A 87 11.46 -21.12 -5.44
C GLY A 87 10.79 -19.94 -6.10
N THR A 88 9.81 -20.22 -6.98
CA THR A 88 9.09 -19.18 -7.68
C THR A 88 7.69 -19.00 -7.11
N VAL A 89 7.36 -17.76 -6.75
CA VAL A 89 6.05 -17.46 -6.18
C VAL A 89 5.22 -16.61 -7.14
N TRP A 90 4.05 -17.11 -7.50
CA TRP A 90 3.17 -16.39 -8.41
C TRP A 90 2.00 -15.75 -7.67
N HIS A 91 1.63 -14.54 -8.08
CA HIS A 91 0.53 -13.82 -7.44
C HIS A 91 -0.70 -14.71 -7.30
N LYS A 92 -1.60 -14.34 -6.40
CA LYS A 92 -2.82 -15.11 -6.18
C LYS A 92 -3.72 -15.06 -7.39
N ASP A 93 -3.35 -14.24 -8.38
CA ASP A 93 -4.12 -14.11 -9.61
C ASP A 93 -3.40 -14.74 -10.78
N CYS A 94 -2.07 -14.77 -10.71
CA CYS A 94 -1.26 -15.35 -11.77
C CYS A 94 -1.27 -16.87 -11.70
N PHE A 95 -1.22 -17.41 -10.47
CA PHE A 95 -1.23 -18.84 -10.27
C PHE A 95 -2.62 -19.43 -10.53
N SER A 96 -2.87 -19.79 -11.77
CA SER A 96 -4.16 -20.36 -12.15
C SER A 96 -3.98 -21.69 -12.89
N GLY A 97 -4.08 -22.79 -12.15
CA GLY A 97 -3.93 -24.10 -12.76
C GLY A 97 -4.56 -24.18 -14.13
N PRO A 98 -3.71 -24.19 -15.18
CA PRO A 98 -4.15 -24.26 -16.57
C PRO A 98 -4.74 -25.63 -16.92
N SER A 99 -5.54 -25.67 -17.98
CA SER A 99 -6.16 -26.92 -18.41
C SER A 99 -6.31 -26.95 -19.93
N SER A 100 -6.84 -28.05 -20.44
CA SER A 100 -7.05 -28.20 -21.88
C SER A 100 -8.51 -28.49 -22.19
N GLY A 101 -8.91 -28.17 -23.42
CA GLY A 101 -10.29 -28.39 -23.83
C GLY A 101 -10.76 -29.80 -23.53
ZN ZN B . -11.25 8.68 8.94
ZN ZN C . 5.41 4.89 2.83
ZN ZN D . 2.25 -12.10 -11.17
N GLY A 1 -28.51 3.75 9.66
CA GLY A 1 -27.38 3.66 8.76
C GLY A 1 -26.67 4.99 8.58
N SER A 2 -25.35 4.93 8.41
CA SER A 2 -24.55 6.14 8.23
C SER A 2 -24.82 6.79 6.88
N SER A 3 -25.70 7.79 6.88
CA SER A 3 -26.05 8.48 5.64
C SER A 3 -25.31 9.82 5.54
N GLY A 4 -24.07 9.77 5.05
CA GLY A 4 -23.28 10.97 4.92
C GLY A 4 -23.00 11.32 3.47
N SER A 5 -22.37 12.47 3.24
CA SER A 5 -22.05 12.92 1.90
C SER A 5 -20.92 12.10 1.30
N SER A 6 -19.81 12.03 2.03
CA SER A 6 -18.64 11.29 1.57
C SER A 6 -18.25 10.21 2.59
N GLY A 7 -18.16 10.62 3.85
CA GLY A 7 -17.80 9.68 4.90
C GLY A 7 -16.40 9.12 4.73
N CYS A 8 -15.88 8.50 5.77
CA CYS A 8 -14.54 7.91 5.73
C CYS A 8 -14.60 6.40 5.60
N VAL A 9 -13.64 5.82 4.89
CA VAL A 9 -13.58 4.38 4.70
C VAL A 9 -12.68 3.72 5.73
N GLU A 10 -11.98 4.53 6.51
CA GLU A 10 -11.08 4.03 7.53
C GLU A 10 -11.79 3.88 8.87
N CYS A 11 -12.38 4.98 9.34
CA CYS A 11 -13.10 4.97 10.61
C CYS A 11 -14.61 4.94 10.38
N ARG A 12 -15.01 4.61 9.16
CA ARG A 12 -16.42 4.55 8.81
C ARG A 12 -17.20 5.65 9.51
N LYS A 13 -16.60 6.83 9.59
CA LYS A 13 -17.24 7.98 10.22
C LYS A 13 -17.49 9.10 9.22
N PRO A 14 -18.43 9.99 9.54
CA PRO A 14 -18.78 11.12 8.68
C PRO A 14 -17.68 12.17 8.63
N ILE A 15 -17.48 12.76 7.46
CA ILE A 15 -16.46 13.78 7.28
C ILE A 15 -17.08 15.17 7.16
N GLY A 16 -16.44 16.16 7.80
CA GLY A 16 -16.95 17.51 7.75
C GLY A 16 -16.27 18.35 6.68
N ALA A 17 -16.88 19.49 6.36
CA ALA A 17 -16.32 20.39 5.35
C ALA A 17 -15.02 21.02 5.82
N ASP A 18 -15.04 21.58 7.03
CA ASP A 18 -13.86 22.21 7.60
C ASP A 18 -12.73 21.21 7.78
N SER A 19 -13.10 19.96 8.09
CA SER A 19 -12.12 18.91 8.31
C SER A 19 -11.40 18.56 7.01
N LYS A 20 -10.08 18.67 7.03
CA LYS A 20 -9.27 18.37 5.85
C LYS A 20 -9.45 16.93 5.41
N GLU A 21 -10.19 16.72 4.34
CA GLU A 21 -10.44 15.38 3.82
C GLU A 21 -9.69 15.16 2.51
N VAL A 22 -9.52 13.89 2.14
CA VAL A 22 -8.83 13.54 0.91
C VAL A 22 -9.71 12.66 0.01
N HIS A 23 -10.25 13.26 -1.04
CA HIS A 23 -11.09 12.53 -1.98
C HIS A 23 -10.27 11.90 -3.09
N TYR A 24 -10.19 10.57 -3.07
CA TYR A 24 -9.42 9.84 -4.08
C TYR A 24 -10.00 8.44 -4.30
N LYS A 25 -9.93 7.96 -5.54
CA LYS A 25 -10.44 6.64 -5.88
C LYS A 25 -11.85 6.46 -5.35
N ASN A 26 -12.74 7.38 -5.70
CA ASN A 26 -14.12 7.32 -5.26
C ASN A 26 -14.22 7.07 -3.76
N ARG A 27 -13.18 7.49 -3.03
CA ARG A 27 -13.14 7.30 -1.59
C ARG A 27 -12.78 8.61 -0.88
N PHE A 28 -12.77 8.58 0.44
CA PHE A 28 -12.44 9.76 1.23
C PHE A 28 -11.80 9.36 2.56
N TRP A 29 -10.68 9.99 2.89
CA TRP A 29 -9.97 9.71 4.12
C TRP A 29 -9.76 10.99 4.93
N HIS A 30 -9.81 10.85 6.26
CA HIS A 30 -9.62 12.00 7.14
C HIS A 30 -8.19 12.53 7.06
N ASP A 31 -7.96 13.69 7.66
CA ASP A 31 -6.64 14.31 7.65
C ASP A 31 -5.66 13.51 8.50
N THR A 32 -6.17 12.48 9.18
CA THR A 32 -5.35 11.64 10.03
C THR A 32 -5.45 10.17 9.62
N CYS A 33 -6.39 9.87 8.74
CA CYS A 33 -6.59 8.51 8.26
C CYS A 33 -5.83 8.27 6.97
N PHE A 34 -5.64 9.32 6.19
CA PHE A 34 -4.92 9.23 4.93
C PHE A 34 -3.41 9.22 5.15
N ARG A 35 -2.80 8.06 4.95
CA ARG A 35 -1.36 7.91 5.13
C ARG A 35 -0.83 6.72 4.34
N CYS A 36 0.46 6.46 4.48
CA CYS A 36 1.10 5.35 3.77
C CYS A 36 0.82 4.03 4.47
N ALA A 37 0.36 3.05 3.70
CA ALA A 37 0.06 1.72 4.25
C ALA A 37 1.33 0.90 4.42
N LYS A 38 2.48 1.56 4.33
CA LYS A 38 3.77 0.89 4.48
C LYS A 38 4.56 1.48 5.64
N CYS A 39 4.58 2.81 5.72
CA CYS A 39 5.30 3.49 6.78
C CYS A 39 4.35 4.24 7.70
N LEU A 40 3.06 4.18 7.38
CA LEU A 40 2.03 4.85 8.18
C LEU A 40 2.32 6.34 8.30
N HIS A 41 2.51 6.99 7.15
CA HIS A 41 2.80 8.43 7.13
C HIS A 41 1.74 9.17 6.33
N PRO A 42 1.27 10.31 6.88
CA PRO A 42 0.26 11.14 6.23
C PRO A 42 0.79 11.85 4.99
N LEU A 43 0.14 11.62 3.86
CA LEU A 43 0.56 12.23 2.60
C LEU A 43 -0.29 13.47 2.30
N ALA A 44 -0.93 14.01 3.33
CA ALA A 44 -1.76 15.19 3.18
C ALA A 44 -0.99 16.32 2.50
N ASN A 45 0.27 16.46 2.86
CA ASN A 45 1.12 17.51 2.29
C ASN A 45 2.26 16.90 1.48
N GLU A 46 2.35 15.58 1.50
CA GLU A 46 3.40 14.87 0.77
C GLU A 46 2.81 14.01 -0.35
N THR A 47 3.58 13.85 -1.43
CA THR A 47 3.13 13.05 -2.56
C THR A 47 2.52 11.73 -2.11
N PHE A 48 1.67 11.16 -2.95
CA PHE A 48 1.02 9.89 -2.63
C PHE A 48 0.76 9.08 -3.90
N VAL A 49 0.81 7.75 -3.77
CA VAL A 49 0.59 6.86 -4.90
C VAL A 49 -0.42 5.77 -4.55
N ALA A 50 -1.16 5.31 -5.55
CA ALA A 50 -2.15 4.26 -5.35
C ALA A 50 -1.85 3.04 -6.20
N LYS A 51 -1.64 1.90 -5.55
CA LYS A 51 -1.34 0.66 -6.25
C LYS A 51 -2.13 -0.51 -5.66
N ASP A 52 -2.66 -1.36 -6.54
CA ASP A 52 -3.44 -2.52 -6.10
C ASP A 52 -4.49 -2.10 -5.08
N ASN A 53 -5.10 -0.93 -5.30
CA ASN A 53 -6.12 -0.42 -4.39
C ASN A 53 -5.55 -0.18 -3.00
N LYS A 54 -4.30 0.25 -2.94
CA LYS A 54 -3.63 0.52 -1.68
C LYS A 54 -2.87 1.84 -1.74
N ILE A 55 -3.04 2.66 -0.71
CA ILE A 55 -2.37 3.96 -0.64
C ILE A 55 -0.93 3.81 -0.12
N LEU A 56 0.00 4.47 -0.80
CA LEU A 56 1.40 4.41 -0.41
C LEU A 56 2.10 5.73 -0.71
N CYS A 57 3.36 5.85 -0.27
CA CYS A 57 4.13 7.06 -0.50
C CYS A 57 5.26 6.80 -1.50
N ASN A 58 5.88 7.88 -1.98
CA ASN A 58 6.97 7.77 -2.94
C ASN A 58 8.17 7.07 -2.32
N LYS A 59 8.51 7.47 -1.10
CA LYS A 59 9.65 6.88 -0.39
C LYS A 59 9.51 5.37 -0.30
N CYS A 60 8.27 4.88 -0.38
CA CYS A 60 8.00 3.46 -0.32
C CYS A 60 7.90 2.85 -1.72
N THR A 61 7.11 3.50 -2.57
CA THR A 61 6.93 3.03 -3.94
C THR A 61 8.26 2.65 -4.59
N THR A 62 9.26 3.50 -4.39
CA THR A 62 10.59 3.26 -4.95
C THR A 62 11.18 1.97 -4.41
N ARG A 63 11.09 1.79 -3.09
CA ARG A 63 11.63 0.60 -2.45
C ARG A 63 10.50 -0.28 -1.92
N GLU A 64 10.04 -1.21 -2.76
CA GLU A 64 8.96 -2.11 -2.37
C GLU A 64 9.53 -3.42 -1.81
N ASP A 65 10.49 -3.99 -2.53
CA ASP A 65 11.11 -5.25 -2.11
C ASP A 65 10.05 -6.29 -1.76
N SER A 66 8.94 -6.26 -2.49
CA SER A 66 7.85 -7.20 -2.25
C SER A 66 7.82 -8.28 -3.33
N PRO A 67 7.44 -9.50 -2.93
CA PRO A 67 7.36 -10.65 -3.84
C PRO A 67 6.22 -10.52 -4.84
N LYS A 68 6.16 -11.44 -5.79
CA LYS A 68 5.11 -11.43 -6.81
C LYS A 68 4.31 -12.72 -6.77
N CYS A 69 3.06 -12.64 -7.24
CA CYS A 69 2.18 -13.80 -7.25
C CYS A 69 2.18 -14.46 -8.63
N LYS A 70 1.66 -15.68 -8.70
CA LYS A 70 1.61 -16.42 -9.96
C LYS A 70 0.15 -16.64 -10.39
N GLY A 71 -0.76 -16.58 -9.43
CA GLY A 71 -2.17 -16.76 -9.73
C GLY A 71 -2.77 -15.56 -10.45
N CYS A 72 -2.39 -14.37 -10.03
CA CYS A 72 -2.89 -13.14 -10.64
C CYS A 72 -1.74 -12.26 -11.12
N PHE A 73 -0.53 -12.58 -10.67
CA PHE A 73 0.65 -11.82 -11.06
C PHE A 73 0.57 -10.38 -10.55
N LYS A 74 0.36 -10.23 -9.25
CA LYS A 74 0.26 -8.92 -8.62
C LYS A 74 1.15 -8.82 -7.39
N ALA A 75 1.60 -7.61 -7.08
CA ALA A 75 2.47 -7.39 -5.92
C ALA A 75 1.78 -7.86 -4.64
N ILE A 76 2.37 -8.86 -3.99
CA ILE A 76 1.82 -9.39 -2.75
C ILE A 76 2.24 -8.54 -1.57
N VAL A 77 1.29 -8.31 -0.65
CA VAL A 77 1.55 -7.51 0.54
C VAL A 77 1.83 -8.41 1.75
N ALA A 78 2.74 -7.97 2.60
CA ALA A 78 3.08 -8.72 3.80
C ALA A 78 1.84 -9.08 4.61
N GLY A 79 1.29 -8.08 5.29
CA GLY A 79 0.10 -8.32 6.10
C GLY A 79 -0.87 -9.28 5.44
N ASP A 80 -1.01 -9.18 4.12
CA ASP A 80 -1.90 -10.05 3.38
C ASP A 80 -1.45 -11.51 3.49
N GLN A 81 -2.43 -12.41 3.55
CA GLN A 81 -2.14 -13.84 3.66
C GLN A 81 -1.73 -14.41 2.31
N ASN A 82 -0.62 -15.15 2.30
CA ASN A 82 -0.13 -15.76 1.06
C ASN A 82 0.39 -17.17 1.33
N VAL A 83 0.60 -17.92 0.26
CA VAL A 83 1.10 -19.29 0.37
C VAL A 83 2.40 -19.47 -0.42
N GLU A 84 3.51 -19.61 0.29
CA GLU A 84 4.81 -19.79 -0.35
C GLU A 84 5.10 -21.28 -0.56
N TYR A 85 5.35 -21.65 -1.81
CA TYR A 85 5.64 -23.03 -2.15
C TYR A 85 6.63 -23.11 -3.31
N LYS A 86 7.71 -23.85 -3.11
CA LYS A 86 8.74 -24.01 -4.14
C LYS A 86 9.21 -22.66 -4.65
N GLY A 87 9.41 -21.71 -3.73
CA GLY A 87 9.85 -20.39 -4.11
C GLY A 87 8.71 -19.48 -4.49
N THR A 88 7.79 -19.97 -5.32
CA THR A 88 6.65 -19.21 -5.76
C THR A 88 5.55 -19.18 -4.70
N VAL A 89 5.08 -17.99 -4.35
CA VAL A 89 4.04 -17.83 -3.36
C VAL A 89 2.73 -17.38 -3.98
N TRP A 90 1.68 -18.16 -3.77
CA TRP A 90 0.36 -17.85 -4.32
C TRP A 90 -0.56 -17.30 -3.24
N HIS A 91 -1.27 -16.22 -3.57
CA HIS A 91 -2.19 -15.59 -2.63
C HIS A 91 -3.07 -16.64 -1.96
N LYS A 92 -3.21 -16.53 -0.64
CA LYS A 92 -4.03 -17.46 0.12
C LYS A 92 -5.33 -17.77 -0.59
N ASP A 93 -5.74 -16.86 -1.48
CA ASP A 93 -6.97 -17.04 -2.24
C ASP A 93 -6.69 -17.71 -3.58
N CYS A 94 -5.58 -17.33 -4.21
CA CYS A 94 -5.20 -17.89 -5.49
C CYS A 94 -4.95 -19.39 -5.37
N PHE A 95 -4.33 -19.80 -4.28
CA PHE A 95 -4.03 -21.21 -4.04
C PHE A 95 -5.24 -21.93 -3.45
N SER A 96 -6.16 -22.35 -4.32
CA SER A 96 -7.36 -23.04 -3.90
C SER A 96 -7.12 -24.55 -3.84
N GLY A 97 -6.57 -25.09 -4.92
CA GLY A 97 -6.29 -26.52 -4.98
C GLY A 97 -6.52 -27.10 -6.36
N PRO A 98 -5.45 -27.67 -6.94
CA PRO A 98 -5.51 -28.27 -8.27
C PRO A 98 -6.35 -29.55 -8.30
N SER A 99 -6.84 -29.96 -7.13
CA SER A 99 -7.65 -31.16 -7.02
C SER A 99 -8.57 -31.31 -8.23
N SER A 100 -8.66 -32.53 -8.76
CA SER A 100 -9.50 -32.81 -9.92
C SER A 100 -10.78 -31.99 -9.86
N GLY A 101 -11.32 -31.67 -11.04
CA GLY A 101 -12.54 -30.88 -11.11
C GLY A 101 -12.37 -29.60 -11.89
ZN ZN B . -11.25 8.32 9.04
ZN ZN C . 5.71 5.14 2.85
ZN ZN D . -2.56 -14.08 -6.86
N GLY A 1 -26.51 17.75 -5.35
CA GLY A 1 -26.44 16.33 -5.62
C GLY A 1 -26.76 15.48 -4.40
N SER A 2 -27.33 14.30 -4.63
CA SER A 2 -27.69 13.40 -3.54
C SER A 2 -26.45 12.94 -2.79
N SER A 3 -26.65 12.42 -1.58
CA SER A 3 -25.54 11.96 -0.75
C SER A 3 -24.48 13.04 -0.59
N GLY A 4 -24.92 14.25 -0.28
CA GLY A 4 -24.00 15.36 -0.10
C GLY A 4 -22.89 15.04 0.88
N SER A 5 -23.26 14.96 2.17
CA SER A 5 -22.29 14.67 3.22
C SER A 5 -21.52 13.39 2.90
N SER A 6 -20.19 13.49 2.90
CA SER A 6 -19.35 12.34 2.61
C SER A 6 -18.81 11.72 3.90
N GLY A 7 -18.41 10.46 3.82
CA GLY A 7 -17.89 9.78 5.00
C GLY A 7 -16.49 9.21 4.76
N CYS A 8 -15.93 8.61 5.80
CA CYS A 8 -14.59 8.02 5.71
C CYS A 8 -14.66 6.52 5.48
N VAL A 9 -13.72 6.00 4.70
CA VAL A 9 -13.68 4.57 4.41
C VAL A 9 -12.77 3.84 5.39
N GLU A 10 -12.02 4.60 6.18
CA GLU A 10 -11.10 4.03 7.15
C GLU A 10 -11.77 3.87 8.51
N CYS A 11 -12.33 4.96 9.02
CA CYS A 11 -13.01 4.95 10.31
C CYS A 11 -14.52 4.91 10.13
N ARG A 12 -14.96 4.54 8.93
CA ARG A 12 -16.39 4.45 8.63
C ARG A 12 -17.16 5.50 9.42
N LYS A 13 -16.57 6.67 9.60
CA LYS A 13 -17.21 7.75 10.33
C LYS A 13 -17.49 8.94 9.41
N PRO A 14 -18.44 9.80 9.83
CA PRO A 14 -18.83 10.98 9.06
C PRO A 14 -17.73 12.05 9.04
N ILE A 15 -17.57 12.69 7.89
CA ILE A 15 -16.56 13.74 7.74
C ILE A 15 -17.20 15.13 7.71
N GLY A 16 -16.51 16.10 8.29
CA GLY A 16 -17.02 17.46 8.31
C GLY A 16 -16.43 18.32 7.21
N ALA A 17 -17.11 19.42 6.90
CA ALA A 17 -16.66 20.33 5.86
C ALA A 17 -15.37 21.06 6.29
N ASP A 18 -15.33 21.46 7.56
CA ASP A 18 -14.17 22.16 8.09
C ASP A 18 -12.97 21.23 8.20
N SER A 19 -13.25 19.94 8.43
CA SER A 19 -12.20 18.94 8.56
C SER A 19 -11.52 18.69 7.21
N LYS A 20 -10.19 18.67 7.22
CA LYS A 20 -9.42 18.44 6.00
C LYS A 20 -9.67 17.03 5.46
N GLU A 21 -10.46 16.95 4.41
CA GLU A 21 -10.79 15.66 3.79
C GLU A 21 -10.02 15.48 2.48
N VAL A 22 -9.70 14.24 2.16
CA VAL A 22 -8.97 13.92 0.94
C VAL A 22 -9.81 13.04 0.01
N HIS A 23 -10.33 13.64 -1.06
CA HIS A 23 -11.14 12.91 -2.02
C HIS A 23 -10.27 12.34 -3.14
N TYR A 24 -10.21 11.01 -3.22
CA TYR A 24 -9.41 10.34 -4.24
C TYR A 24 -10.02 8.98 -4.59
N LYS A 25 -10.34 8.80 -5.86
CA LYS A 25 -10.92 7.54 -6.33
C LYS A 25 -12.30 7.32 -5.71
N ASN A 26 -13.12 8.36 -5.71
CA ASN A 26 -14.47 8.27 -5.15
C ASN A 26 -14.41 7.89 -3.67
N ARG A 27 -13.32 8.25 -3.01
CA ARG A 27 -13.15 7.95 -1.60
C ARG A 27 -12.92 9.22 -0.78
N PHE A 28 -12.74 9.06 0.52
CA PHE A 28 -12.51 10.19 1.40
C PHE A 28 -11.85 9.75 2.70
N TRP A 29 -10.71 10.35 3.01
CA TRP A 29 -9.98 10.02 4.24
C TRP A 29 -9.72 11.27 5.08
N HIS A 30 -9.75 11.10 6.39
CA HIS A 30 -9.53 12.21 7.31
C HIS A 30 -8.08 12.67 7.26
N ASP A 31 -7.85 13.92 7.65
CA ASP A 31 -6.51 14.49 7.63
C ASP A 31 -5.56 13.65 8.48
N THR A 32 -6.12 12.74 9.28
CA THR A 32 -5.33 11.86 10.14
C THR A 32 -5.37 10.42 9.64
N CYS A 33 -6.37 10.11 8.82
CA CYS A 33 -6.53 8.76 8.28
C CYS A 33 -5.71 8.59 7.00
N PHE A 34 -5.79 9.58 6.11
CA PHE A 34 -5.05 9.54 4.85
C PHE A 34 -3.55 9.42 5.11
N ARG A 35 -3.02 8.21 4.97
CA ARG A 35 -1.60 7.98 5.18
C ARG A 35 -1.15 6.71 4.47
N CYS A 36 0.16 6.46 4.49
CA CYS A 36 0.71 5.27 3.85
C CYS A 36 0.27 4.01 4.57
N ALA A 37 0.49 2.86 3.92
CA ALA A 37 0.11 1.57 4.50
C ALA A 37 1.35 0.77 4.89
N LYS A 38 2.52 1.27 4.52
CA LYS A 38 3.78 0.60 4.83
C LYS A 38 4.52 1.34 5.95
N CYS A 39 4.63 2.65 5.81
CA CYS A 39 5.32 3.47 6.80
C CYS A 39 4.32 4.22 7.68
N LEU A 40 3.06 4.23 7.25
CA LEU A 40 2.01 4.91 7.99
C LEU A 40 2.30 6.41 8.10
N HIS A 41 2.52 7.04 6.95
CA HIS A 41 2.80 8.47 6.91
C HIS A 41 1.71 9.22 6.15
N PRO A 42 1.27 10.35 6.71
CA PRO A 42 0.23 11.19 6.10
C PRO A 42 0.72 11.90 4.84
N LEU A 43 0.03 11.66 3.73
CA LEU A 43 0.39 12.27 2.46
C LEU A 43 -0.55 13.42 2.11
N ALA A 44 -1.06 14.09 3.14
CA ALA A 44 -1.98 15.21 2.96
C ALA A 44 -1.34 16.30 2.10
N ASN A 45 -0.08 16.59 2.38
CA ASN A 45 0.65 17.62 1.64
C ASN A 45 1.80 17.01 0.83
N GLU A 46 1.97 15.70 0.97
CA GLU A 46 3.03 14.99 0.26
C GLU A 46 2.47 14.19 -0.91
N THR A 47 3.36 13.60 -1.71
CA THR A 47 2.95 12.82 -2.86
C THR A 47 2.67 11.37 -2.47
N PHE A 48 1.77 10.72 -3.20
CA PHE A 48 1.42 9.34 -2.93
C PHE A 48 1.20 8.57 -4.23
N VAL A 49 0.99 7.26 -4.10
CA VAL A 49 0.77 6.42 -5.28
C VAL A 49 -0.20 5.28 -4.96
N ALA A 50 -1.12 5.04 -5.88
CA ALA A 50 -2.11 3.99 -5.70
C ALA A 50 -1.78 2.76 -6.54
N LYS A 51 -1.36 1.69 -5.88
CA LYS A 51 -1.00 0.45 -6.57
C LYS A 51 -1.47 -0.77 -5.79
N ASP A 52 -1.78 -1.84 -6.50
CA ASP A 52 -2.24 -3.07 -5.87
C ASP A 52 -3.35 -2.78 -4.87
N ASN A 53 -4.22 -1.83 -5.21
CA ASN A 53 -5.33 -1.47 -4.34
C ASN A 53 -4.83 -1.14 -2.93
N LYS A 54 -3.66 -0.53 -2.86
CA LYS A 54 -3.07 -0.16 -1.57
C LYS A 54 -2.38 1.20 -1.65
N ILE A 55 -2.65 2.07 -0.68
CA ILE A 55 -2.06 3.40 -0.65
C ILE A 55 -0.61 3.33 -0.18
N LEU A 56 0.29 3.90 -0.98
CA LEU A 56 1.71 3.92 -0.64
C LEU A 56 2.33 5.28 -0.96
N CYS A 57 3.42 5.59 -0.28
CA CYS A 57 4.11 6.86 -0.48
C CYS A 57 5.32 6.68 -1.40
N ASN A 58 5.97 7.78 -1.75
CA ASN A 58 7.14 7.74 -2.63
C ASN A 58 8.29 7.01 -1.95
N LYS A 59 8.49 7.31 -0.66
CA LYS A 59 9.56 6.69 0.11
C LYS A 59 9.48 5.17 0.02
N CYS A 60 8.28 4.63 0.12
CA CYS A 60 8.07 3.20 0.06
C CYS A 60 8.16 2.70 -1.39
N THR A 61 7.29 3.24 -2.25
CA THR A 61 7.27 2.85 -3.65
C THR A 61 8.68 2.87 -4.24
N THR A 62 9.47 3.86 -3.85
CA THR A 62 10.84 3.98 -4.35
C THR A 62 11.80 3.14 -3.52
N ARG A 63 11.96 3.51 -2.25
CA ARG A 63 12.86 2.78 -1.36
C ARG A 63 12.11 1.69 -0.62
N GLU A 64 12.79 0.57 -0.39
CA GLU A 64 12.19 -0.57 0.31
C GLU A 64 11.01 -1.12 -0.48
N ASP A 65 11.18 -1.26 -1.78
CA ASP A 65 10.12 -1.78 -2.64
C ASP A 65 10.44 -3.19 -3.10
N SER A 66 10.00 -4.18 -2.32
CA SER A 66 10.24 -5.58 -2.64
C SER A 66 9.01 -6.21 -3.28
N PRO A 67 9.23 -7.00 -4.34
CA PRO A 67 8.15 -7.70 -5.05
C PRO A 67 7.52 -8.80 -4.22
N LYS A 68 6.50 -9.45 -4.78
CA LYS A 68 5.81 -10.54 -4.10
C LYS A 68 5.51 -11.69 -5.06
N CYS A 69 5.28 -12.87 -4.50
CA CYS A 69 5.00 -14.06 -5.30
C CYS A 69 3.50 -14.35 -5.31
N LYS A 70 3.08 -15.20 -6.24
CA LYS A 70 1.67 -15.57 -6.36
C LYS A 70 1.48 -17.06 -6.09
N GLY A 71 2.51 -17.84 -6.37
CA GLY A 71 2.44 -19.28 -6.13
C GLY A 71 2.29 -19.63 -4.67
N CYS A 72 3.01 -18.90 -3.82
CA CYS A 72 2.96 -19.15 -2.38
C CYS A 72 2.58 -17.87 -1.63
N PHE A 73 2.79 -16.73 -2.27
CA PHE A 73 2.47 -15.44 -1.66
C PHE A 73 3.47 -15.08 -0.57
N LYS A 74 4.75 -15.13 -0.93
CA LYS A 74 5.82 -14.81 0.02
C LYS A 74 6.77 -13.77 -0.56
N ALA A 75 7.39 -12.99 0.32
CA ALA A 75 8.33 -11.95 -0.12
C ALA A 75 9.45 -12.54 -0.96
N ILE A 76 9.60 -12.03 -2.17
CA ILE A 76 10.64 -12.51 -3.07
C ILE A 76 11.96 -11.77 -2.83
N VAL A 77 13.06 -12.53 -2.83
CA VAL A 77 14.38 -11.95 -2.62
C VAL A 77 15.15 -11.83 -3.92
N ALA A 78 15.95 -10.79 -4.05
CA ALA A 78 16.74 -10.56 -5.25
C ALA A 78 17.62 -11.77 -5.56
N GLY A 79 18.47 -12.14 -4.62
CA GLY A 79 19.35 -13.27 -4.82
C GLY A 79 18.61 -14.52 -5.27
N ASP A 80 17.45 -14.75 -4.68
CA ASP A 80 16.63 -15.91 -5.02
C ASP A 80 16.06 -15.77 -6.44
N GLN A 81 16.50 -16.63 -7.34
CA GLN A 81 16.03 -16.61 -8.72
C GLN A 81 14.51 -16.61 -8.78
N ASN A 82 13.96 -15.69 -9.57
CA ASN A 82 12.52 -15.58 -9.71
C ASN A 82 12.12 -15.53 -11.19
N VAL A 83 10.82 -15.66 -11.45
CA VAL A 83 10.30 -15.63 -12.82
C VAL A 83 9.21 -14.58 -12.98
N GLU A 84 9.54 -13.49 -13.68
CA GLU A 84 8.59 -12.41 -13.90
C GLU A 84 7.86 -12.59 -15.23
N TYR A 85 6.54 -12.63 -15.19
CA TYR A 85 5.74 -12.78 -16.39
C TYR A 85 4.45 -11.97 -16.31
N LYS A 86 4.40 -10.88 -17.06
CA LYS A 86 3.22 -10.02 -17.07
C LYS A 86 3.03 -9.35 -15.71
N GLY A 87 4.07 -8.68 -15.23
CA GLY A 87 4.00 -8.00 -13.95
C GLY A 87 4.16 -8.95 -12.79
N THR A 88 3.42 -10.05 -12.81
CA THR A 88 3.49 -11.04 -11.74
C THR A 88 4.71 -11.94 -11.90
N VAL A 89 5.51 -12.02 -10.85
CA VAL A 89 6.72 -12.84 -10.88
C VAL A 89 6.61 -14.01 -9.89
N TRP A 90 6.72 -15.22 -10.42
CA TRP A 90 6.62 -16.42 -9.59
C TRP A 90 8.02 -16.99 -9.30
N HIS A 91 8.19 -17.52 -8.10
CA HIS A 91 9.47 -18.10 -7.71
C HIS A 91 9.95 -19.12 -8.74
N LYS A 92 11.26 -19.16 -8.97
CA LYS A 92 11.84 -20.10 -9.92
C LYS A 92 11.24 -21.48 -9.77
N ASP A 93 10.81 -21.80 -8.55
CA ASP A 93 10.21 -23.10 -8.27
C ASP A 93 8.71 -23.07 -8.52
N CYS A 94 8.04 -22.05 -8.00
CA CYS A 94 6.60 -21.91 -8.17
C CYS A 94 6.22 -21.91 -9.65
N PHE A 95 7.01 -21.21 -10.45
CA PHE A 95 6.75 -21.14 -11.89
C PHE A 95 7.05 -22.47 -12.56
N SER A 96 5.99 -23.14 -13.01
CA SER A 96 6.13 -24.43 -13.68
C SER A 96 6.01 -24.28 -15.19
N GLY A 97 7.12 -23.95 -15.84
CA GLY A 97 7.13 -23.78 -17.28
C GLY A 97 8.16 -24.64 -17.96
N PRO A 98 9.37 -24.08 -18.14
CA PRO A 98 10.48 -24.79 -18.80
C PRO A 98 11.03 -25.93 -17.93
N SER A 99 11.12 -27.11 -18.51
CA SER A 99 11.62 -28.28 -17.80
C SER A 99 13.14 -28.31 -17.82
N SER A 100 13.75 -27.18 -17.47
CA SER A 100 15.21 -27.08 -17.44
C SER A 100 15.74 -27.21 -16.02
N GLY A 101 15.10 -26.50 -15.09
CA GLY A 101 15.52 -26.55 -13.71
C GLY A 101 14.38 -26.87 -12.77
ZN ZN B . -11.22 8.57 8.95
ZN ZN C . 5.30 4.70 2.89
ZN ZN D . 6.19 -18.65 -4.62
N GLY A 1 -32.52 10.02 7.23
CA GLY A 1 -31.56 10.32 6.18
C GLY A 1 -30.86 11.64 6.40
N SER A 2 -30.05 11.71 7.44
CA SER A 2 -29.32 12.94 7.76
C SER A 2 -28.55 13.44 6.55
N SER A 3 -28.28 14.74 6.53
CA SER A 3 -27.55 15.36 5.42
C SER A 3 -26.05 15.15 5.57
N GLY A 4 -25.51 14.23 4.78
CA GLY A 4 -24.09 13.95 4.84
C GLY A 4 -23.75 12.53 4.43
N SER A 5 -23.65 12.31 3.12
CA SER A 5 -23.34 10.98 2.59
C SER A 5 -21.84 10.69 2.71
N SER A 6 -21.03 11.57 2.15
CA SER A 6 -19.57 11.40 2.19
C SER A 6 -19.12 10.96 3.58
N GLY A 7 -18.11 10.11 3.62
CA GLY A 7 -17.59 9.63 4.89
C GLY A 7 -16.22 9.01 4.76
N CYS A 8 -15.71 8.44 5.86
CA CYS A 8 -14.40 7.81 5.86
C CYS A 8 -14.52 6.30 5.69
N VAL A 9 -13.57 5.71 4.97
CA VAL A 9 -13.57 4.27 4.73
C VAL A 9 -12.68 3.56 5.74
N GLU A 10 -11.83 4.32 6.43
CA GLU A 10 -10.94 3.75 7.42
C GLU A 10 -11.61 3.65 8.79
N CYS A 11 -12.08 4.79 9.28
CA CYS A 11 -12.76 4.84 10.58
C CYS A 11 -14.26 4.64 10.42
N ARG A 12 -14.73 4.62 9.18
CA ARG A 12 -16.14 4.43 8.89
C ARG A 12 -16.98 5.52 9.56
N LYS A 13 -16.37 6.69 9.75
CA LYS A 13 -17.06 7.80 10.38
C LYS A 13 -17.32 8.91 9.36
N PRO A 14 -18.34 9.75 9.65
CA PRO A 14 -18.71 10.87 8.77
C PRO A 14 -17.66 11.98 8.77
N ILE A 15 -17.46 12.60 7.62
CA ILE A 15 -16.50 13.68 7.48
C ILE A 15 -17.19 15.02 7.25
N GLY A 16 -16.59 16.09 7.78
CA GLY A 16 -17.16 17.41 7.63
C GLY A 16 -16.49 18.21 6.52
N ALA A 17 -17.20 19.19 5.99
CA ALA A 17 -16.65 20.03 4.92
C ALA A 17 -15.56 20.95 5.45
N ASP A 18 -15.81 21.57 6.59
CA ASP A 18 -14.85 22.47 7.20
C ASP A 18 -13.52 21.77 7.44
N SER A 19 -13.58 20.47 7.68
CA SER A 19 -12.38 19.68 7.92
C SER A 19 -11.70 19.29 6.61
N LYS A 20 -10.40 19.54 6.52
CA LYS A 20 -9.64 19.22 5.32
C LYS A 20 -9.59 17.71 5.10
N GLU A 21 -10.37 17.24 4.13
CA GLU A 21 -10.42 15.81 3.81
C GLU A 21 -9.65 15.51 2.53
N VAL A 22 -9.47 14.23 2.24
CA VAL A 22 -8.76 13.81 1.04
C VAL A 22 -9.63 12.94 0.15
N HIS A 23 -10.13 13.52 -0.94
CA HIS A 23 -10.98 12.79 -1.87
C HIS A 23 -10.15 12.13 -2.96
N TYR A 24 -10.14 10.81 -2.98
CA TYR A 24 -9.39 10.06 -3.98
C TYR A 24 -10.03 8.70 -4.23
N LYS A 25 -10.17 8.36 -5.50
CA LYS A 25 -10.77 7.08 -5.90
C LYS A 25 -12.20 6.96 -5.35
N ASN A 26 -12.97 8.03 -5.50
CA ASN A 26 -14.35 8.04 -5.02
C ASN A 26 -14.41 7.74 -3.53
N ARG A 27 -13.35 8.09 -2.81
CA ARG A 27 -13.29 7.85 -1.38
C ARG A 27 -12.91 9.12 -0.63
N PHE A 28 -12.80 9.02 0.69
CA PHE A 28 -12.45 10.17 1.52
C PHE A 28 -11.81 9.71 2.83
N TRP A 29 -10.69 10.32 3.19
CA TRP A 29 -9.99 9.98 4.42
C TRP A 29 -9.76 11.21 5.27
N HIS A 30 -9.74 11.02 6.59
CA HIS A 30 -9.52 12.13 7.52
C HIS A 30 -8.08 12.61 7.47
N ASP A 31 -7.86 13.86 7.87
CA ASP A 31 -6.52 14.44 7.87
C ASP A 31 -5.56 13.62 8.73
N THR A 32 -6.13 12.70 9.51
CA THR A 32 -5.33 11.85 10.39
C THR A 32 -5.37 10.39 9.92
N CYS A 33 -6.34 10.08 9.08
CA CYS A 33 -6.49 8.72 8.56
C CYS A 33 -5.68 8.53 7.28
N PHE A 34 -5.81 9.49 6.36
CA PHE A 34 -5.09 9.43 5.10
C PHE A 34 -3.59 9.30 5.32
N ARG A 35 -3.07 8.09 5.13
CA ARG A 35 -1.65 7.83 5.32
C ARG A 35 -1.23 6.55 4.59
N CYS A 36 0.08 6.34 4.49
CA CYS A 36 0.61 5.16 3.82
C CYS A 36 0.17 3.88 4.54
N ALA A 37 0.40 2.75 3.89
CA ALA A 37 0.03 1.46 4.47
C ALA A 37 1.27 0.64 4.83
N LYS A 38 2.43 1.11 4.37
CA LYS A 38 3.69 0.42 4.64
C LYS A 38 4.49 1.15 5.72
N CYS A 39 4.59 2.47 5.58
CA CYS A 39 5.32 3.28 6.55
C CYS A 39 4.37 4.06 7.45
N LEU A 40 3.08 4.01 7.12
CA LEU A 40 2.06 4.71 7.89
C LEU A 40 2.36 6.21 7.96
N HIS A 41 2.73 6.78 6.81
CA HIS A 41 3.04 8.21 6.75
C HIS A 41 1.92 8.97 6.04
N PRO A 42 1.46 10.06 6.67
CA PRO A 42 0.39 10.90 6.13
C PRO A 42 0.84 11.68 4.89
N LEU A 43 0.12 11.48 3.79
CA LEU A 43 0.45 12.16 2.54
C LEU A 43 -0.39 13.42 2.38
N ALA A 44 -0.99 13.88 3.48
CA ALA A 44 -1.82 15.07 3.46
C ALA A 44 -1.05 16.26 2.87
N ASN A 45 0.24 16.33 3.18
CA ASN A 45 1.08 17.41 2.68
C ASN A 45 2.17 16.87 1.76
N GLU A 46 2.25 15.55 1.66
CA GLU A 46 3.25 14.91 0.80
C GLU A 46 2.58 14.12 -0.31
N THR A 47 3.29 13.98 -1.43
CA THR A 47 2.77 13.25 -2.58
C THR A 47 2.40 11.82 -2.21
N PHE A 48 1.38 11.28 -2.87
CA PHE A 48 0.93 9.92 -2.61
C PHE A 48 0.79 9.13 -3.90
N VAL A 49 0.81 7.81 -3.79
CA VAL A 49 0.68 6.94 -4.95
C VAL A 49 -0.34 5.84 -4.71
N ALA A 50 -0.97 5.37 -5.79
CA ALA A 50 -1.97 4.32 -5.68
C ALA A 50 -1.54 3.07 -6.46
N LYS A 51 -1.19 2.02 -5.72
CA LYS A 51 -0.76 0.78 -6.33
C LYS A 51 -1.29 -0.43 -5.56
N ASP A 52 -1.62 -1.49 -6.28
CA ASP A 52 -2.16 -2.70 -5.66
C ASP A 52 -3.39 -2.38 -4.82
N ASN A 53 -4.28 -1.57 -5.37
CA ASN A 53 -5.49 -1.19 -4.66
C ASN A 53 -5.19 -0.76 -3.23
N LYS A 54 -4.05 -0.11 -3.05
CA LYS A 54 -3.63 0.36 -1.72
C LYS A 54 -2.85 1.66 -1.83
N ILE A 55 -2.99 2.51 -0.81
CA ILE A 55 -2.29 3.78 -0.79
C ILE A 55 -0.83 3.61 -0.35
N LEU A 56 0.08 4.15 -1.15
CA LEU A 56 1.51 4.06 -0.85
C LEU A 56 2.23 5.35 -1.19
N CYS A 57 3.31 5.63 -0.48
CA CYS A 57 4.09 6.85 -0.71
C CYS A 57 5.30 6.54 -1.58
N ASN A 58 5.80 7.57 -2.27
CA ASN A 58 6.95 7.42 -3.14
C ASN A 58 8.06 6.63 -2.46
N LYS A 59 8.47 7.09 -1.28
CA LYS A 59 9.52 6.43 -0.52
C LYS A 59 9.34 4.91 -0.55
N CYS A 60 8.09 4.47 -0.53
CA CYS A 60 7.78 3.04 -0.56
C CYS A 60 7.75 2.53 -1.99
N THR A 61 6.74 2.93 -2.74
CA THR A 61 6.60 2.51 -4.14
C THR A 61 7.94 2.43 -4.83
N THR A 62 8.79 3.44 -4.59
CA THR A 62 10.11 3.48 -5.19
C THR A 62 10.85 2.16 -5.01
N ARG A 63 12.07 2.09 -5.52
CA ARG A 63 12.87 0.88 -5.42
C ARG A 63 12.86 0.33 -3.99
N GLU A 64 13.43 -0.85 -3.80
CA GLU A 64 13.49 -1.48 -2.49
C GLU A 64 12.09 -1.85 -2.01
N ASP A 65 11.31 -2.45 -2.90
CA ASP A 65 9.96 -2.87 -2.57
C ASP A 65 9.74 -4.35 -2.90
N SER A 66 10.04 -5.20 -1.94
CA SER A 66 9.88 -6.65 -2.12
C SER A 66 8.67 -6.95 -3.00
N PRO A 67 8.84 -7.93 -3.92
CA PRO A 67 7.77 -8.33 -4.83
C PRO A 67 6.64 -9.07 -4.12
N LYS A 68 5.63 -9.45 -4.88
CA LYS A 68 4.48 -10.15 -4.32
C LYS A 68 4.14 -11.40 -5.14
N CYS A 69 3.58 -12.40 -4.48
CA CYS A 69 3.21 -13.64 -5.17
C CYS A 69 1.73 -13.64 -5.53
N LYS A 70 1.34 -14.57 -6.40
CA LYS A 70 -0.04 -14.68 -6.83
C LYS A 70 -0.66 -16.01 -6.37
N GLY A 71 0.20 -16.99 -6.11
CA GLY A 71 -0.27 -18.28 -5.66
C GLY A 71 -0.77 -18.27 -4.23
N CYS A 72 -0.10 -17.49 -3.38
CA CYS A 72 -0.47 -17.38 -1.98
C CYS A 72 -0.68 -15.92 -1.59
N PHE A 73 -0.26 -15.01 -2.45
CA PHE A 73 -0.40 -13.58 -2.20
C PHE A 73 0.39 -13.17 -0.96
N LYS A 74 1.68 -13.50 -0.95
CA LYS A 74 2.55 -13.16 0.17
C LYS A 74 3.88 -12.61 -0.32
N ALA A 75 4.50 -11.75 0.49
CA ALA A 75 5.78 -11.15 0.14
C ALA A 75 6.84 -12.23 -0.13
N ILE A 76 7.48 -12.15 -1.29
CA ILE A 76 8.50 -13.11 -1.66
C ILE A 76 9.88 -12.66 -1.18
N VAL A 77 10.66 -13.60 -0.65
CA VAL A 77 12.00 -13.30 -0.16
C VAL A 77 13.02 -13.37 -1.28
N ALA A 78 14.01 -12.49 -1.23
CA ALA A 78 15.07 -12.46 -2.24
C ALA A 78 15.74 -13.83 -2.36
N GLY A 79 16.33 -14.30 -1.27
CA GLY A 79 17.01 -15.58 -1.28
C GLY A 79 16.04 -16.74 -1.18
N ASP A 80 15.02 -16.73 -2.03
CA ASP A 80 14.02 -17.79 -2.05
C ASP A 80 13.59 -18.12 -3.47
N GLN A 81 13.95 -19.32 -3.93
CA GLN A 81 13.61 -19.76 -5.28
C GLN A 81 12.24 -19.25 -5.68
N ASN A 82 12.18 -18.48 -6.76
CA ASN A 82 10.93 -17.93 -7.25
C ASN A 82 10.84 -18.05 -8.78
N VAL A 83 9.62 -17.99 -9.30
CA VAL A 83 9.40 -18.08 -10.74
C VAL A 83 8.70 -16.84 -11.27
N GLU A 84 9.44 -16.02 -12.01
CA GLU A 84 8.88 -14.79 -12.57
C GLU A 84 8.43 -15.02 -14.01
N TYR A 85 7.15 -14.77 -14.27
CA TYR A 85 6.59 -14.95 -15.60
C TYR A 85 5.59 -13.84 -15.93
N LYS A 86 5.75 -13.22 -17.09
CA LYS A 86 4.86 -12.15 -17.51
C LYS A 86 4.67 -11.12 -16.41
N GLY A 87 5.77 -10.78 -15.73
CA GLY A 87 5.71 -9.80 -14.66
C GLY A 87 5.41 -10.44 -13.32
N THR A 88 4.38 -11.28 -13.28
CA THR A 88 3.99 -11.95 -12.05
C THR A 88 4.92 -13.13 -11.74
N VAL A 89 5.47 -13.14 -10.53
CA VAL A 89 6.37 -14.21 -10.12
C VAL A 89 5.73 -15.09 -9.04
N TRP A 90 5.66 -16.39 -9.30
CA TRP A 90 5.07 -17.33 -8.35
C TRP A 90 6.17 -18.13 -7.64
N HIS A 91 5.96 -18.38 -6.35
CA HIS A 91 6.92 -19.14 -5.56
C HIS A 91 7.29 -20.45 -6.25
N LYS A 92 8.57 -20.77 -6.26
CA LYS A 92 9.06 -21.99 -6.89
C LYS A 92 8.06 -23.13 -6.70
N ASP A 93 7.35 -23.11 -5.58
CA ASP A 93 6.37 -24.13 -5.27
C ASP A 93 5.01 -23.79 -5.88
N CYS A 94 4.61 -22.53 -5.72
CA CYS A 94 3.33 -22.07 -6.25
C CYS A 94 3.23 -22.32 -7.75
N PHE A 95 4.31 -21.98 -8.46
CA PHE A 95 4.35 -22.17 -9.91
C PHE A 95 4.13 -23.64 -10.28
N SER A 96 3.56 -23.87 -11.46
CA SER A 96 3.28 -25.21 -11.92
C SER A 96 3.75 -25.40 -13.36
N GLY A 97 4.83 -26.15 -13.54
CA GLY A 97 5.36 -26.39 -14.87
C GLY A 97 4.27 -26.50 -15.92
N PRO A 98 3.46 -27.56 -15.81
CA PRO A 98 2.36 -27.81 -16.75
C PRO A 98 1.23 -26.79 -16.60
N SER A 99 1.01 -26.00 -17.64
CA SER A 99 -0.03 -24.99 -17.62
C SER A 99 -1.10 -25.28 -18.67
N SER A 100 -2.25 -24.64 -18.54
CA SER A 100 -3.35 -24.84 -19.48
C SER A 100 -4.29 -23.64 -19.48
N GLY A 101 -5.19 -23.60 -20.46
CA GLY A 101 -6.13 -22.50 -20.56
C GLY A 101 -7.53 -22.97 -20.91
ZN ZN B . -11.12 8.62 9.12
ZN ZN C . 5.15 4.74 2.64
ZN ZN D . 3.10 -18.10 -3.50
#